data_1WY3
# 
_entry.id   1WY3 
# 
_audit_conform.dict_name       mmcif_pdbx.dic 
_audit_conform.dict_version    5.399 
_audit_conform.dict_location   http://mmcif.pdb.org/dictionaries/ascii/mmcif_pdbx.dic 
# 
loop_
_database_2.database_id 
_database_2.database_code 
_database_2.pdbx_database_accession 
_database_2.pdbx_DOI 
PDB   1WY3         pdb_00001wy3 10.2210/pdb1wy3/pdb 
RCSB  RCSB024139   ?            ?                   
WWPDB D_1000024139 ?            ?                   
# 
loop_
_pdbx_audit_revision_history.ordinal 
_pdbx_audit_revision_history.data_content_type 
_pdbx_audit_revision_history.major_revision 
_pdbx_audit_revision_history.minor_revision 
_pdbx_audit_revision_history.revision_date 
1 'Structure model' 1 0 2005-05-03 
2 'Structure model' 1 1 2008-04-30 
3 'Structure model' 1 2 2011-07-13 
4 'Structure model' 1 3 2017-10-11 
5 'Structure model' 1 4 2021-10-20 
6 'Structure model' 1 5 2023-08-23 
7 'Structure model' 1 6 2023-11-15 
8 'Structure model' 1 7 2024-11-20 
# 
_pdbx_audit_revision_details.ordinal             1 
_pdbx_audit_revision_details.revision_ordinal    1 
_pdbx_audit_revision_details.data_content_type   'Structure model' 
_pdbx_audit_revision_details.provider            repository 
_pdbx_audit_revision_details.type                'Initial release' 
_pdbx_audit_revision_details.description         ? 
_pdbx_audit_revision_details.details             ? 
# 
loop_
_pdbx_audit_revision_group.ordinal 
_pdbx_audit_revision_group.revision_ordinal 
_pdbx_audit_revision_group.data_content_type 
_pdbx_audit_revision_group.group 
1 2 'Structure model' 'Version format compliance' 
2 3 'Structure model' 'Version format compliance' 
3 4 'Structure model' 'Refinement description'    
4 5 'Structure model' 'Database references'       
5 5 'Structure model' 'Derived calculations'      
6 6 'Structure model' 'Data collection'           
7 6 'Structure model' 'Refinement description'    
8 7 'Structure model' 'Data collection'           
9 8 'Structure model' 'Structure summary'         
# 
loop_
_pdbx_audit_revision_category.ordinal 
_pdbx_audit_revision_category.revision_ordinal 
_pdbx_audit_revision_category.data_content_type 
_pdbx_audit_revision_category.category 
1  4 'Structure model' software                      
2  5 'Structure model' database_2                    
3  5 'Structure model' struct_conn                   
4  5 'Structure model' struct_ref_seq_dif            
5  6 'Structure model' chem_comp_atom                
6  6 'Structure model' chem_comp_bond                
7  6 'Structure model' pdbx_initial_refinement_model 
8  7 'Structure model' chem_comp_atom                
9  7 'Structure model' chem_comp_bond                
10 8 'Structure model' pdbx_entry_details            
11 8 'Structure model' pdbx_modification_feature     
# 
loop_
_pdbx_audit_revision_item.ordinal 
_pdbx_audit_revision_item.revision_ordinal 
_pdbx_audit_revision_item.data_content_type 
_pdbx_audit_revision_item.item 
1 5 'Structure model' '_database_2.pdbx_DOI'                
2 5 'Structure model' '_database_2.pdbx_database_accession' 
3 5 'Structure model' '_struct_conn.pdbx_leaving_atom_flag' 
4 5 'Structure model' '_struct_ref_seq_dif.details'         
5 7 'Structure model' '_chem_comp_atom.atom_id'             
6 7 'Structure model' '_chem_comp_bond.atom_id_2'           
# 
_pdbx_database_status.status_code                     REL 
_pdbx_database_status.entry_id                        1WY3 
_pdbx_database_status.recvd_initial_deposition_date   2005-02-04 
_pdbx_database_status.deposit_site                    PDBJ 
_pdbx_database_status.process_site                    RCSB 
_pdbx_database_status.status_code_sf                  REL 
_pdbx_database_status.status_code_mr                  ? 
_pdbx_database_status.SG_entry                        ? 
_pdbx_database_status.pdb_format_compatible           Y 
_pdbx_database_status.status_code_cs                  ? 
_pdbx_database_status.methods_development_category    ? 
_pdbx_database_status.status_code_nmr_data            ? 
# 
loop_
_pdbx_database_related.db_name 
_pdbx_database_related.db_id 
_pdbx_database_related.details 
_pdbx_database_related.content_type 
PDB 1yrf . unspecified 
PDB 1yri . unspecified 
PDB 1WY4 . unspecified 
# 
loop_
_audit_author.name 
_audit_author.pdbx_ordinal 
'Chiu, T.K.'       1 
'Kubelka, J.'      2 
'Herbst-Irmer, R.' 3 
'Eaton, W.A.'      4 
'Hofrichter, J.'   5 
'Davies, D.R.'     6 
# 
_citation.id                        primary 
_citation.title                     
'High-resolution x-ray crystal structures of the villin headpiece subdomain, an ultrafast folding protein.' 
_citation.journal_abbrev            Proc.Natl.Acad.Sci.Usa 
_citation.journal_volume            102 
_citation.page_first                7517 
_citation.page_last                 7522 
_citation.year                      2005 
_citation.journal_id_ASTM           PNASA6 
_citation.country                   US 
_citation.journal_id_ISSN           0027-8424 
_citation.journal_id_CSD            0040 
_citation.book_publisher            ? 
_citation.pdbx_database_id_PubMed   15894611 
_citation.pdbx_database_id_DOI      10.1073/pnas.0502495102 
# 
loop_
_citation_author.citation_id 
_citation_author.name 
_citation_author.ordinal 
_citation_author.identifier_ORCID 
primary 'Chiu, T.K.'       1 ? 
primary 'Kubelka, J.'      2 ? 
primary 'Herbst-Irmer, R.' 3 ? 
primary 'Eaton, W.A.'      4 ? 
primary 'Hofrichter, J.'   5 ? 
primary 'Davies, D.R.'     6 ? 
# 
loop_
_entity.id 
_entity.type 
_entity.src_method 
_entity.pdbx_description 
_entity.formula_weight 
_entity.pdbx_number_of_molecules 
_entity.pdbx_ec 
_entity.pdbx_mutation 
_entity.pdbx_fragment 
_entity.details 
1 polymer syn Villin 4072.729 1  ? 'K65(NLE), N68H' VHP ? 
2 water   nat water  18.015   51 ? ?                ?   ? 
# 
_entity_poly.entity_id                      1 
_entity_poly.type                           'polypeptide(L)' 
_entity_poly.nstd_linkage                   no 
_entity_poly.nstd_monomer                   yes 
_entity_poly.pdbx_seq_one_letter_code       'LSDEDFKAVFGMTRSAFANLPLW(NLE)QQHLKKEKGLF' 
_entity_poly.pdbx_seq_one_letter_code_can   LSDEDFKAVFGMTRSAFANLPLWLQQHLKKEKGLF 
_entity_poly.pdbx_strand_id                 A 
_entity_poly.pdbx_target_identifier         ? 
# 
_pdbx_entity_nonpoly.entity_id   2 
_pdbx_entity_nonpoly.name        water 
_pdbx_entity_nonpoly.comp_id     HOH 
# 
loop_
_entity_poly_seq.entity_id 
_entity_poly_seq.num 
_entity_poly_seq.mon_id 
_entity_poly_seq.hetero 
1 1  LEU n 
1 2  SER n 
1 3  ASP n 
1 4  GLU n 
1 5  ASP n 
1 6  PHE n 
1 7  LYS n 
1 8  ALA n 
1 9  VAL n 
1 10 PHE n 
1 11 GLY n 
1 12 MET n 
1 13 THR n 
1 14 ARG n 
1 15 SER n 
1 16 ALA n 
1 17 PHE n 
1 18 ALA n 
1 19 ASN n 
1 20 LEU n 
1 21 PRO n 
1 22 LEU n 
1 23 TRP n 
1 24 NLE n 
1 25 GLN n 
1 26 GLN n 
1 27 HIS n 
1 28 LEU n 
1 29 LYS n 
1 30 LYS n 
1 31 GLU n 
1 32 LYS n 
1 33 GLY n 
1 34 LEU n 
1 35 PHE n 
# 
_pdbx_entity_src_syn.entity_id              1 
_pdbx_entity_src_syn.pdbx_src_id            1 
_pdbx_entity_src_syn.pdbx_alt_source_flag   sample 
_pdbx_entity_src_syn.pdbx_beg_seq_num       ? 
_pdbx_entity_src_syn.pdbx_end_seq_num       ? 
_pdbx_entity_src_syn.organism_scientific    ? 
_pdbx_entity_src_syn.organism_common_name   ? 
_pdbx_entity_src_syn.ncbi_taxonomy_id       ? 
_pdbx_entity_src_syn.details                
;synthetic peptide, sequence corresponds to Chicken Villin residues 792-826, residue 65 is norleucine (lysine without terminal NH3 group)
;
# 
loop_
_chem_comp.id 
_chem_comp.type 
_chem_comp.mon_nstd_flag 
_chem_comp.name 
_chem_comp.pdbx_synonyms 
_chem_comp.formula 
_chem_comp.formula_weight 
ALA 'L-peptide linking' y ALANINE         ? 'C3 H7 N O2'     89.093  
ARG 'L-peptide linking' y ARGININE        ? 'C6 H15 N4 O2 1' 175.209 
ASN 'L-peptide linking' y ASPARAGINE      ? 'C4 H8 N2 O3'    132.118 
ASP 'L-peptide linking' y 'ASPARTIC ACID' ? 'C4 H7 N O4'     133.103 
GLN 'L-peptide linking' y GLUTAMINE       ? 'C5 H10 N2 O3'   146.144 
GLU 'L-peptide linking' y 'GLUTAMIC ACID' ? 'C5 H9 N O4'     147.129 
GLY 'peptide linking'   y GLYCINE         ? 'C2 H5 N O2'     75.067  
HIS 'L-peptide linking' y HISTIDINE       ? 'C6 H10 N3 O2 1' 156.162 
HOH non-polymer         . WATER           ? 'H2 O'           18.015  
LEU 'L-peptide linking' y LEUCINE         ? 'C6 H13 N O2'    131.173 
LYS 'L-peptide linking' y LYSINE          ? 'C6 H15 N2 O2 1' 147.195 
MET 'L-peptide linking' y METHIONINE      ? 'C5 H11 N O2 S'  149.211 
NLE 'L-peptide linking' n NORLEUCINE      ? 'C6 H13 N O2'    131.173 
PHE 'L-peptide linking' y PHENYLALANINE   ? 'C9 H11 N O2'    165.189 
PRO 'L-peptide linking' y PROLINE         ? 'C5 H9 N O2'     115.130 
SER 'L-peptide linking' y SERINE          ? 'C3 H7 N O3'     105.093 
THR 'L-peptide linking' y THREONINE       ? 'C4 H9 N O3'     119.119 
TRP 'L-peptide linking' y TRYPTOPHAN      ? 'C11 H12 N2 O2'  204.225 
VAL 'L-peptide linking' y VALINE          ? 'C5 H11 N O2'    117.146 
# 
loop_
_pdbx_poly_seq_scheme.asym_id 
_pdbx_poly_seq_scheme.entity_id 
_pdbx_poly_seq_scheme.seq_id 
_pdbx_poly_seq_scheme.mon_id 
_pdbx_poly_seq_scheme.ndb_seq_num 
_pdbx_poly_seq_scheme.pdb_seq_num 
_pdbx_poly_seq_scheme.auth_seq_num 
_pdbx_poly_seq_scheme.pdb_mon_id 
_pdbx_poly_seq_scheme.auth_mon_id 
_pdbx_poly_seq_scheme.pdb_strand_id 
_pdbx_poly_seq_scheme.pdb_ins_code 
_pdbx_poly_seq_scheme.hetero 
A 1 1  LEU 1  42 42 LEU LEU A . n 
A 1 2  SER 2  43 43 SER SER A . n 
A 1 3  ASP 3  44 44 ASP ASP A . n 
A 1 4  GLU 4  45 45 GLU GLU A . n 
A 1 5  ASP 5  46 46 ASP ASP A . n 
A 1 6  PHE 6  47 47 PHE PHE A . n 
A 1 7  LYS 7  48 48 LYS LYS A . n 
A 1 8  ALA 8  49 49 ALA ALA A . n 
A 1 9  VAL 9  50 50 VAL VAL A . n 
A 1 10 PHE 10 51 51 PHE PHE A . n 
A 1 11 GLY 11 52 52 GLY GLY A . n 
A 1 12 MET 12 53 53 MET MET A . n 
A 1 13 THR 13 54 54 THR THR A . n 
A 1 14 ARG 14 55 55 ARG ARG A . n 
A 1 15 SER 15 56 56 SER SER A . n 
A 1 16 ALA 16 57 57 ALA ALA A . n 
A 1 17 PHE 17 58 58 PHE PHE A . n 
A 1 18 ALA 18 59 59 ALA ALA A . n 
A 1 19 ASN 19 60 60 ASN ASN A . n 
A 1 20 LEU 20 61 61 LEU LEU A . n 
A 1 21 PRO 21 62 62 PRO PRO A . n 
A 1 22 LEU 22 63 63 LEU LEU A . n 
A 1 23 TRP 23 64 64 TRP TRP A . n 
A 1 24 NLE 24 65 65 NLE NLE A . n 
A 1 25 GLN 25 66 66 GLN GLN A . n 
A 1 26 GLN 26 67 67 GLN GLN A . n 
A 1 27 HIS 27 68 68 HIS HIS A . n 
A 1 28 LEU 28 69 69 LEU LEU A . n 
A 1 29 LYS 29 70 70 LYS LYS A . n 
A 1 30 LYS 30 71 71 LYS LYS A . n 
A 1 31 GLU 31 72 72 GLU GLU A . n 
A 1 32 LYS 32 73 73 LYS LYS A . n 
A 1 33 GLY 33 74 74 GLY GLY A . n 
A 1 34 LEU 34 75 75 LEU LEU A . n 
A 1 35 PHE 35 76 76 PHE PHE A . n 
# 
loop_
_pdbx_nonpoly_scheme.asym_id 
_pdbx_nonpoly_scheme.entity_id 
_pdbx_nonpoly_scheme.mon_id 
_pdbx_nonpoly_scheme.ndb_seq_num 
_pdbx_nonpoly_scheme.pdb_seq_num 
_pdbx_nonpoly_scheme.auth_seq_num 
_pdbx_nonpoly_scheme.pdb_mon_id 
_pdbx_nonpoly_scheme.auth_mon_id 
_pdbx_nonpoly_scheme.pdb_strand_id 
_pdbx_nonpoly_scheme.pdb_ins_code 
B 2 HOH 1  1001 1001 HOH HOH A . 
B 2 HOH 2  1002 1002 HOH HOH A . 
B 2 HOH 3  1003 1003 HOH HOH A . 
B 2 HOH 4  1004 1004 HOH HOH A . 
B 2 HOH 5  1005 1005 HOH HOH A . 
B 2 HOH 6  1006 1006 HOH HOH A . 
B 2 HOH 7  1007 1007 HOH HOH A . 
B 2 HOH 8  1008 1008 HOH HOH A . 
B 2 HOH 9  1009 1009 HOH HOH A . 
B 2 HOH 10 1010 1010 HOH HOH A . 
B 2 HOH 11 1011 1011 HOH HOH A . 
B 2 HOH 12 1012 1012 HOH HOH A . 
B 2 HOH 13 1013 1013 HOH HOH A . 
B 2 HOH 14 1014 1014 HOH HOH A . 
B 2 HOH 15 1015 1015 HOH HOH A . 
B 2 HOH 16 1016 1016 HOH HOH A . 
B 2 HOH 17 1017 1017 HOH HOH A . 
B 2 HOH 18 1018 1018 HOH HOH A . 
B 2 HOH 19 1019 1019 HOH HOH A . 
B 2 HOH 20 1020 1020 HOH HOH A . 
B 2 HOH 21 1021 1021 HOH HOH A . 
B 2 HOH 22 1022 1022 HOH HOH A . 
B 2 HOH 23 1023 1023 HOH HOH A . 
B 2 HOH 24 1024 1024 HOH HOH A . 
B 2 HOH 25 1025 1025 HOH HOH A . 
B 2 HOH 26 1026 1026 HOH HOH A . 
B 2 HOH 27 1027 1027 HOH HOH A . 
B 2 HOH 28 1028 1028 HOH HOH A . 
B 2 HOH 29 1029 1029 HOH HOH A . 
B 2 HOH 30 1030 1030 HOH HOH A . 
B 2 HOH 31 1031 1031 HOH HOH A . 
B 2 HOH 32 1032 1032 HOH HOH A . 
B 2 HOH 33 1033 1033 HOH HOH A . 
B 2 HOH 34 1034 1034 HOH HOH A . 
B 2 HOH 35 1035 1035 HOH HOH A . 
B 2 HOH 36 1036 1036 HOH HOH A . 
B 2 HOH 37 1037 1037 HOH HOH A . 
B 2 HOH 38 1038 1038 HOH HOH A . 
B 2 HOH 39 1039 1039 HOH HOH A . 
B 2 HOH 40 1040 1040 HOH HOH A . 
B 2 HOH 41 1041 1041 HOH HOH A . 
B 2 HOH 42 1042 1042 HOH HOH A . 
B 2 HOH 43 1043 1043 HOH HOH A . 
B 2 HOH 44 1044 1044 HOH HOH A . 
B 2 HOH 45 1045 1045 HOH HOH A . 
B 2 HOH 46 1046 1046 HOH HOH A . 
B 2 HOH 47 1047 1047 HOH HOH A . 
B 2 HOH 48 1048 1048 HOH HOH A . 
B 2 HOH 49 1049 1049 HOH HOH A . 
B 2 HOH 50 1050 1050 HOH HOH A . 
B 2 HOH 51 1051 1051 HOH HOH A . 
# 
loop_
_software.name 
_software.classification 
_software.version 
_software.citation_id 
_software.pdbx_ordinal 
MAR345    'data collection' . ? 1 
HKL-2000  'data reduction'  . ? 2 
EPMR      phasing           . ? 3 
SHELXL-97 refinement        . ? 4 
HKL-2000  'data scaling'    . ? 5 
# 
_cell.entry_id           1WY3 
_cell.length_a           19.689 
_cell.length_b           40.022 
_cell.length_c           75.148 
_cell.angle_alpha        90.00 
_cell.angle_beta         90.00 
_cell.angle_gamma        90.00 
_cell.Z_PDB              8 
_cell.pdbx_unique_axis   ? 
# 
_symmetry.entry_id                         1WY3 
_symmetry.space_group_name_H-M             'C 2 2 21' 
_symmetry.pdbx_full_space_group_name_H-M   ? 
_symmetry.Int_Tables_number                20 
_symmetry.cell_setting                     ? 
_symmetry.space_group_name_Hall            ? 
# 
_exptl.entry_id          1WY3 
_exptl.method            'X-RAY DIFFRACTION' 
_exptl.crystals_number   1 
# 
_exptl_crystal.id                    1 
_exptl_crystal.density_meas          ? 
_exptl_crystal.density_Matthews      1.8 
_exptl_crystal.density_percent_sol   31.8 
_exptl_crystal.description           ? 
_exptl_crystal.F_000                 ? 
_exptl_crystal.preparation           ? 
# 
_exptl_crystal_grow.crystal_id      1 
_exptl_crystal_grow.method          ? 
_exptl_crystal_grow.temp            293 
_exptl_crystal_grow.temp_details    ? 
_exptl_crystal_grow.pH              7.00 
_exptl_crystal_grow.pdbx_details    
'1ul 50mg/ml peptide plus 1ul (200mM KFormate, 20% PEG3350), pH 7.0, VAPOR DIFFUSION, SITTING DROP, temperature 293K, pH 7.00' 
_exptl_crystal_grow.pdbx_pH_range   . 
# 
_diffrn.id                     1 
_diffrn.ambient_temp           95.0 
_diffrn.ambient_temp_details   ? 
_diffrn.crystal_id             1 
# 
_diffrn_detector.diffrn_id              1 
_diffrn_detector.detector               CCD 
_diffrn_detector.type                   MARRESEARCH 
_diffrn_detector.pdbx_collection_date   2004-10-24 
_diffrn_detector.details                ? 
# 
_diffrn_radiation.diffrn_id                        1 
_diffrn_radiation.wavelength_id                    1 
_diffrn_radiation.pdbx_monochromatic_or_laue_m_l   M 
_diffrn_radiation.monochromator                    ? 
_diffrn_radiation.pdbx_diffrn_protocol             'SINGLE WAVELENGTH' 
_diffrn_radiation.pdbx_scattering_type             x-ray 
# 
_diffrn_radiation_wavelength.id           1 
_diffrn_radiation_wavelength.wavelength   0.90 
_diffrn_radiation_wavelength.wt           1.0 
# 
_diffrn_source.diffrn_id                   1 
_diffrn_source.source                      SYNCHROTRON 
_diffrn_source.type                        'APS BEAMLINE 22-ID' 
_diffrn_source.pdbx_synchrotron_site       APS 
_diffrn_source.pdbx_synchrotron_beamline   22-ID 
_diffrn_source.pdbx_wavelength             0.90 
_diffrn_source.pdbx_wavelength_list        ? 
# 
_reflns.entry_id                     1WY3 
_reflns.observed_criterion_sigma_I   -3.000 
_reflns.observed_criterion_sigma_F   ? 
_reflns.d_resolution_low             30.000 
_reflns.d_resolution_high            0.950 
_reflns.number_obs                   17326 
_reflns.number_all                   ? 
_reflns.percent_possible_obs         90.1 
_reflns.pdbx_Rmerge_I_obs            ? 
_reflns.pdbx_Rsym_value              0.064 
_reflns.pdbx_netI_over_sigmaI        20.5000 
_reflns.B_iso_Wilson_estimate        ? 
_reflns.pdbx_redundancy              16.300 
_reflns.R_free_details               ? 
_reflns.limit_h_max                  ? 
_reflns.limit_h_min                  ? 
_reflns.limit_k_max                  ? 
_reflns.limit_k_min                  ? 
_reflns.limit_l_max                  ? 
_reflns.limit_l_min                  ? 
_reflns.observed_criterion_F_max     ? 
_reflns.observed_criterion_F_min     ? 
_reflns.pdbx_chi_squared             ? 
_reflns.pdbx_scaling_rejects         ? 
_reflns.pdbx_diffrn_id               1 
_reflns.pdbx_ordinal                 1 
# 
_reflns_shell.d_res_high             0.95 
_reflns_shell.d_res_low              0.98 
_reflns_shell.percent_possible_all   57.6 
_reflns_shell.Rmerge_I_obs           ? 
_reflns_shell.pdbx_Rsym_value        0.213 
_reflns_shell.meanI_over_sigI_obs    5.300 
_reflns_shell.pdbx_redundancy        ? 
_reflns_shell.percent_possible_obs   ? 
_reflns_shell.number_unique_all      ? 
_reflns_shell.number_measured_all    ? 
_reflns_shell.number_measured_obs    ? 
_reflns_shell.number_unique_obs      ? 
_reflns_shell.pdbx_chi_squared       ? 
_reflns_shell.pdbx_diffrn_id         ? 
_reflns_shell.pdbx_ordinal           1 
# 
_refine.entry_id                                 1WY3 
_refine.ls_number_reflns_obs                     ? 
_refine.ls_number_reflns_all                     17315 
_refine.pdbx_ls_sigma_I                          ? 
_refine.pdbx_ls_sigma_F                          ? 
_refine.pdbx_data_cutoff_high_absF               ? 
_refine.pdbx_data_cutoff_low_absF                ? 
_refine.pdbx_data_cutoff_high_rms_absF           ? 
_refine.ls_d_res_low                             30.00 
_refine.ls_d_res_high                            0.95 
_refine.ls_percent_reflns_obs                    ? 
_refine.ls_R_factor_obs                          0.145 
_refine.ls_R_factor_all                          ? 
_refine.ls_R_factor_R_work                       ? 
_refine.ls_R_factor_R_free                       0.171 
_refine.ls_R_factor_R_free_error                 ? 
_refine.ls_R_factor_R_free_error_details         ? 
_refine.ls_percent_reflns_R_free                 ? 
_refine.ls_number_reflns_R_free                  666 
_refine.ls_number_parameters                     ? 
_refine.ls_number_restraints                     ? 
_refine.occupancy_min                            ? 
_refine.occupancy_max                            ? 
_refine.correlation_coeff_Fo_to_Fc               ? 
_refine.correlation_coeff_Fo_to_Fc_free          ? 
_refine.B_iso_mean                               14.8 
_refine.aniso_B[1][1]                            ? 
_refine.aniso_B[2][2]                            ? 
_refine.aniso_B[3][3]                            ? 
_refine.aniso_B[1][2]                            ? 
_refine.aniso_B[1][3]                            ? 
_refine.aniso_B[2][3]                            ? 
_refine.solvent_model_details                    ? 
_refine.solvent_model_param_ksol                 ? 
_refine.solvent_model_param_bsol                 ? 
_refine.pdbx_solvent_vdw_probe_radii             ? 
_refine.pdbx_solvent_ion_probe_radii             ? 
_refine.pdbx_solvent_shrinkage_radii             ? 
_refine.pdbx_ls_cross_valid_method               THROUGHOUT 
_refine.details                                  
;ANISOTROPIC B-VALUE FOR ALL ATOMS RIDING HYDROGENS; RESIDUE 65 IS NORLEUCINE (LYSINE WITHOUT TERMINAL NH3 GROUP) SHELX: DEFS 0.02 0.02 0.01, SIMU 0.05, ISOR 0.05, WGHT 0.25, SWAT.
;
_refine.pdbx_starting_model                      1YRF 
_refine.pdbx_method_to_determine_struct          'MOLECULAR REPLACEMENT' 
_refine.pdbx_isotropic_thermal_model             ? 
_refine.pdbx_stereochemistry_target_values       'Engh & Huber' 
_refine.pdbx_stereochem_target_val_spec_case     ? 
_refine.pdbx_R_Free_selection_details            RANDOM 
_refine.pdbx_overall_ESU_R                       ? 
_refine.pdbx_overall_ESU_R_Free                  ? 
_refine.overall_SU_ML                            ? 
_refine.overall_SU_B                             ? 
_refine.ls_redundancy_reflns_obs                 ? 
_refine.B_iso_min                                ? 
_refine.B_iso_max                                ? 
_refine.overall_SU_R_Cruickshank_DPI             ? 
_refine.overall_SU_R_free                        ? 
_refine.ls_wR_factor_R_free                      ? 
_refine.ls_wR_factor_R_work                      ? 
_refine.overall_FOM_free_R_set                   ? 
_refine.overall_FOM_work_R_set                   ? 
_refine.pdbx_refine_id                           'X-RAY DIFFRACTION' 
_refine.pdbx_diffrn_id                           1 
_refine.pdbx_TLS_residual_ADP_flag               ? 
_refine.pdbx_overall_phase_error                 ? 
_refine.pdbx_overall_SU_R_free_Cruickshank_DPI   ? 
_refine.pdbx_overall_SU_R_Blow_DPI               ? 
_refine.pdbx_overall_SU_R_free_Blow_DPI          ? 
# 
_refine_hist.pdbx_refine_id                   'X-RAY DIFFRACTION' 
_refine_hist.cycle_id                         LAST 
_refine_hist.pdbx_number_atoms_protein        605 
_refine_hist.pdbx_number_atoms_nucleic_acid   0 
_refine_hist.pdbx_number_atoms_ligand         0 
_refine_hist.number_atoms_solvent             51 
_refine_hist.number_atoms_total               656 
_refine_hist.d_res_high                       0.95 
_refine_hist.d_res_low                        30.00 
# 
loop_
_refine_ls_restr.type 
_refine_ls_restr.dev_ideal 
_refine_ls_restr.dev_ideal_target 
_refine_ls_restr.weight 
_refine_ls_restr.number 
_refine_ls_restr.pdbx_refine_id 
_refine_ls_restr.pdbx_restraint_function 
s_bond_d               0.02 ? ? ? 'X-RAY DIFFRACTION' ? 
s_angle_d              0.02 ? ? ? 'X-RAY DIFFRACTION' ? 
s_similar_dist         0.02 ? ? ? 'X-RAY DIFFRACTION' ? 
s_from_restr_planes    0.02 ? ? ? 'X-RAY DIFFRACTION' ? 
s_zero_chiral_vol      0.02 ? ? ? 'X-RAY DIFFRACTION' ? 
s_non_zero_chiral_vol  ?    ? ? ? 'X-RAY DIFFRACTION' ? 
s_anti_bump_dis_restr  0.02 ? ? ? 'X-RAY DIFFRACTION' ? 
s_rigid_bond_adp_cmpnt ?    ? ? ? 'X-RAY DIFFRACTION' ? 
s_similar_adp_cmpnt    ?    ? ? ? 'X-RAY DIFFRACTION' ? 
s_approx_iso_adps      ?    ? ? ? 'X-RAY DIFFRACTION' ? 
# 
_pdbx_refine.entry_id                                    1WY3 
_pdbx_refine.R_factor_all_no_cutoff                      ? 
_pdbx_refine.R_factor_obs_no_cutoff                      0.145 
_pdbx_refine.free_R_factor_no_cutoff                     0.171 
_pdbx_refine.free_R_val_test_set_size_perc_no_cutoff     ? 
_pdbx_refine.free_R_val_test_set_ct_no_cutoff            666 
_pdbx_refine.R_factor_all_4sig_cutoff                    ? 
_pdbx_refine.R_factor_obs_4sig_cutoff                    0.14 
_pdbx_refine.free_R_factor_4sig_cutoff                   0.167 
_pdbx_refine.free_R_val_test_set_size_perc_4sig_cutoff   ? 
_pdbx_refine.free_R_val_test_set_ct_4sig_cutoff          592 
_pdbx_refine.number_reflns_obs_4sig_cutoff               14983 
_pdbx_refine.number_reflns_obs_no_cutoff                 ? 
_pdbx_refine.pdbx_refine_id                              'X-RAY DIFFRACTION' 
_pdbx_refine.free_R_error_no_cutoff                      ? 
# 
_struct.entry_id                  1WY3 
_struct.title                     'Chicken villin subdomain HP-35, K65(NLE), N68H, pH7.0' 
_struct.pdbx_model_details        ? 
_struct.pdbx_CASP_flag            ? 
_struct.pdbx_model_type_details   ? 
# 
_struct_keywords.entry_id        1WY3 
_struct_keywords.pdbx_keywords   'STRUCTURAL PROTEIN' 
_struct_keywords.text            'villin headgroup subdomain, STRUCTURAL PROTEIN' 
# 
loop_
_struct_asym.id 
_struct_asym.pdbx_blank_PDB_chainid_flag 
_struct_asym.pdbx_modified 
_struct_asym.entity_id 
_struct_asym.details 
A N N 1 ? 
B N N 2 ? 
# 
_struct_ref.id                         1 
_struct_ref.db_name                    UNP 
_struct_ref.db_code                    VILI_CHICK 
_struct_ref.pdbx_db_accession          P02640 
_struct_ref.entity_id                  1 
_struct_ref.pdbx_seq_one_letter_code   LSDEDFKAVFGMTRSAFANLPLWKQQNLKKEKGLF 
_struct_ref.pdbx_align_begin           792 
_struct_ref.pdbx_db_isoform            ? 
# 
_struct_ref_seq.align_id                      1 
_struct_ref_seq.ref_id                        1 
_struct_ref_seq.pdbx_PDB_id_code              1WY3 
_struct_ref_seq.pdbx_strand_id                A 
_struct_ref_seq.seq_align_beg                 1 
_struct_ref_seq.pdbx_seq_align_beg_ins_code   ? 
_struct_ref_seq.seq_align_end                 35 
_struct_ref_seq.pdbx_seq_align_end_ins_code   ? 
_struct_ref_seq.pdbx_db_accession             P02640 
_struct_ref_seq.db_align_beg                  792 
_struct_ref_seq.pdbx_db_align_beg_ins_code    ? 
_struct_ref_seq.db_align_end                  826 
_struct_ref_seq.pdbx_db_align_end_ins_code    ? 
_struct_ref_seq.pdbx_auth_seq_align_beg       42 
_struct_ref_seq.pdbx_auth_seq_align_end       76 
# 
loop_
_struct_ref_seq_dif.align_id 
_struct_ref_seq_dif.pdbx_pdb_id_code 
_struct_ref_seq_dif.mon_id 
_struct_ref_seq_dif.pdbx_pdb_strand_id 
_struct_ref_seq_dif.seq_num 
_struct_ref_seq_dif.pdbx_pdb_ins_code 
_struct_ref_seq_dif.pdbx_seq_db_name 
_struct_ref_seq_dif.pdbx_seq_db_accession_code 
_struct_ref_seq_dif.db_mon_id 
_struct_ref_seq_dif.pdbx_seq_db_seq_num 
_struct_ref_seq_dif.details 
_struct_ref_seq_dif.pdbx_auth_seq_num 
_struct_ref_seq_dif.pdbx_ordinal 
1 1WY3 NLE A 24 ? UNP P02640 LYS 815 'engineered mutation' 65 1 
1 1WY3 HIS A 27 ? UNP P02640 ASN 818 'engineered mutation' 68 2 
# 
_pdbx_struct_assembly.id                   1 
_pdbx_struct_assembly.details              author_defined_assembly 
_pdbx_struct_assembly.method_details       ? 
_pdbx_struct_assembly.oligomeric_details   monomeric 
_pdbx_struct_assembly.oligomeric_count     1 
# 
_pdbx_struct_assembly_gen.assembly_id       1 
_pdbx_struct_assembly_gen.oper_expression   1 
_pdbx_struct_assembly_gen.asym_id_list      A,B 
# 
_pdbx_struct_oper_list.id                   1 
_pdbx_struct_oper_list.type                 'identity operation' 
_pdbx_struct_oper_list.name                 1_555 
_pdbx_struct_oper_list.symmetry_operation   x,y,z 
_pdbx_struct_oper_list.matrix[1][1]         1.0000000000 
_pdbx_struct_oper_list.matrix[1][2]         0.0000000000 
_pdbx_struct_oper_list.matrix[1][3]         0.0000000000 
_pdbx_struct_oper_list.vector[1]            0.0000000000 
_pdbx_struct_oper_list.matrix[2][1]         0.0000000000 
_pdbx_struct_oper_list.matrix[2][2]         1.0000000000 
_pdbx_struct_oper_list.matrix[2][3]         0.0000000000 
_pdbx_struct_oper_list.vector[2]            0.0000000000 
_pdbx_struct_oper_list.matrix[3][1]         0.0000000000 
_pdbx_struct_oper_list.matrix[3][2]         0.0000000000 
_pdbx_struct_oper_list.matrix[3][3]         1.0000000000 
_pdbx_struct_oper_list.vector[3]            0.0000000000 
# 
_struct_biol.id                    1 
_struct_biol.pdbx_parent_biol_id   ? 
_struct_biol.details               ? 
# 
loop_
_struct_conf.conf_type_id 
_struct_conf.id 
_struct_conf.pdbx_PDB_helix_id 
_struct_conf.beg_label_comp_id 
_struct_conf.beg_label_asym_id 
_struct_conf.beg_label_seq_id 
_struct_conf.pdbx_beg_PDB_ins_code 
_struct_conf.end_label_comp_id 
_struct_conf.end_label_asym_id 
_struct_conf.end_label_seq_id 
_struct_conf.pdbx_end_PDB_ins_code 
_struct_conf.beg_auth_comp_id 
_struct_conf.beg_auth_asym_id 
_struct_conf.beg_auth_seq_id 
_struct_conf.end_auth_comp_id 
_struct_conf.end_auth_asym_id 
_struct_conf.end_auth_seq_id 
_struct_conf.pdbx_PDB_helix_class 
_struct_conf.details 
_struct_conf.pdbx_PDB_helix_length 
HELX_P HELX_P1 1 SER A 2  ? GLY A 11 ? SER A 43 GLY A 52 1 ? 10 
HELX_P HELX_P2 2 THR A 13 ? LEU A 20 ? THR A 54 LEU A 61 1 ? 8  
HELX_P HELX_P3 3 PRO A 21 ? GLY A 33 ? PRO A 62 GLY A 74 1 ? 13 
# 
_struct_conf_type.id          HELX_P 
_struct_conf_type.criteria    ? 
_struct_conf_type.reference   ? 
# 
loop_
_struct_conn.id 
_struct_conn.conn_type_id 
_struct_conn.pdbx_leaving_atom_flag 
_struct_conn.pdbx_PDB_id 
_struct_conn.ptnr1_label_asym_id 
_struct_conn.ptnr1_label_comp_id 
_struct_conn.ptnr1_label_seq_id 
_struct_conn.ptnr1_label_atom_id 
_struct_conn.pdbx_ptnr1_label_alt_id 
_struct_conn.pdbx_ptnr1_PDB_ins_code 
_struct_conn.pdbx_ptnr1_standard_comp_id 
_struct_conn.ptnr1_symmetry 
_struct_conn.ptnr2_label_asym_id 
_struct_conn.ptnr2_label_comp_id 
_struct_conn.ptnr2_label_seq_id 
_struct_conn.ptnr2_label_atom_id 
_struct_conn.pdbx_ptnr2_label_alt_id 
_struct_conn.pdbx_ptnr2_PDB_ins_code 
_struct_conn.ptnr1_auth_asym_id 
_struct_conn.ptnr1_auth_comp_id 
_struct_conn.ptnr1_auth_seq_id 
_struct_conn.ptnr2_auth_asym_id 
_struct_conn.ptnr2_auth_comp_id 
_struct_conn.ptnr2_auth_seq_id 
_struct_conn.ptnr2_symmetry 
_struct_conn.pdbx_ptnr3_label_atom_id 
_struct_conn.pdbx_ptnr3_label_seq_id 
_struct_conn.pdbx_ptnr3_label_comp_id 
_struct_conn.pdbx_ptnr3_label_asym_id 
_struct_conn.pdbx_ptnr3_label_alt_id 
_struct_conn.pdbx_ptnr3_PDB_ins_code 
_struct_conn.details 
_struct_conn.pdbx_dist_value 
_struct_conn.pdbx_value_order 
_struct_conn.pdbx_role 
covale1 covale both ? A TRP 23 C ? ? ? 1_555 A NLE 24 N ? ? A TRP 64 A NLE 65 1_555 ? ? ? ? ? ? ? 1.328 ? ? 
covale2 covale both ? A NLE 24 C ? ? ? 1_555 A GLN 25 N ? ? A NLE 65 A GLN 66 1_555 ? ? ? ? ? ? ? 1.335 ? ? 
# 
_struct_conn_type.id          covale 
_struct_conn_type.criteria    ? 
_struct_conn_type.reference   ? 
# 
_pdbx_modification_feature.ordinal                            1 
_pdbx_modification_feature.label_comp_id                      NLE 
_pdbx_modification_feature.label_asym_id                      A 
_pdbx_modification_feature.label_seq_id                       24 
_pdbx_modification_feature.label_alt_id                       ? 
_pdbx_modification_feature.modified_residue_label_comp_id     . 
_pdbx_modification_feature.modified_residue_label_asym_id     . 
_pdbx_modification_feature.modified_residue_label_seq_id      . 
_pdbx_modification_feature.modified_residue_label_alt_id      . 
_pdbx_modification_feature.auth_comp_id                       NLE 
_pdbx_modification_feature.auth_asym_id                       A 
_pdbx_modification_feature.auth_seq_id                        65 
_pdbx_modification_feature.PDB_ins_code                       ? 
_pdbx_modification_feature.symmetry                           1_555 
_pdbx_modification_feature.modified_residue_auth_comp_id      . 
_pdbx_modification_feature.modified_residue_auth_asym_id      . 
_pdbx_modification_feature.modified_residue_auth_seq_id       . 
_pdbx_modification_feature.modified_residue_PDB_ins_code      . 
_pdbx_modification_feature.modified_residue_symmetry          . 
_pdbx_modification_feature.comp_id_linking_atom               . 
_pdbx_modification_feature.modified_residue_id_linking_atom   . 
_pdbx_modification_feature.modified_residue_id                LEU 
_pdbx_modification_feature.ref_pcm_id                         1 
_pdbx_modification_feature.ref_comp_id                        NLE 
_pdbx_modification_feature.type                               Norleucine 
_pdbx_modification_feature.category                           'Named protein modification' 
# 
_pdbx_entry_details.entry_id                   1WY3 
_pdbx_entry_details.compound_details           ? 
_pdbx_entry_details.source_details             ? 
_pdbx_entry_details.nonpolymer_details         ? 
_pdbx_entry_details.sequence_details           ? 
_pdbx_entry_details.has_ligand_of_interest     ? 
_pdbx_entry_details.has_protein_modification   Y 
# 
loop_
_pdbx_validate_rmsd_angle.id 
_pdbx_validate_rmsd_angle.PDB_model_num 
_pdbx_validate_rmsd_angle.auth_atom_id_1 
_pdbx_validate_rmsd_angle.auth_asym_id_1 
_pdbx_validate_rmsd_angle.auth_comp_id_1 
_pdbx_validate_rmsd_angle.auth_seq_id_1 
_pdbx_validate_rmsd_angle.PDB_ins_code_1 
_pdbx_validate_rmsd_angle.label_alt_id_1 
_pdbx_validate_rmsd_angle.auth_atom_id_2 
_pdbx_validate_rmsd_angle.auth_asym_id_2 
_pdbx_validate_rmsd_angle.auth_comp_id_2 
_pdbx_validate_rmsd_angle.auth_seq_id_2 
_pdbx_validate_rmsd_angle.PDB_ins_code_2 
_pdbx_validate_rmsd_angle.label_alt_id_2 
_pdbx_validate_rmsd_angle.auth_atom_id_3 
_pdbx_validate_rmsd_angle.auth_asym_id_3 
_pdbx_validate_rmsd_angle.auth_comp_id_3 
_pdbx_validate_rmsd_angle.auth_seq_id_3 
_pdbx_validate_rmsd_angle.PDB_ins_code_3 
_pdbx_validate_rmsd_angle.label_alt_id_3 
_pdbx_validate_rmsd_angle.angle_value 
_pdbx_validate_rmsd_angle.angle_target_value 
_pdbx_validate_rmsd_angle.angle_deviation 
_pdbx_validate_rmsd_angle.angle_standard_deviation 
_pdbx_validate_rmsd_angle.linker_flag 
1 1 CD  A ARG 55 ? B NE  A ARG 55 ? B CZ  A ARG 55 ? B 132.26 123.60 8.66  1.40 N 
2 1 NE  A ARG 55 ? B CZ  A ARG 55 ? B NH1 A ARG 55 ? B 116.19 120.30 -4.11 0.50 N 
3 1 CD1 A TRP 64 ? ? NE1 A TRP 64 ? ? CE2 A TRP 64 ? ? 114.81 109.00 5.81  0.90 N 
# 
_pdbx_struct_mod_residue.id               1 
_pdbx_struct_mod_residue.label_asym_id    A 
_pdbx_struct_mod_residue.label_comp_id    NLE 
_pdbx_struct_mod_residue.label_seq_id     24 
_pdbx_struct_mod_residue.auth_asym_id     A 
_pdbx_struct_mod_residue.auth_comp_id     NLE 
_pdbx_struct_mod_residue.auth_seq_id      65 
_pdbx_struct_mod_residue.PDB_ins_code     ? 
_pdbx_struct_mod_residue.parent_comp_id   LEU 
_pdbx_struct_mod_residue.details          NORLEUCINE 
# 
_pdbx_struct_special_symmetry.id              1 
_pdbx_struct_special_symmetry.PDB_model_num   1 
_pdbx_struct_special_symmetry.auth_asym_id    A 
_pdbx_struct_special_symmetry.auth_comp_id    HOH 
_pdbx_struct_special_symmetry.auth_seq_id     1037 
_pdbx_struct_special_symmetry.PDB_ins_code    ? 
_pdbx_struct_special_symmetry.label_asym_id   B 
_pdbx_struct_special_symmetry.label_comp_id   HOH 
_pdbx_struct_special_symmetry.label_seq_id    . 
# 
loop_
_chem_comp_atom.comp_id 
_chem_comp_atom.atom_id 
_chem_comp_atom.type_symbol 
_chem_comp_atom.pdbx_aromatic_flag 
_chem_comp_atom.pdbx_stereo_config 
_chem_comp_atom.pdbx_ordinal 
ALA N    N N N 1   
ALA CA   C N S 2   
ALA C    C N N 3   
ALA O    O N N 4   
ALA CB   C N N 5   
ALA OXT  O N N 6   
ALA H    H N N 7   
ALA H2   H N N 8   
ALA HA   H N N 9   
ALA HB1  H N N 10  
ALA HB2  H N N 11  
ALA HB3  H N N 12  
ALA HXT  H N N 13  
ARG N    N N N 14  
ARG CA   C N S 15  
ARG C    C N N 16  
ARG O    O N N 17  
ARG CB   C N N 18  
ARG CG   C N N 19  
ARG CD   C N N 20  
ARG NE   N N N 21  
ARG CZ   C N N 22  
ARG NH1  N N N 23  
ARG NH2  N N N 24  
ARG OXT  O N N 25  
ARG H    H N N 26  
ARG H2   H N N 27  
ARG HA   H N N 28  
ARG HB2  H N N 29  
ARG HB3  H N N 30  
ARG HG2  H N N 31  
ARG HG3  H N N 32  
ARG HD2  H N N 33  
ARG HD3  H N N 34  
ARG HE   H N N 35  
ARG HH11 H N N 36  
ARG HH12 H N N 37  
ARG HH21 H N N 38  
ARG HH22 H N N 39  
ARG HXT  H N N 40  
ASN N    N N N 41  
ASN CA   C N S 42  
ASN C    C N N 43  
ASN O    O N N 44  
ASN CB   C N N 45  
ASN CG   C N N 46  
ASN OD1  O N N 47  
ASN ND2  N N N 48  
ASN OXT  O N N 49  
ASN H    H N N 50  
ASN H2   H N N 51  
ASN HA   H N N 52  
ASN HB2  H N N 53  
ASN HB3  H N N 54  
ASN HD21 H N N 55  
ASN HD22 H N N 56  
ASN HXT  H N N 57  
ASP N    N N N 58  
ASP CA   C N S 59  
ASP C    C N N 60  
ASP O    O N N 61  
ASP CB   C N N 62  
ASP CG   C N N 63  
ASP OD1  O N N 64  
ASP OD2  O N N 65  
ASP OXT  O N N 66  
ASP H    H N N 67  
ASP H2   H N N 68  
ASP HA   H N N 69  
ASP HB2  H N N 70  
ASP HB3  H N N 71  
ASP HD2  H N N 72  
ASP HXT  H N N 73  
GLN N    N N N 74  
GLN CA   C N S 75  
GLN C    C N N 76  
GLN O    O N N 77  
GLN CB   C N N 78  
GLN CG   C N N 79  
GLN CD   C N N 80  
GLN OE1  O N N 81  
GLN NE2  N N N 82  
GLN OXT  O N N 83  
GLN H    H N N 84  
GLN H2   H N N 85  
GLN HA   H N N 86  
GLN HB2  H N N 87  
GLN HB3  H N N 88  
GLN HG2  H N N 89  
GLN HG3  H N N 90  
GLN HE21 H N N 91  
GLN HE22 H N N 92  
GLN HXT  H N N 93  
GLU N    N N N 94  
GLU CA   C N S 95  
GLU C    C N N 96  
GLU O    O N N 97  
GLU CB   C N N 98  
GLU CG   C N N 99  
GLU CD   C N N 100 
GLU OE1  O N N 101 
GLU OE2  O N N 102 
GLU OXT  O N N 103 
GLU H    H N N 104 
GLU H2   H N N 105 
GLU HA   H N N 106 
GLU HB2  H N N 107 
GLU HB3  H N N 108 
GLU HG2  H N N 109 
GLU HG3  H N N 110 
GLU HE2  H N N 111 
GLU HXT  H N N 112 
GLY N    N N N 113 
GLY CA   C N N 114 
GLY C    C N N 115 
GLY O    O N N 116 
GLY OXT  O N N 117 
GLY H    H N N 118 
GLY H2   H N N 119 
GLY HA2  H N N 120 
GLY HA3  H N N 121 
GLY HXT  H N N 122 
HIS N    N N N 123 
HIS CA   C N S 124 
HIS C    C N N 125 
HIS O    O N N 126 
HIS CB   C N N 127 
HIS CG   C Y N 128 
HIS ND1  N Y N 129 
HIS CD2  C Y N 130 
HIS CE1  C Y N 131 
HIS NE2  N Y N 132 
HIS OXT  O N N 133 
HIS H    H N N 134 
HIS H2   H N N 135 
HIS HA   H N N 136 
HIS HB2  H N N 137 
HIS HB3  H N N 138 
HIS HD1  H N N 139 
HIS HD2  H N N 140 
HIS HE1  H N N 141 
HIS HE2  H N N 142 
HIS HXT  H N N 143 
HOH O    O N N 144 
HOH H1   H N N 145 
HOH H2   H N N 146 
LEU N    N N N 147 
LEU CA   C N S 148 
LEU C    C N N 149 
LEU O    O N N 150 
LEU CB   C N N 151 
LEU CG   C N N 152 
LEU CD1  C N N 153 
LEU CD2  C N N 154 
LEU OXT  O N N 155 
LEU H    H N N 156 
LEU H2   H N N 157 
LEU HA   H N N 158 
LEU HB2  H N N 159 
LEU HB3  H N N 160 
LEU HG   H N N 161 
LEU HD11 H N N 162 
LEU HD12 H N N 163 
LEU HD13 H N N 164 
LEU HD21 H N N 165 
LEU HD22 H N N 166 
LEU HD23 H N N 167 
LEU HXT  H N N 168 
LYS N    N N N 169 
LYS CA   C N S 170 
LYS C    C N N 171 
LYS O    O N N 172 
LYS CB   C N N 173 
LYS CG   C N N 174 
LYS CD   C N N 175 
LYS CE   C N N 176 
LYS NZ   N N N 177 
LYS OXT  O N N 178 
LYS H    H N N 179 
LYS H2   H N N 180 
LYS HA   H N N 181 
LYS HB2  H N N 182 
LYS HB3  H N N 183 
LYS HG2  H N N 184 
LYS HG3  H N N 185 
LYS HD2  H N N 186 
LYS HD3  H N N 187 
LYS HE2  H N N 188 
LYS HE3  H N N 189 
LYS HZ1  H N N 190 
LYS HZ2  H N N 191 
LYS HZ3  H N N 192 
LYS HXT  H N N 193 
MET N    N N N 194 
MET CA   C N S 195 
MET C    C N N 196 
MET O    O N N 197 
MET CB   C N N 198 
MET CG   C N N 199 
MET SD   S N N 200 
MET CE   C N N 201 
MET OXT  O N N 202 
MET H    H N N 203 
MET H2   H N N 204 
MET HA   H N N 205 
MET HB2  H N N 206 
MET HB3  H N N 207 
MET HG2  H N N 208 
MET HG3  H N N 209 
MET HE1  H N N 210 
MET HE2  H N N 211 
MET HE3  H N N 212 
MET HXT  H N N 213 
NLE N    N N N 214 
NLE CA   C N S 215 
NLE C    C N N 216 
NLE O    O N N 217 
NLE OXT  O N N 218 
NLE CB   C N N 219 
NLE CG   C N N 220 
NLE CD   C N N 221 
NLE CE   C N N 222 
NLE H    H N N 223 
NLE H2   H N N 224 
NLE HA   H N N 225 
NLE HXT  H N N 226 
NLE HB2  H N N 227 
NLE HB3  H N N 228 
NLE HG2  H N N 229 
NLE HG3  H N N 230 
NLE HD2  H N N 231 
NLE HD3  H N N 232 
NLE HE1  H N N 233 
NLE HE2  H N N 234 
NLE HE3  H N N 235 
PHE N    N N N 236 
PHE CA   C N S 237 
PHE C    C N N 238 
PHE O    O N N 239 
PHE CB   C N N 240 
PHE CG   C Y N 241 
PHE CD1  C Y N 242 
PHE CD2  C Y N 243 
PHE CE1  C Y N 244 
PHE CE2  C Y N 245 
PHE CZ   C Y N 246 
PHE OXT  O N N 247 
PHE H    H N N 248 
PHE H2   H N N 249 
PHE HA   H N N 250 
PHE HB2  H N N 251 
PHE HB3  H N N 252 
PHE HD1  H N N 253 
PHE HD2  H N N 254 
PHE HE1  H N N 255 
PHE HE2  H N N 256 
PHE HZ   H N N 257 
PHE HXT  H N N 258 
PRO N    N N N 259 
PRO CA   C N S 260 
PRO C    C N N 261 
PRO O    O N N 262 
PRO CB   C N N 263 
PRO CG   C N N 264 
PRO CD   C N N 265 
PRO OXT  O N N 266 
PRO H    H N N 267 
PRO HA   H N N 268 
PRO HB2  H N N 269 
PRO HB3  H N N 270 
PRO HG2  H N N 271 
PRO HG3  H N N 272 
PRO HD2  H N N 273 
PRO HD3  H N N 274 
PRO HXT  H N N 275 
SER N    N N N 276 
SER CA   C N S 277 
SER C    C N N 278 
SER O    O N N 279 
SER CB   C N N 280 
SER OG   O N N 281 
SER OXT  O N N 282 
SER H    H N N 283 
SER H2   H N N 284 
SER HA   H N N 285 
SER HB2  H N N 286 
SER HB3  H N N 287 
SER HG   H N N 288 
SER HXT  H N N 289 
THR N    N N N 290 
THR CA   C N S 291 
THR C    C N N 292 
THR O    O N N 293 
THR CB   C N R 294 
THR OG1  O N N 295 
THR CG2  C N N 296 
THR OXT  O N N 297 
THR H    H N N 298 
THR H2   H N N 299 
THR HA   H N N 300 
THR HB   H N N 301 
THR HG1  H N N 302 
THR HG21 H N N 303 
THR HG22 H N N 304 
THR HG23 H N N 305 
THR HXT  H N N 306 
TRP N    N N N 307 
TRP CA   C N S 308 
TRP C    C N N 309 
TRP O    O N N 310 
TRP CB   C N N 311 
TRP CG   C Y N 312 
TRP CD1  C Y N 313 
TRP CD2  C Y N 314 
TRP NE1  N Y N 315 
TRP CE2  C Y N 316 
TRP CE3  C Y N 317 
TRP CZ2  C Y N 318 
TRP CZ3  C Y N 319 
TRP CH2  C Y N 320 
TRP OXT  O N N 321 
TRP H    H N N 322 
TRP H2   H N N 323 
TRP HA   H N N 324 
TRP HB2  H N N 325 
TRP HB3  H N N 326 
TRP HD1  H N N 327 
TRP HE1  H N N 328 
TRP HE3  H N N 329 
TRP HZ2  H N N 330 
TRP HZ3  H N N 331 
TRP HH2  H N N 332 
TRP HXT  H N N 333 
VAL N    N N N 334 
VAL CA   C N S 335 
VAL C    C N N 336 
VAL O    O N N 337 
VAL CB   C N N 338 
VAL CG1  C N N 339 
VAL CG2  C N N 340 
VAL OXT  O N N 341 
VAL H    H N N 342 
VAL H2   H N N 343 
VAL HA   H N N 344 
VAL HB   H N N 345 
VAL HG11 H N N 346 
VAL HG12 H N N 347 
VAL HG13 H N N 348 
VAL HG21 H N N 349 
VAL HG22 H N N 350 
VAL HG23 H N N 351 
VAL HXT  H N N 352 
# 
loop_
_chem_comp_bond.comp_id 
_chem_comp_bond.atom_id_1 
_chem_comp_bond.atom_id_2 
_chem_comp_bond.value_order 
_chem_comp_bond.pdbx_aromatic_flag 
_chem_comp_bond.pdbx_stereo_config 
_chem_comp_bond.pdbx_ordinal 
ALA N   CA   sing N N 1   
ALA N   H    sing N N 2   
ALA N   H2   sing N N 3   
ALA CA  C    sing N N 4   
ALA CA  CB   sing N N 5   
ALA CA  HA   sing N N 6   
ALA C   O    doub N N 7   
ALA C   OXT  sing N N 8   
ALA CB  HB1  sing N N 9   
ALA CB  HB2  sing N N 10  
ALA CB  HB3  sing N N 11  
ALA OXT HXT  sing N N 12  
ARG N   CA   sing N N 13  
ARG N   H    sing N N 14  
ARG N   H2   sing N N 15  
ARG CA  C    sing N N 16  
ARG CA  CB   sing N N 17  
ARG CA  HA   sing N N 18  
ARG C   O    doub N N 19  
ARG C   OXT  sing N N 20  
ARG CB  CG   sing N N 21  
ARG CB  HB2  sing N N 22  
ARG CB  HB3  sing N N 23  
ARG CG  CD   sing N N 24  
ARG CG  HG2  sing N N 25  
ARG CG  HG3  sing N N 26  
ARG CD  NE   sing N N 27  
ARG CD  HD2  sing N N 28  
ARG CD  HD3  sing N N 29  
ARG NE  CZ   sing N N 30  
ARG NE  HE   sing N N 31  
ARG CZ  NH1  sing N N 32  
ARG CZ  NH2  doub N N 33  
ARG NH1 HH11 sing N N 34  
ARG NH1 HH12 sing N N 35  
ARG NH2 HH21 sing N N 36  
ARG NH2 HH22 sing N N 37  
ARG OXT HXT  sing N N 38  
ASN N   CA   sing N N 39  
ASN N   H    sing N N 40  
ASN N   H2   sing N N 41  
ASN CA  C    sing N N 42  
ASN CA  CB   sing N N 43  
ASN CA  HA   sing N N 44  
ASN C   O    doub N N 45  
ASN C   OXT  sing N N 46  
ASN CB  CG   sing N N 47  
ASN CB  HB2  sing N N 48  
ASN CB  HB3  sing N N 49  
ASN CG  OD1  doub N N 50  
ASN CG  ND2  sing N N 51  
ASN ND2 HD21 sing N N 52  
ASN ND2 HD22 sing N N 53  
ASN OXT HXT  sing N N 54  
ASP N   CA   sing N N 55  
ASP N   H    sing N N 56  
ASP N   H2   sing N N 57  
ASP CA  C    sing N N 58  
ASP CA  CB   sing N N 59  
ASP CA  HA   sing N N 60  
ASP C   O    doub N N 61  
ASP C   OXT  sing N N 62  
ASP CB  CG   sing N N 63  
ASP CB  HB2  sing N N 64  
ASP CB  HB3  sing N N 65  
ASP CG  OD1  doub N N 66  
ASP CG  OD2  sing N N 67  
ASP OD2 HD2  sing N N 68  
ASP OXT HXT  sing N N 69  
GLN N   CA   sing N N 70  
GLN N   H    sing N N 71  
GLN N   H2   sing N N 72  
GLN CA  C    sing N N 73  
GLN CA  CB   sing N N 74  
GLN CA  HA   sing N N 75  
GLN C   O    doub N N 76  
GLN C   OXT  sing N N 77  
GLN CB  CG   sing N N 78  
GLN CB  HB2  sing N N 79  
GLN CB  HB3  sing N N 80  
GLN CG  CD   sing N N 81  
GLN CG  HG2  sing N N 82  
GLN CG  HG3  sing N N 83  
GLN CD  OE1  doub N N 84  
GLN CD  NE2  sing N N 85  
GLN NE2 HE21 sing N N 86  
GLN NE2 HE22 sing N N 87  
GLN OXT HXT  sing N N 88  
GLU N   CA   sing N N 89  
GLU N   H    sing N N 90  
GLU N   H2   sing N N 91  
GLU CA  C    sing N N 92  
GLU CA  CB   sing N N 93  
GLU CA  HA   sing N N 94  
GLU C   O    doub N N 95  
GLU C   OXT  sing N N 96  
GLU CB  CG   sing N N 97  
GLU CB  HB2  sing N N 98  
GLU CB  HB3  sing N N 99  
GLU CG  CD   sing N N 100 
GLU CG  HG2  sing N N 101 
GLU CG  HG3  sing N N 102 
GLU CD  OE1  doub N N 103 
GLU CD  OE2  sing N N 104 
GLU OE2 HE2  sing N N 105 
GLU OXT HXT  sing N N 106 
GLY N   CA   sing N N 107 
GLY N   H    sing N N 108 
GLY N   H2   sing N N 109 
GLY CA  C    sing N N 110 
GLY CA  HA2  sing N N 111 
GLY CA  HA3  sing N N 112 
GLY C   O    doub N N 113 
GLY C   OXT  sing N N 114 
GLY OXT HXT  sing N N 115 
HIS N   CA   sing N N 116 
HIS N   H    sing N N 117 
HIS N   H2   sing N N 118 
HIS CA  C    sing N N 119 
HIS CA  CB   sing N N 120 
HIS CA  HA   sing N N 121 
HIS C   O    doub N N 122 
HIS C   OXT  sing N N 123 
HIS CB  CG   sing N N 124 
HIS CB  HB2  sing N N 125 
HIS CB  HB3  sing N N 126 
HIS CG  ND1  sing Y N 127 
HIS CG  CD2  doub Y N 128 
HIS ND1 CE1  doub Y N 129 
HIS ND1 HD1  sing N N 130 
HIS CD2 NE2  sing Y N 131 
HIS CD2 HD2  sing N N 132 
HIS CE1 NE2  sing Y N 133 
HIS CE1 HE1  sing N N 134 
HIS NE2 HE2  sing N N 135 
HIS OXT HXT  sing N N 136 
HOH O   H1   sing N N 137 
HOH O   H2   sing N N 138 
LEU N   CA   sing N N 139 
LEU N   H    sing N N 140 
LEU N   H2   sing N N 141 
LEU CA  C    sing N N 142 
LEU CA  CB   sing N N 143 
LEU CA  HA   sing N N 144 
LEU C   O    doub N N 145 
LEU C   OXT  sing N N 146 
LEU CB  CG   sing N N 147 
LEU CB  HB2  sing N N 148 
LEU CB  HB3  sing N N 149 
LEU CG  CD1  sing N N 150 
LEU CG  CD2  sing N N 151 
LEU CG  HG   sing N N 152 
LEU CD1 HD11 sing N N 153 
LEU CD1 HD12 sing N N 154 
LEU CD1 HD13 sing N N 155 
LEU CD2 HD21 sing N N 156 
LEU CD2 HD22 sing N N 157 
LEU CD2 HD23 sing N N 158 
LEU OXT HXT  sing N N 159 
LYS N   CA   sing N N 160 
LYS N   H    sing N N 161 
LYS N   H2   sing N N 162 
LYS CA  C    sing N N 163 
LYS CA  CB   sing N N 164 
LYS CA  HA   sing N N 165 
LYS C   O    doub N N 166 
LYS C   OXT  sing N N 167 
LYS CB  CG   sing N N 168 
LYS CB  HB2  sing N N 169 
LYS CB  HB3  sing N N 170 
LYS CG  CD   sing N N 171 
LYS CG  HG2  sing N N 172 
LYS CG  HG3  sing N N 173 
LYS CD  CE   sing N N 174 
LYS CD  HD2  sing N N 175 
LYS CD  HD3  sing N N 176 
LYS CE  NZ   sing N N 177 
LYS CE  HE2  sing N N 178 
LYS CE  HE3  sing N N 179 
LYS NZ  HZ1  sing N N 180 
LYS NZ  HZ2  sing N N 181 
LYS NZ  HZ3  sing N N 182 
LYS OXT HXT  sing N N 183 
MET N   CA   sing N N 184 
MET N   H    sing N N 185 
MET N   H2   sing N N 186 
MET CA  C    sing N N 187 
MET CA  CB   sing N N 188 
MET CA  HA   sing N N 189 
MET C   O    doub N N 190 
MET C   OXT  sing N N 191 
MET CB  CG   sing N N 192 
MET CB  HB2  sing N N 193 
MET CB  HB3  sing N N 194 
MET CG  SD   sing N N 195 
MET CG  HG2  sing N N 196 
MET CG  HG3  sing N N 197 
MET SD  CE   sing N N 198 
MET CE  HE1  sing N N 199 
MET CE  HE2  sing N N 200 
MET CE  HE3  sing N N 201 
MET OXT HXT  sing N N 202 
NLE N   CA   sing N N 203 
NLE N   H    sing N N 204 
NLE N   H2   sing N N 205 
NLE CA  C    sing N N 206 
NLE CA  CB   sing N N 207 
NLE CA  HA   sing N N 208 
NLE C   O    doub N N 209 
NLE C   OXT  sing N N 210 
NLE OXT HXT  sing N N 211 
NLE CB  CG   sing N N 212 
NLE CB  HB2  sing N N 213 
NLE CB  HB3  sing N N 214 
NLE CG  CD   sing N N 215 
NLE CG  HG2  sing N N 216 
NLE CG  HG3  sing N N 217 
NLE CD  CE   sing N N 218 
NLE CD  HD2  sing N N 219 
NLE CD  HD3  sing N N 220 
NLE CE  HE1  sing N N 221 
NLE CE  HE2  sing N N 222 
NLE CE  HE3  sing N N 223 
PHE N   CA   sing N N 224 
PHE N   H    sing N N 225 
PHE N   H2   sing N N 226 
PHE CA  C    sing N N 227 
PHE CA  CB   sing N N 228 
PHE CA  HA   sing N N 229 
PHE C   O    doub N N 230 
PHE C   OXT  sing N N 231 
PHE CB  CG   sing N N 232 
PHE CB  HB2  sing N N 233 
PHE CB  HB3  sing N N 234 
PHE CG  CD1  doub Y N 235 
PHE CG  CD2  sing Y N 236 
PHE CD1 CE1  sing Y N 237 
PHE CD1 HD1  sing N N 238 
PHE CD2 CE2  doub Y N 239 
PHE CD2 HD2  sing N N 240 
PHE CE1 CZ   doub Y N 241 
PHE CE1 HE1  sing N N 242 
PHE CE2 CZ   sing Y N 243 
PHE CE2 HE2  sing N N 244 
PHE CZ  HZ   sing N N 245 
PHE OXT HXT  sing N N 246 
PRO N   CA   sing N N 247 
PRO N   CD   sing N N 248 
PRO N   H    sing N N 249 
PRO CA  C    sing N N 250 
PRO CA  CB   sing N N 251 
PRO CA  HA   sing N N 252 
PRO C   O    doub N N 253 
PRO C   OXT  sing N N 254 
PRO CB  CG   sing N N 255 
PRO CB  HB2  sing N N 256 
PRO CB  HB3  sing N N 257 
PRO CG  CD   sing N N 258 
PRO CG  HG2  sing N N 259 
PRO CG  HG3  sing N N 260 
PRO CD  HD2  sing N N 261 
PRO CD  HD3  sing N N 262 
PRO OXT HXT  sing N N 263 
SER N   CA   sing N N 264 
SER N   H    sing N N 265 
SER N   H2   sing N N 266 
SER CA  C    sing N N 267 
SER CA  CB   sing N N 268 
SER CA  HA   sing N N 269 
SER C   O    doub N N 270 
SER C   OXT  sing N N 271 
SER CB  OG   sing N N 272 
SER CB  HB2  sing N N 273 
SER CB  HB3  sing N N 274 
SER OG  HG   sing N N 275 
SER OXT HXT  sing N N 276 
THR N   CA   sing N N 277 
THR N   H    sing N N 278 
THR N   H2   sing N N 279 
THR CA  C    sing N N 280 
THR CA  CB   sing N N 281 
THR CA  HA   sing N N 282 
THR C   O    doub N N 283 
THR C   OXT  sing N N 284 
THR CB  OG1  sing N N 285 
THR CB  CG2  sing N N 286 
THR CB  HB   sing N N 287 
THR OG1 HG1  sing N N 288 
THR CG2 HG21 sing N N 289 
THR CG2 HG22 sing N N 290 
THR CG2 HG23 sing N N 291 
THR OXT HXT  sing N N 292 
TRP N   CA   sing N N 293 
TRP N   H    sing N N 294 
TRP N   H2   sing N N 295 
TRP CA  C    sing N N 296 
TRP CA  CB   sing N N 297 
TRP CA  HA   sing N N 298 
TRP C   O    doub N N 299 
TRP C   OXT  sing N N 300 
TRP CB  CG   sing N N 301 
TRP CB  HB2  sing N N 302 
TRP CB  HB3  sing N N 303 
TRP CG  CD1  doub Y N 304 
TRP CG  CD2  sing Y N 305 
TRP CD1 NE1  sing Y N 306 
TRP CD1 HD1  sing N N 307 
TRP CD2 CE2  doub Y N 308 
TRP CD2 CE3  sing Y N 309 
TRP NE1 CE2  sing Y N 310 
TRP NE1 HE1  sing N N 311 
TRP CE2 CZ2  sing Y N 312 
TRP CE3 CZ3  doub Y N 313 
TRP CE3 HE3  sing N N 314 
TRP CZ2 CH2  doub Y N 315 
TRP CZ2 HZ2  sing N N 316 
TRP CZ3 CH2  sing Y N 317 
TRP CZ3 HZ3  sing N N 318 
TRP CH2 HH2  sing N N 319 
TRP OXT HXT  sing N N 320 
VAL N   CA   sing N N 321 
VAL N   H    sing N N 322 
VAL N   H2   sing N N 323 
VAL CA  C    sing N N 324 
VAL CA  CB   sing N N 325 
VAL CA  HA   sing N N 326 
VAL C   O    doub N N 327 
VAL C   OXT  sing N N 328 
VAL CB  CG1  sing N N 329 
VAL CB  CG2  sing N N 330 
VAL CB  HB   sing N N 331 
VAL CG1 HG11 sing N N 332 
VAL CG1 HG12 sing N N 333 
VAL CG1 HG13 sing N N 334 
VAL CG2 HG21 sing N N 335 
VAL CG2 HG22 sing N N 336 
VAL CG2 HG23 sing N N 337 
VAL OXT HXT  sing N N 338 
# 
_pdbx_initial_refinement_model.id               1 
_pdbx_initial_refinement_model.entity_id_list   ? 
_pdbx_initial_refinement_model.type             'experimental model' 
_pdbx_initial_refinement_model.source_name      PDB 
_pdbx_initial_refinement_model.accession_code   1YRF 
_pdbx_initial_refinement_model.details          ? 
# 
_atom_sites.entry_id                    1WY3 
_atom_sites.fract_transf_matrix[1][1]   -0.03496652 
_atom_sites.fract_transf_matrix[1][2]   -0.03118077 
_atom_sites.fract_transf_matrix[1][3]   -0.01961443 
_atom_sites.fract_transf_matrix[2][1]   0.00443845 
_atom_sites.fract_transf_matrix[2][2]   -0.01646513 
_atom_sites.fract_transf_matrix[2][3]   0.01826198 
_atom_sites.fract_transf_matrix[3][1]   -0.00935736 
_atom_sites.fract_transf_matrix[3][2]   0.00578297 
_atom_sites.fract_transf_matrix[3][3]   0.00748821 
_atom_sites.fract_transf_vector[1]      0.514752 
_atom_sites.fract_transf_vector[2]      0.000610 
_atom_sites.fract_transf_vector[3]      0.888903 
# 
loop_
_atom_type.symbol 
C 
H 
N 
O 
S 
# 
loop_
_atom_site.group_PDB 
_atom_site.id 
_atom_site.type_symbol 
_atom_site.label_atom_id 
_atom_site.label_alt_id 
_atom_site.label_comp_id 
_atom_site.label_asym_id 
_atom_site.label_entity_id 
_atom_site.label_seq_id 
_atom_site.pdbx_PDB_ins_code 
_atom_site.Cartn_x 
_atom_site.Cartn_y 
_atom_site.Cartn_z 
_atom_site.occupancy 
_atom_site.B_iso_or_equiv 
_atom_site.pdbx_formal_charge 
_atom_site.auth_seq_id 
_atom_site.auth_comp_id 
_atom_site.auth_asym_id 
_atom_site.auth_atom_id 
_atom_site.pdbx_PDB_model_num 
ATOM   1   N N    . LEU A 1 1  ? 4.520   -6.396  -7.225  1.00 34.77 ? 42   LEU A N    1 
ATOM   2   C CA   . LEU A 1 1  ? 3.497   -5.685  -7.954  1.00 26.35 ? 42   LEU A CA   1 
ATOM   3   C C    . LEU A 1 1  ? 4.069   -4.608  -8.875  1.00 22.34 ? 42   LEU A C    1 
ATOM   4   O O    . LEU A 1 1  ? 5.019   -3.934  -8.462  1.00 23.38 ? 42   LEU A O    1 
ATOM   5   C CB   . LEU A 1 1  ? 2.550   -4.972  -7.015  1.00 29.03 ? 42   LEU A CB   1 
ATOM   6   C CG   . LEU A 1 1  ? 1.418   -5.684  -6.300  1.00 29.23 ? 42   LEU A CG   1 
ATOM   7   C CD1  . LEU A 1 1  ? 1.678   -7.176  -6.232  1.00 36.57 ? 42   LEU A CD1  1 
ATOM   8   C CD2  . LEU A 1 1  ? 1.274   -5.060  -4.929  1.00 35.08 ? 42   LEU A CD2  1 
ATOM   9   H H1   . LEU A 1 1  ? 4.139   -6.996  -6.689  1.00 52.16 ? 42   LEU A H1   1 
ATOM   10  H H2   . LEU A 1 1  ? 4.991   -5.819  -6.737  1.00 52.16 ? 42   LEU A H2   1 
ATOM   11  H H3   . LEU A 1 1  ? 5.060   -6.810  -7.798  1.00 52.16 ? 42   LEU A H3   1 
ATOM   12  H HA   . LEU A 1 1  ? 2.988   -6.326  -8.493  1.00 31.62 ? 42   LEU A HA   1 
ATOM   13  H HB2  . LEU A 1 1  ? 3.099   -4.560  -6.329  1.00 34.84 ? 42   LEU A HB2  1 
ATOM   14  H HB3  . LEU A 1 1  ? 2.149   -4.249  -7.521  1.00 34.84 ? 42   LEU A HB3  1 
ATOM   15  H HG   . LEU A 1 1  ? 0.590   -5.534  -6.799  1.00 35.08 ? 42   LEU A HG   1 
ATOM   16  H HD11 . LEU A 1 1  ? 1.931   -7.496  -7.101  1.00 54.86 ? 42   LEU A HD11 1 
ATOM   17  H HD12 . LEU A 1 1  ? 0.882   -7.628  -5.944  1.00 54.86 ? 42   LEU A HD12 1 
ATOM   18  H HD13 . LEU A 1 1  ? 2.388   -7.349  -5.609  1.00 54.86 ? 42   LEU A HD13 1 
ATOM   19  H HD21 . LEU A 1 1  ? 1.082   -4.125  -5.021  1.00 52.62 ? 42   LEU A HD21 1 
ATOM   20  H HD22 . LEU A 1 1  ? 2.092   -5.172  -4.439  1.00 52.62 ? 42   LEU A HD22 1 
ATOM   21  H HD23 . LEU A 1 1  ? 0.557   -5.489  -4.456  1.00 52.62 ? 42   LEU A HD23 1 
ATOM   22  N N    . SER A 1 2  ? 3.524   -4.427  -10.087 1.00 20.45 ? 43   SER A N    1 
ATOM   23  C CA   . SER A 1 2  ? 3.882   -3.270  -10.861 1.00 18.86 ? 43   SER A CA   1 
ATOM   24  C C    . SER A 1 2  ? 3.385   -2.003  -10.175 1.00 15.51 ? 43   SER A C    1 
ATOM   25  O O    . SER A 1 2  ? 2.495   -2.071  -9.284  1.00 16.41 ? 43   SER A O    1 
ATOM   26  C CB   . SER A 1 2  ? 3.281   -3.239  -12.262 1.00 19.61 ? 43   SER A CB   1 
ATOM   27  O OG   . SER A 1 2  ? 1.871   -3.112  -12.217 1.00 20.03 ? 43   SER A OG   1 
ATOM   28  H H    . SER A 1 2  ? 2.962   -4.999  -10.400 1.00 24.54 ? 43   SER A H    1 
ATOM   29  H HA   . SER A 1 2  ? 4.859   -3.228  -10.934 1.00 22.63 ? 43   SER A HA   1 
ATOM   30  H HB2  . SER A 1 2  ? 3.655   -2.494  -12.756 1.00 23.53 ? 43   SER A HB2  1 
ATOM   31  H HB3  . SER A 1 2  ? 3.514   -4.056  -12.729 1.00 23.53 ? 43   SER A HB3  1 
ATOM   32  H HG   . SER A 1 2  ? 1.570   -3.151  -12.979 1.00 30.04 ? 43   SER A HG   1 
ATOM   33  N N    . ASP A 1 3  ? 3.925   -0.846  -10.560 1.00 16.57 ? 44   ASP A N    1 
ATOM   34  C CA   . ASP A 1 3  ? 3.391   0.410   -10.034 1.00 14.85 ? 44   ASP A CA   1 
ATOM   35  C C    . ASP A 1 3  ? 1.888   0.562   -10.298 1.00 13.60 ? 44   ASP A C    1 
ATOM   36  O O    . ASP A 1 3  ? 1.170   1.017   -9.405  1.00 14.08 ? 44   ASP A O    1 
ATOM   37  C CB   . ASP A 1 3  ? 4.103   1.600   -10.643 1.00 15.28 ? 44   ASP A CB   1 
ATOM   38  C CG   . ASP A 1 3  ? 5.535   1.813   -10.271 1.00 18.17 ? 44   ASP A CG   1 
ATOM   39  O OD1  . ASP A 1 3  ? 6.131   1.094   -9.454  1.00 23.46 ? 44   ASP A OD1  1 
ATOM   40  O OD2  . ASP A 1 3  ? 6.192   2.751   -10.790 1.00 24.89 ? 44   ASP A OD2  1 
ATOM   41  H H    . ASP A 1 3  ? 4.582   -0.837  -11.113 1.00 19.89 ? 44   ASP A H    1 
ATOM   42  H HA   . ASP A 1 3  ? 3.538   0.426   -9.065  1.00 17.82 ? 44   ASP A HA   1 
ATOM   43  H HB2  . ASP A 1 3  ? 4.053   1.516   -11.607 1.00 18.33 ? 44   ASP A HB2  1 
ATOM   44  H HB3  . ASP A 1 3  ? 3.610   2.400   -10.398 1.00 18.33 ? 44   ASP A HB3  1 
ATOM   45  N N    . GLU A 1 4  ? 1.395   0.204   -11.468 1.00 14.98 ? 45   GLU A N    1 
ATOM   46  C CA   . GLU A 1 4  ? -0.019  0.307   -11.724 1.00 15.64 ? 45   GLU A CA   1 
ATOM   47  C C    . GLU A 1 4  ? -0.827  -0.672  -10.876 1.00 14.63 ? 45   GLU A C    1 
ATOM   48  O O    . GLU A 1 4  ? -1.900  -0.312  -10.379 1.00 15.06 ? 45   GLU A O    1 
ATOM   49  C CB   . GLU A 1 4  ? -0.285  0.083   -13.239 1.00 19.76 ? 45   GLU A CB   1 
ATOM   50  C CG   . GLU A 1 4  ? 0.074   1.349   -14.012 1.00 26.73 ? 45   GLU A CG   1 
ATOM   51  C CD   . GLU A 1 4  ? -0.904  2.477   -13.735 1.00 31.35 ? 45   GLU A CD   1 
ATOM   52  O OE1  . GLU A 1 4  ? -2.105  2.176   -13.512 1.00 36.43 ? 45   GLU A OE1  1 
ATOM   53  O OE2  . GLU A 1 4  ? -0.488  3.660   -13.737 1.00 42.60 ? 45   GLU A OE2  1 
ATOM   54  H H    . GLU A 1 4  ? 1.921   -0.093  -12.081 1.00 17.98 ? 45   GLU A H    1 
ATOM   55  H HA   . GLU A 1 4  ? -0.305  1.216   -11.495 1.00 18.76 ? 45   GLU A HA   1 
ATOM   56  H HB2  . GLU A 1 4  ? 0.250   -0.660  -13.559 1.00 23.71 ? 45   GLU A HB2  1 
ATOM   57  H HB3  . GLU A 1 4  ? -1.220  -0.134  -13.380 1.00 23.71 ? 45   GLU A HB3  1 
ATOM   58  H HG2  . GLU A 1 4  ? 0.967   1.634   -13.765 1.00 32.07 ? 45   GLU A HG2  1 
ATOM   59  H HG3  . GLU A 1 4  ? 0.075   1.154   -14.963 1.00 32.07 ? 45   GLU A HG3  1 
ATOM   60  N N    . ASP A 1 5  ? -0.345  -1.907  -10.691 1.00 14.71 ? 46   ASP A N    1 
ATOM   61  C CA   . ASP A 1 5  ? -1.036  -2.850  -9.816  1.00 15.47 ? 46   ASP A CA   1 
ATOM   62  C C    . ASP A 1 5  ? -1.053  -2.369  -8.362  1.00 13.42 ? 46   ASP A C    1 
ATOM   63  O O    . ASP A 1 5  ? -2.053  -2.535  -7.687  1.00 14.74 ? 46   ASP A O    1 
ATOM   64  C CB   . ASP A 1 5  ? -0.401  -4.248  -9.872  1.00 17.60 ? 46   ASP A CB   1 
ATOM   65  C CG   . ASP A 1 5  ? -0.438  -4.987  -11.197 1.00 21.82 ? 46   ASP A CG   1 
ATOM   66  O OD1  . ASP A 1 5  ? -1.343  -4.606  -11.982 1.00 27.96 ? 46   ASP A OD1  1 
ATOM   67  O OD2  . ASP A 1 5  ? 0.373   -5.905  -11.479 1.00 33.22 ? 46   ASP A OD2  1 
ATOM   68  H H    . ASP A 1 5  ? 0.378   -2.147  -11.090 1.00 17.66 ? 46   ASP A H    1 
ATOM   69  H HA   . ASP A 1 5  ? -1.964  -2.925  -10.122 1.00 18.56 ? 46   ASP A HA   1 
ATOM   70  H HB2  . ASP A 1 5  ? 0.528   -4.165  -9.604  1.00 21.12 ? 46   ASP A HB2  1 
ATOM   71  H HB3  . ASP A 1 5  ? -0.841  -4.803  -9.209  1.00 21.12 ? 46   ASP A HB3  1 
ATOM   72  N N    . PHE A 1 6  ? 0.040   -1.794  -7.908  1.00 13.16 ? 47   PHE A N    1 
ATOM   73  C CA   . PHE A 1 6  ? 0.148   -1.224  -6.562  1.00 12.16 ? 47   PHE A CA   1 
ATOM   74  C C    . PHE A 1 6  ? -0.917  -0.128  -6.389  1.00 11.12 ? 47   PHE A C    1 
ATOM   75  O O    . PHE A 1 6  ? -1.652  -0.146  -5.395  1.00 11.26 ? 47   PHE A O    1 
ATOM   76  C CB   . PHE A 1 6  ? 1.594   -0.744  -6.311  1.00 13.16 ? 47   PHE A CB   1 
ATOM   77  C CG   . PHE A 1 6  ? 1.788   -0.328  -4.852  1.00 11.62 ? 47   PHE A CG   1 
ATOM   78  C CD1  . PHE A 1 6  ? 1.339   0.870   -4.359  1.00 11.17 ? 47   PHE A CD1  1 
ATOM   79  C CD2  . PHE A 1 6  ? 2.447   -1.208  -3.997  1.00 13.54 ? 47   PHE A CD2  1 
ATOM   80  C CE1  . PHE A 1 6  ? 1.510   1.235   -3.055  1.00 11.95 ? 47   PHE A CE1  1 
ATOM   81  C CE2  . PHE A 1 6  ? 2.628   -0.852  -2.684  1.00 14.16 ? 47   PHE A CE2  1 
ATOM   82  C CZ   . PHE A 1 6  ? 2.163   0.359   -2.212  1.00 12.53 ? 47   PHE A CZ   1 
ATOM   83  H H    . PHE A 1 6  ? 0.724   -1.752  -8.426  1.00 15.79 ? 47   PHE A H    1 
ATOM   84  H HA   . PHE A 1 6  ? -0.047  -1.935  -5.917  1.00 14.59 ? 47   PHE A HA   1 
ATOM   85  H HB2  . PHE A 1 6  ? 2.214   -1.458  -6.528  1.00 15.80 ? 47   PHE A HB2  1 
ATOM   86  H HB3  . PHE A 1 6  ? 1.790   0.011   -6.889  1.00 15.80 ? 47   PHE A HB3  1 
ATOM   87  H HD1  . PHE A 1 6  ? 0.901   1.455   -4.934  1.00 13.40 ? 47   PHE A HD1  1 
ATOM   88  H HD2  . PHE A 1 6  ? 2.760   -2.027  -4.311  1.00 16.25 ? 47   PHE A HD2  1 
ATOM   89  H HE1  . PHE A 1 6  ? 1.195   2.051   -2.743  1.00 14.34 ? 47   PHE A HE1  1 
ATOM   90  H HE2  . PHE A 1 6  ? 3.067   -1.434  -2.107  1.00 16.99 ? 47   PHE A HE2  1 
ATOM   91  H HZ   . PHE A 1 6  ? 2.291   0.587   -1.319  1.00 15.04 ? 47   PHE A HZ   1 
ATOM   92  N N    . LYS A 1 7  ? -0.992  0.799   -7.337  1.00 11.73 ? 48   LYS A N    1 
ATOM   93  C CA   . LYS A 1 7  ? -1.993  1.846   -7.302  1.00 11.62 ? 48   LYS A CA   1 
ATOM   94  C C    . LYS A 1 7  ? -3.405  1.266   -7.320  1.00 10.94 ? 48   LYS A C    1 
ATOM   95  O O    . LYS A 1 7  ? -4.279  1.780   -6.637  1.00 12.03 ? 48   LYS A O    1 
ATOM   96  C CB   . LYS A 1 7  ? -1.763  2.808   -8.488  1.00 13.49 ? 48   LYS A CB   1 
ATOM   97  C CG   . LYS A 1 7  ? -0.636  3.767   -8.320  1.00 14.64 ? 48   LYS A CG   1 
ATOM   98  C CD   . LYS A 1 7  ? -0.262  4.422   -9.631  1.00 17.38 ? 48   LYS A CD   1 
ATOM   99  C CE   . LYS A 1 7  ? -1.257  5.364   -10.202 1.00 17.50 ? 48   LYS A CE   1 
ATOM   100 N NZ   . LYS A 1 7  ? -0.630  6.107   -11.360 1.00 18.78 ? 48   LYS A NZ   1 
ATOM   101 H H    . LYS A 1 7  ? -0.432  0.776   -7.989  1.00 14.08 ? 48   LYS A H    1 
ATOM   102 H HA   . LYS A 1 7  ? -1.879  2.351   -6.470  1.00 13.95 ? 48   LYS A HA   1 
ATOM   103 H HB2  . LYS A 1 7  ? -1.601  2.280   -9.285  1.00 16.18 ? 48   LYS A HB2  1 
ATOM   104 H HB3  . LYS A 1 7  ? -2.577  3.315   -8.635  1.00 16.18 ? 48   LYS A HB3  1 
ATOM   105 H HG2  . LYS A 1 7  ? -0.889  4.451   -7.681  1.00 17.57 ? 48   LYS A HG2  1 
ATOM   106 H HG3  . LYS A 1 7  ? 0.134   3.296   -7.966  1.00 17.57 ? 48   LYS A HG3  1 
ATOM   107 H HD2  . LYS A 1 7  ? 0.571   4.901   -9.504  1.00 20.86 ? 48   LYS A HD2  1 
ATOM   108 H HD3  . LYS A 1 7  ? -0.097  3.724   -10.283 1.00 20.86 ? 48   LYS A HD3  1 
ATOM   109 H HE2  . LYS A 1 7  ? -2.037  4.874   -10.508 1.00 21.00 ? 48   LYS A HE2  1 
ATOM   110 H HE3  . LYS A 1 7  ? -1.542  5.994   -9.522  1.00 21.00 ? 48   LYS A HE3  1 
ATOM   111 H HZ1  . LYS A 1 7  ? -1.200  6.719   -11.664 1.00 28.17 ? 48   LYS A HZ1  1 
ATOM   112 H HZ2  . LYS A 1 7  ? -0.438  5.532   -12.013 1.00 28.17 ? 48   LYS A HZ2  1 
ATOM   113 H HZ3  . LYS A 1 7  ? 0.117   6.506   -11.087 1.00 28.17 ? 48   LYS A HZ3  1 
ATOM   114 N N    . ALA A 1 8  ? -3.657  0.213   -8.085  1.00 12.00 ? 49   ALA A N    1 
ATOM   115 C CA   . ALA A 1 8  ? -4.951  -0.431  -8.087  1.00 13.39 ? 49   ALA A CA   1 
ATOM   116 C C    . ALA A 1 8  ? -5.360  -1.030  -6.741  1.00 11.64 ? 49   ALA A C    1 
ATOM   117 O O    . ALA A 1 8  ? -6.500  -0.910  -6.266  1.00 12.36 ? 49   ALA A O    1 
ATOM   118 C CB   . ALA A 1 8  ? -4.988  -1.562  -9.124  1.00 20.39 ? 49   ALA A CB   1 
ATOM   119 H H    . ALA A 1 8  ? -3.034  -0.095  -8.592  1.00 14.40 ? 49   ALA A H    1 
ATOM   120 H HA   . ALA A 1 8  ? -5.622  0.237   -8.340  1.00 16.07 ? 49   ALA A HA   1 
ATOM   121 H HB1  . ALA A 1 8  ? -4.739  -1.217  -9.984  1.00 30.58 ? 49   ALA A HB1  1 
ATOM   122 H HB2  . ALA A 1 8  ? -5.875  -1.925  -9.171  1.00 30.58 ? 49   ALA A HB2  1 
ATOM   123 H HB3  . ALA A 1 8  ? -4.374  -2.253  -8.866  1.00 30.58 ? 49   ALA A HB3  1 
ATOM   124 N N    . VAL A 1 9  ? -4.419  -1.690  -6.086  1.00 10.80 ? 50   VAL A N    1 
ATOM   125 C CA   . VAL A 1 9  ? -4.684  -2.374  -4.819  1.00 11.16 ? 50   VAL A CA   1 
ATOM   126 C C    . VAL A 1 9  ? -4.891  -1.343  -3.696  1.00 9.64  ? 50   VAL A C    1 
ATOM   127 O O    . VAL A 1 9  ? -5.868  -1.432  -2.956  1.00 10.94 ? 50   VAL A O    1 
ATOM   128 C CB   . VAL A 1 9  ? -3.565  -3.370  -4.438  1.00 12.58 ? 50   VAL A CB   1 
ATOM   129 C CG1  . VAL A 1 9  ? -3.782  -3.864  -3.002  1.00 15.23 ? 50   VAL A CG1  1 
ATOM   130 C CG2  . VAL A 1 9  ? -3.534  -4.504  -5.412  1.00 15.78 ? 50   VAL A CG2  1 
ATOM   131 H H    . VAL A 1 9  ? -3.626  -1.718  -6.415  1.00 12.96 ? 50   VAL A H    1 
ATOM   132 H HA   . VAL A 1 9  ? -5.517  -2.882  -4.918  1.00 13.39 ? 50   VAL A HA   1 
ATOM   133 H HB   . VAL A 1 9  ? -2.705  -2.902  -4.480  1.00 15.10 ? 50   VAL A HB   1 
ATOM   134 H HG11 . VAL A 1 9  ? -3.812  -3.112  -2.406  1.00 22.84 ? 50   VAL A HG11 1 
ATOM   135 H HG12 . VAL A 1 9  ? -3.059  -4.444  -2.750  1.00 22.84 ? 50   VAL A HG12 1 
ATOM   136 H HG13 . VAL A 1 9  ? -4.611  -4.346  -2.951  1.00 22.84 ? 50   VAL A HG13 1 
ATOM   137 H HG21 . VAL A 1 9  ? -3.398  -4.161  -6.298  1.00 23.68 ? 50   VAL A HG21 1 
ATOM   138 H HG22 . VAL A 1 9  ? -4.367  -4.979  -5.377  1.00 23.68 ? 50   VAL A HG22 1 
ATOM   139 H HG23 . VAL A 1 9  ? -2.816  -5.100  -5.186  1.00 23.68 ? 50   VAL A HG23 1 
ATOM   140 N N    . PHE A 1 10 ? -3.958  -0.388  -3.592  1.00 9.67  ? 51   PHE A N    1 
ATOM   141 C CA   . PHE A 1 10 ? -3.898  0.496   -2.418  1.00 10.02 ? 51   PHE A CA   1 
ATOM   142 C C    . PHE A 1 10 ? -4.496  1.869   -2.709  1.00 9.79  ? 51   PHE A C    1 
ATOM   143 O O    . PHE A 1 10 ? -4.689  2.641   -1.756  1.00 11.73 ? 51   PHE A O    1 
ATOM   144 C CB   . PHE A 1 10 ? -2.461  0.662   -1.919  1.00 10.27 ? 51   PHE A CB   1 
ATOM   145 C CG   . PHE A 1 10 ? -1.896  -0.670  -1.400  1.00 10.76 ? 51   PHE A CG   1 
ATOM   146 C CD1  . PHE A 1 10 ? -2.337  -1.160  -0.174  1.00 11.51 ? 51   PHE A CD1  1 
ATOM   147 C CD2  . PHE A 1 10 ? -0.945  -1.424  -2.111  1.00 11.58 ? 51   PHE A CD2  1 
ATOM   148 C CE1  . PHE A 1 10 ? -1.867  -2.350  0.342   1.00 12.82 ? 51   PHE A CE1  1 
ATOM   149 C CE2  . PHE A 1 10 ? -0.471  -2.619  -1.594  1.00 13.31 ? 51   PHE A CE2  1 
ATOM   150 C CZ   . PHE A 1 10 ? -0.948  -3.073  -0.345  1.00 13.89 ? 51   PHE A CZ   1 
ATOM   151 H H    . PHE A 1 10 ? -3.382  -0.290  -4.222  1.00 11.61 ? 51   PHE A H    1 
ATOM   152 H HA   . PHE A 1 10 ? -4.423  0.083   -1.701  1.00 12.03 ? 51   PHE A HA   1 
ATOM   153 H HB2  . PHE A 1 10 ? -1.904  0.987   -2.643  1.00 12.32 ? 51   PHE A HB2  1 
ATOM   154 H HB3  . PHE A 1 10 ? -2.441  1.320   -1.207  1.00 12.32 ? 51   PHE A HB3  1 
ATOM   155 H HD1  . PHE A 1 10 ? -2.964  -0.672  0.309   1.00 13.82 ? 51   PHE A HD1  1 
ATOM   156 H HD2  . PHE A 1 10 ? -0.634  -1.119  -2.932  1.00 13.89 ? 51   PHE A HD2  1 
ATOM   157 H HE1  . PHE A 1 10 ? -2.182  -2.657  1.160   1.00 15.38 ? 51   PHE A HE1  1 
ATOM   158 H HE2  . PHE A 1 10 ? 0.155   -3.119  -2.066  1.00 15.97 ? 51   PHE A HE2  1 
ATOM   159 H HZ   . PHE A 1 10 ? -0.628  -3.871  0.010   1.00 16.67 ? 51   PHE A HZ   1 
ATOM   160 N N    . GLY A 1 11 ? -4.790  2.218   -3.955  1.00 9.36  ? 52   GLY A N    1 
ATOM   161 C CA   . GLY A 1 11 ? -5.366  3.516   -4.188  1.00 10.34 ? 52   GLY A CA   1 
ATOM   162 C C    . GLY A 1 11 ? -4.404  4.649   -4.102  1.00 9.20  ? 52   GLY A C    1 
ATOM   163 O O    . GLY A 1 11 ? -4.846  5.780   -3.911  1.00 10.66 ? 52   GLY A O    1 
ATOM   164 H H    . GLY A 1 11 ? -4.639  1.680   -4.609  1.00 11.24 ? 52   GLY A H    1 
ATOM   165 H HA2  . GLY A 1 11 ? -5.771  3.522   -5.070  1.00 12.41 ? 52   GLY A HA2  1 
ATOM   166 H HA3  . GLY A 1 11 ? -6.073  3.661   -3.541  1.00 12.41 ? 52   GLY A HA3  1 
ATOM   167 N N    . MET A 1 12 ? -3.122  4.411   -4.224  1.00 8.54  ? 53   MET A N    1 
ATOM   168 C CA   . MET A 1 12 ? -2.097  5.410   -4.020  1.00 8.99  ? 53   MET A CA   1 
ATOM   169 C C    . MET A 1 12 ? -0.800  4.890   -4.605  1.00 9.54  ? 53   MET A C    1 
ATOM   170 O O    . MET A 1 12 ? -0.657  3.676   -4.795  1.00 9.67  ? 53   MET A O    1 
ATOM   171 C CB   . MET A 1 12 ? -1.895  5.716   -2.552  1.00 9.32  ? 53   MET A CB   1 
ATOM   172 C CG   . MET A 1 12 ? -1.310  4.556   -1.763  1.00 9.09  ? 53   MET A CG   1 
ATOM   173 S SD   . MET A 1 12 ? -1.281  4.776   0.027   1.00 9.96  ? 53   MET A SD   1 
ATOM   174 C CE   . MET A 1 12 ? -2.980  4.648   0.415   1.00 9.58  ? 53   MET A CE   1 
ATOM   175 H H    . MET A 1 12 ? -2.875  3.615   -4.435  1.00 10.25 ? 53   MET A H    1 
ATOM   176 H HA   . MET A 1 12 ? -2.353  6.232   -4.487  1.00 10.79 ? 53   MET A HA   1 
ATOM   177 H HB2  . MET A 1 12 ? -1.304  6.480   -2.469  1.00 11.19 ? 53   MET A HB2  1 
ATOM   178 H HB3  . MET A 1 12 ? -2.749  5.960   -2.162  1.00 11.19 ? 53   MET A HB3  1 
ATOM   179 H HG2  . MET A 1 12 ? -1.823  3.758   -1.965  1.00 10.91 ? 53   MET A HG2  1 
ATOM   180 H HG3  . MET A 1 12 ? -0.402  4.405   -2.068  1.00 10.91 ? 53   MET A HG3  1 
ATOM   181 H HE1  . MET A 1 12 ? -3.103  4.759   1.360   1.00 14.37 ? 53   MET A HE1  1 
ATOM   182 H HE2  . MET A 1 12 ? -3.305  3.785   0.149   1.00 14.37 ? 53   MET A HE2  1 
ATOM   183 H HE3  . MET A 1 12 ? -3.467  5.331   -0.052  1.00 14.37 ? 53   MET A HE3  1 
ATOM   184 N N    . THR A 1 13 ? 0.142   5.769   -4.898  1.00 11.51 ? 54   THR A N    1 
ATOM   185 C CA   . THR A 1 13 ? 1.450   5.308   -5.355  1.00 12.74 ? 54   THR A CA   1 
ATOM   186 C C    . THR A 1 13 ? 2.287   4.698   -4.243  1.00 10.64 ? 54   THR A C    1 
ATOM   187 O O    . THR A 1 13 ? 2.004   4.894   -3.049  1.00 9.34  ? 54   THR A O    1 
ATOM   188 C CB   . THR A 1 13 ? 2.244   6.483   -5.986  1.00 15.71 ? 54   THR A CB   1 
ATOM   189 O OG1  . THR A 1 13 ? 2.544   7.377   -4.895  1.00 17.02 ? 54   THR A OG1  1 
ATOM   190 C CG2  . THR A 1 13 ? 1.467   7.254   -7.043  1.00 23.09 ? 54   THR A CG2  1 
ATOM   191 H H    . THR A 1 13 ? -0.015  6.612   -4.819  1.00 13.81 ? 54   THR A H    1 
ATOM   192 H HA   . THR A 1 13 ? 1.311   4.627   -6.044  1.00 15.28 ? 54   THR A HA   1 
ATOM   193 H HB   . THR A 1 13 ? 3.078   6.144   -6.373  1.00 18.86 ? 54   THR A HB   1 
ATOM   194 H HG1  . THR A 1 13 ? 2.257   8.125   -5.068  1.00 25.53 ? 54   THR A HG1  1 
ATOM   195 H HG21 . THR A 1 13 ? 2.007   7.975   -7.374  1.00 34.64 ? 54   THR A HG21 1 
ATOM   196 H HG22 . THR A 1 13 ? 0.663   7.606   -6.657  1.00 34.64 ? 54   THR A HG22 1 
ATOM   197 H HG23 . THR A 1 13 ? 1.242   6.664   -7.768  1.00 34.64 ? 54   THR A HG23 1 
ATOM   198 N N    . ARG A 1 14 ? 3.336   3.962   -4.646  1.00 11.88 ? 55   ARG A N    1 
ATOM   199 C CA   . ARG A 1 14 ? 4.283   3.409   -3.673  1.00 11.58 ? 55   ARG A CA   1 
ATOM   200 C C    . ARG A 1 14 ? 4.881   4.513   -2.804  1.00 10.95 ? 55   ARG A C    1 
ATOM   201 O O    . ARG A 1 14 ? 5.091   4.334   -1.603  1.00 11.08 ? 55   ARG A O    1 
ATOM   202 C CB   A ARG A 1 14 ? 5.420   2.637   -4.344  0.50 14.88 ? 55   ARG A CB   1 
ATOM   203 C CB   B ARG A 1 14 ? 5.417   2.630   -4.349  0.50 14.89 ? 55   ARG A CB   1 
ATOM   204 C CG   A ARG A 1 14 ? 5.146   1.242   -4.845  0.50 16.88 ? 55   ARG A CG   1 
ATOM   205 C CG   B ARG A 1 14 ? 5.098   1.239   -4.828  0.50 16.70 ? 55   ARG A CG   1 
ATOM   206 C CD   A ARG A 1 14 ? 6.178   0.863   -5.917  0.50 18.66 ? 55   ARG A CD   1 
ATOM   207 C CD   B ARG A 1 14 ? 6.339   0.536   -5.397  0.50 17.55 ? 55   ARG A CD   1 
ATOM   208 N NE   A ARG A 1 14 ? 5.873   -0.455  -6.500  0.50 19.52 ? 55   ARG A NE   1 
ATOM   209 N NE   B ARG A 1 14 ? 6.161   -0.904  -5.336  0.50 18.14 ? 55   ARG A NE   1 
ATOM   210 C CZ   A ARG A 1 14 ? 6.111   -1.590  -5.867  0.50 19.60 ? 55   ARG A CZ   1 
ATOM   211 C CZ   B ARG A 1 14 ? 5.737   -1.775  -6.215  0.50 17.99 ? 55   ARG A CZ   1 
ATOM   212 N NH1  A ARG A 1 14 ? 6.646   -1.602  -4.654  0.50 26.16 ? 55   ARG A NH1  1 
ATOM   213 N NH1  B ARG A 1 14 ? 5.700   -3.049  -5.811  0.50 22.22 ? 55   ARG A NH1  1 
ATOM   214 N NH2  A ARG A 1 14 ? 5.837   -2.782  -6.392  0.50 23.82 ? 55   ARG A NH2  1 
ATOM   215 N NH2  B ARG A 1 14 ? 5.384   -1.328  -7.418  0.50 18.81 ? 55   ARG A NH2  1 
ATOM   216 H H    . ARG A 1 14 ? 3.454   3.813   -5.484  1.00 14.26 ? 55   ARG A H    1 
ATOM   217 H HA   A ARG A 1 14 ? 3.795   2.791   -3.089  1.00 13.89 ? 55   ARG A HA   1 
ATOM   218 H HB2  A ARG A 1 14 ? 5.731   3.166   -5.096  0.50 17.86 ? 55   ARG A HB2  1 
ATOM   219 H HB2  B ARG A 1 14 ? 5.725   3.146   -5.109  0.50 17.87 ? 55   ARG A HB2  1 
ATOM   220 H HB3  A ARG A 1 14 ? 6.153   2.585   -3.711  0.50 17.86 ? 55   ARG A HB3  1 
ATOM   221 H HB3  B ARG A 1 14 ? 6.155   2.570   -3.722  0.50 17.87 ? 55   ARG A HB3  1 
ATOM   222 H HG2  A ARG A 1 14 ? 5.195   0.614   -4.108  0.50 20.26 ? 55   ARG A HG2  1 
ATOM   223 H HG2  B ARG A 1 14 ? 4.746   0.719   -4.089  0.50 20.04 ? 55   ARG A HG2  1 
ATOM   224 H HG3  A ARG A 1 14 ? 4.253   1.200   -5.222  0.50 20.26 ? 55   ARG A HG3  1 
ATOM   225 H HG3  B ARG A 1 14 ? 4.414   1.286   -5.514  0.50 20.04 ? 55   ARG A HG3  1 
ATOM   226 H HD2  A ARG A 1 14 ? 6.176   1.534   -6.618  0.50 22.39 ? 55   ARG A HD2  1 
ATOM   227 H HD2  B ARG A 1 14 ? 6.477   0.810   -6.317  0.50 21.06 ? 55   ARG A HD2  1 
ATOM   228 H HD3  A ARG A 1 14 ? 7.062   0.844   -5.522  0.50 22.39 ? 55   ARG A HD3  1 
ATOM   229 H HD3  B ARG A 1 14 ? 7.123   0.789   -4.885  0.50 21.06 ? 55   ARG A HD3  1 
ATOM   230 H HE   A ARG A 1 14 ? 5.526   -0.487  -7.286  0.50 23.43 ? 55   ARG A HE   1 
ATOM   231 H HE   B ARG A 1 14 ? 6.375   -1.249  -4.579  0.50 21.76 ? 55   ARG A HE   1 
ATOM   232 H HH11 A ARG A 1 14 ? 6.845   -0.861  -4.265  0.50 31.39 ? 55   ARG A HH11 1 
ATOM   233 H HH11 B ARG A 1 14 ? 5.947   -3.256  -5.013  0.50 26.66 ? 55   ARG A HH11 1 
ATOM   234 H HH12 A ARG A 1 14 ? 6.795   -2.349  -4.256  0.50 31.39 ? 55   ARG A HH12 1 
ATOM   235 H HH12 B ARG A 1 14 ? 5.429   -3.664  -6.349  0.50 26.66 ? 55   ARG A HH12 1 
ATOM   236 H HH21 A ARG A 1 14 ? 5.490   -2.837  -7.177  0.50 28.58 ? 55   ARG A HH21 1 
ATOM   237 H HH21 B ARG A 1 14 ? 5.439   -0.488  -7.598  0.50 22.58 ? 55   ARG A HH21 1 
ATOM   238 H HH22 A ARG A 1 14 ? 6.007   -3.498  -5.947  0.50 28.58 ? 55   ARG A HH22 1 
ATOM   239 H HH22 B ARG A 1 14 ? 5.102   -1.878  -8.016  0.50 22.58 ? 55   ARG A HH22 1 
ATOM   240 N N    . SER A 1 15 ? 5.175   5.677   -3.416  1.00 12.65 ? 56   SER A N    1 
ATOM   241 C CA   . SER A 1 15 ? 5.828   6.741   -2.644  1.00 14.03 ? 56   SER A CA   1 
ATOM   242 C C    . SER A 1 15 ? 4.834   7.348   -1.677  1.00 11.94 ? 56   SER A C    1 
ATOM   243 O O    . SER A 1 15 ? 5.202   7.719   -0.546  1.00 13.72 ? 56   SER A O    1 
ATOM   244 C CB   . SER A 1 15 ? 6.443   7.735   -3.644  1.00 15.71 ? 56   SER A CB   1 
ATOM   245 O OG   . SER A 1 15 ? 5.464   8.368   -4.397  1.00 18.31 ? 56   SER A OG   1 
ATOM   246 H H    . SER A 1 15 ? 4.983   5.794   -4.246  1.00 15.18 ? 56   SER A H    1 
ATOM   247 H HA   . SER A 1 15 ? 6.555   6.339   -2.124  1.00 16.83 ? 56   SER A HA   1 
ATOM   248 H HB2  . SER A 1 15 ? 6.957   8.399   -3.159  1.00 18.86 ? 56   SER A HB2  1 
ATOM   249 H HB3  . SER A 1 15 ? 7.048   7.261   -4.237  1.00 18.86 ? 56   SER A HB3  1 
ATOM   250 H HG   . SER A 1 15 ? 5.814   8.925   -4.886  1.00 27.46 ? 56   SER A HG   1 
ATOM   251 N N    . ALA A 1 16 ? 3.542   7.486   -2.052  1.00 11.10 ? 57   ALA A N    1 
ATOM   252 C CA   . ALA A 1 16 ? 2.561   7.934   -1.096  1.00 10.56 ? 57   ALA A CA   1 
ATOM   253 C C    . ALA A 1 16 ? 2.410   6.971   0.080   1.00 9.38  ? 57   ALA A C    1 
ATOM   254 O O    . ALA A 1 16 ? 2.325   7.363   1.238   1.00 10.56 ? 57   ALA A O    1 
ATOM   255 C CB   . ALA A 1 16 ? 1.180   8.161   -1.801  1.00 10.67 ? 57   ALA A CB   1 
ATOM   256 H H    . ALA A 1 16 ? 3.307   7.306   -2.860  1.00 13.32 ? 57   ALA A H    1 
ATOM   257 H HA   . ALA A 1 16 ? 2.861   8.796   -0.740  1.00 12.67 ? 57   ALA A HA   1 
ATOM   258 H HB1  . ALA A 1 16 ? 1.292   8.769   -2.536  1.00 16.00 ? 57   ALA A HB1  1 
ATOM   259 H HB2  . ALA A 1 16 ? 0.557   8.532   -1.171  1.00 16.00 ? 57   ALA A HB2  1 
ATOM   260 H HB3  . ALA A 1 16 ? 0.845   7.323   -2.127  1.00 16.00 ? 57   ALA A HB3  1 
ATOM   261 N N    . PHE A 1 17 ? 2.381   5.684   -0.251  1.00 8.35  ? 58   PHE A N    1 
ATOM   262 C CA   . PHE A 1 17 ? 2.289   4.656   0.778   1.00 7.65  ? 58   PHE A CA   1 
ATOM   263 C C    . PHE A 1 17 ? 3.451   4.774   1.783   1.00 7.89  ? 58   PHE A C    1 
ATOM   264 O O    . PHE A 1 17 ? 3.265   4.630   3.002   1.00 8.62  ? 58   PHE A O    1 
ATOM   265 C CB   . PHE A 1 17 ? 2.260   3.312   0.097   1.00 8.04  ? 58   PHE A CB   1 
ATOM   266 C CG   . PHE A 1 17 ? 2.076   2.106   0.998   1.00 8.15  ? 58   PHE A CG   1 
ATOM   267 C CD1  . PHE A 1 17 ? 0.828   1.597   1.283   1.00 9.99  ? 58   PHE A CD1  1 
ATOM   268 C CD2  . PHE A 1 17 ? 3.200   1.484   1.564   1.00 9.47  ? 58   PHE A CD2  1 
ATOM   269 C CE1  . PHE A 1 17 ? 0.662   0.499   2.095   1.00 10.82 ? 58   PHE A CE1  1 
ATOM   270 C CE2  . PHE A 1 17 ? 3.042   0.352   2.391   1.00 10.91 ? 58   PHE A CE2  1 
ATOM   271 C CZ   . PHE A 1 17 ? 1.777   -0.112  2.633   1.00 11.62 ? 58   PHE A CZ   1 
ATOM   272 H H    . PHE A 1 17 ? 2.419   5.455   -1.079  1.00 10.02 ? 58   PHE A H    1 
ATOM   273 H HA   . PHE A 1 17 ? 1.446   4.778   1.262   1.00 9.19  ? 58   PHE A HA   1 
ATOM   274 H HB2  . PHE A 1 17 ? 1.541   3.316   -0.554  1.00 9.65  ? 58   PHE A HB2  1 
ATOM   275 H HB3  . PHE A 1 17 ? 3.091   3.201   -0.391  1.00 9.65  ? 58   PHE A HB3  1 
ATOM   276 H HD1  . PHE A 1 17 ? 0.079   2.006   0.915   1.00 11.99 ? 58   PHE A HD1  1 
ATOM   277 H HD2  . PHE A 1 17 ? 4.052   1.818   1.392   1.00 11.36 ? 58   PHE A HD2  1 
ATOM   278 H HE1  . PHE A 1 17 ? -0.189  0.173   2.280   1.00 12.99 ? 58   PHE A HE1  1 
ATOM   279 H HE2  . PHE A 1 17 ? 3.782   -0.069  2.765   1.00 13.09 ? 58   PHE A HE2  1 
ATOM   280 H HZ   . PHE A 1 17 ? 1.666   -0.860  3.174   1.00 13.95 ? 58   PHE A HZ   1 
ATOM   281 N N    . ALA A 1 18 ? 4.651   5.045   1.270   1.00 8.30  ? 59   ALA A N    1 
ATOM   282 C CA   . ALA A 1 18 ? 5.839   5.124   2.127   1.00 9.20  ? 59   ALA A CA   1 
ATOM   283 C C    . ALA A 1 18 ? 5.803   6.342   3.049   1.00 8.73  ? 59   ALA A C    1 
ATOM   284 O O    . ALA A 1 18 ? 6.523   6.383   4.059   1.00 9.92  ? 59   ALA A O    1 
ATOM   285 C CB   . ALA A 1 18 ? 7.079   5.180   1.291   1.00 11.18 ? 59   ALA A CB   1 
ATOM   286 H H    . ALA A 1 18 ? 4.731   5.176   0.424   1.00 9.96  ? 59   ALA A H    1 
ATOM   287 H HA   . ALA A 1 18 ? 5.876   4.316   2.680   1.00 11.04 ? 59   ALA A HA   1 
ATOM   288 H HB1  . ALA A 1 18 ? 7.103   4.422   0.703   1.00 16.78 ? 59   ALA A HB1  1 
ATOM   289 H HB2  . ALA A 1 18 ? 7.851   5.167   1.862   1.00 16.78 ? 59   ALA A HB2  1 
ATOM   290 H HB3  . ALA A 1 18 ? 7.078   5.988   0.772   1.00 16.78 ? 59   ALA A HB3  1 
ATOM   291 N N    . ASN A 1 19 ? 4.980   7.358   2.740   1.00 8.04  ? 60   ASN A N    1 
ATOM   292 C CA   . ASN A 1 19 ? 4.774   8.489   3.604   1.00 8.36  ? 60   ASN A CA   1 
ATOM   293 C C    . ASN A 1 19 ? 3.806   8.215   4.724   1.00 7.96  ? 60   ASN A C    1 
ATOM   294 O O    . ASN A 1 19 ? 3.766   8.990   5.687   1.00 9.59  ? 60   ASN A O    1 
ATOM   295 C CB   . ASN A 1 19 ? 4.244   9.655   2.735   1.00 9.49  ? 60   ASN A CB   1 
ATOM   296 C CG   . ASN A 1 19 ? 4.015   10.879  3.524   1.00 9.86  ? 60   ASN A CG   1 
ATOM   297 O OD1  . ASN A 1 19 ? 4.974   11.517  4.069   1.00 12.78 ? 60   ASN A OD1  1 
ATOM   298 N ND2  . ASN A 1 19 ? 2.871   11.308  3.663   1.00 11.82 ? 60   ASN A ND2  1 
ATOM   299 H H    . ASN A 1 19 ? 4.559   7.331   1.990   1.00 9.65  ? 60   ASN A H    1 
ATOM   300 H HA   . ASN A 1 19 ? 5.636   8.752   3.989   1.00 10.04 ? 60   ASN A HA   1 
ATOM   301 H HB2  . ASN A 1 19 ? 4.885   9.844   2.032   1.00 11.39 ? 60   ASN A HB2  1 
ATOM   302 H HB3  . ASN A 1 19 ? 3.411   9.386   2.316   1.00 11.39 ? 60   ASN A HB3  1 
ATOM   303 H HD21 . ASN A 1 19 ? 2.732   12.022  4.121   1.00 14.18 ? 60   ASN A HD21 1 
ATOM   304 H HD22 . ASN A 1 19 ? 2.210   10.893  3.303   1.00 14.18 ? 60   ASN A HD22 1 
ATOM   305 N N    . LEU A 1 20 ? 3.023   7.155   4.639   1.00 8.10  ? 61   LEU A N    1 
ATOM   306 C CA   . LEU A 1 20 ? 2.134   6.816   5.726   1.00 8.72  ? 61   LEU A CA   1 
ATOM   307 C C    . LEU A 1 20 ? 2.895   6.330   6.944   1.00 8.85  ? 61   LEU A C    1 
ATOM   308 O O    . LEU A 1 20 ? 3.965   5.758   6.806   1.00 10.04 ? 61   LEU A O    1 
ATOM   309 C CB   . LEU A 1 20 ? 1.181   5.694   5.315   1.00 9.46  ? 61   LEU A CB   1 
ATOM   310 C CG   . LEU A 1 20 ? 0.162   6.062   4.239   1.00 9.90  ? 61   LEU A CG   1 
ATOM   311 C CD1  . LEU A 1 20 ? -0.535  4.773   3.757   1.00 12.62 ? 61   LEU A CD1  1 
ATOM   312 C CD2  . LEU A 1 20 ? -0.806  7.097   4.756   1.00 13.16 ? 61   LEU A CD2  1 
ATOM   313 H H    . LEU A 1 20 ? 3.044   6.664   3.934   1.00 9.72  ? 61   LEU A H    1 
ATOM   314 H HA   . LEU A 1 20 ? 1.611   7.608   5.970   1.00 10.46 ? 61   LEU A HA   1 
ATOM   315 H HB2  . LEU A 1 20 ? 1.708   4.945   4.995   1.00 11.35 ? 61   LEU A HB2  1 
ATOM   316 H HB3  . LEU A 1 20 ? 0.700   5.396   6.104   1.00 11.35 ? 61   LEU A HB3  1 
ATOM   317 H HG   . LEU A 1 20 ? 0.645   6.449   3.480   1.00 11.88 ? 61   LEU A HG   1 
ATOM   318 H HD11 . LEU A 1 20 ? 0.127   4.144   3.460   1.00 18.93 ? 61   LEU A HD11 1 
ATOM   319 H HD12 . LEU A 1 20 ? -1.127  4.982   3.031   1.00 18.93 ? 61   LEU A HD12 1 
ATOM   320 H HD13 . LEU A 1 20 ? -1.038  4.391   4.480   1.00 18.93 ? 61   LEU A HD13 1 
ATOM   321 H HD21 . LEU A 1 20 ? -1.438  7.316   4.067   1.00 19.74 ? 61   LEU A HD21 1 
ATOM   322 H HD22 . LEU A 1 20 ? -0.324  7.887   5.010   1.00 19.74 ? 61   LEU A HD22 1 
ATOM   323 H HD23 . LEU A 1 20 ? -1.272  6.748   5.518   1.00 19.74 ? 61   LEU A HD23 1 
ATOM   324 N N    . PRO A 1 21 ? 2.351   6.527   8.130   1.00 9.88  ? 62   PRO A N    1 
ATOM   325 C CA   . PRO A 1 21 ? 2.988   5.929   9.303   1.00 11.40 ? 62   PRO A CA   1 
ATOM   326 C C    . PRO A 1 21 ? 2.996   4.409   9.120   1.00 10.97 ? 62   PRO A C    1 
ATOM   327 O O    . PRO A 1 21 ? 2.090   3.823   8.496   1.00 9.70  ? 62   PRO A O    1 
ATOM   328 C CB   . PRO A 1 21 ? 2.112   6.315   10.462  1.00 14.11 ? 62   PRO A CB   1 
ATOM   329 C CG   . PRO A 1 21 ? 0.818   6.703   9.844   1.00 17.11 ? 62   PRO A CG   1 
ATOM   330 C CD   . PRO A 1 21 ? 1.135   7.272   8.476   1.00 11.28 ? 62   PRO A CD   1 
ATOM   331 H HA   . PRO A 1 21 ? 3.898   6.273   9.421   1.00 13.68 ? 62   PRO A HA   1 
ATOM   332 H HB2  . PRO A 1 21 ? 1.994   5.566   11.068  1.00 16.94 ? 62   PRO A HB2  1 
ATOM   333 H HB3  . PRO A 1 21 ? 2.496   7.058   10.952  1.00 16.94 ? 62   PRO A HB3  1 
ATOM   334 H HG2  . PRO A 1 21 ? 0.238   5.929   9.762   1.00 20.53 ? 62   PRO A HG2  1 
ATOM   335 H HG3  . PRO A 1 21 ? 0.369   7.368   10.390  1.00 20.53 ? 62   PRO A HG3  1 
ATOM   336 H HD2  . PRO A 1 21 ? 0.421   7.097   7.844   1.00 13.53 ? 62   PRO A HD2  1 
ATOM   337 H HD3  . PRO A 1 21 ? 1.302   8.226   8.517   1.00 13.53 ? 62   PRO A HD3  1 
ATOM   338 N N    . LEU A 1 22 ? 4.037   3.766   9.680   1.00 11.41 ? 63   LEU A N    1 
ATOM   339 C CA   . LEU A 1 22 ? 4.186   2.330   9.615   1.00 10.63 ? 63   LEU A CA   1 
ATOM   340 C C    . LEU A 1 22 ? 2.891   1.634   10.069  1.00 8.73  ? 63   LEU A C    1 
ATOM   341 O O    . LEU A 1 22 ? 2.495   0.652   9.449   1.00 10.15 ? 63   LEU A O    1 
ATOM   342 C CB   . LEU A 1 22 ? 5.354   1.858   10.468  1.00 11.23 ? 63   LEU A CB   1 
ATOM   343 C CG   . LEU A 1 22 ? 5.547   0.346   10.493  1.00 11.68 ? 63   LEU A CG   1 
ATOM   344 C CD1  . LEU A 1 22 ? 5.807   -0.222  9.101   1.00 12.45 ? 63   LEU A CD1  1 
ATOM   345 C CD2  . LEU A 1 22 ? 6.682   -0.030  11.473  1.00 14.00 ? 63   LEU A CD2  1 
ATOM   346 H H    . LEU A 1 22 ? 4.635   4.225   10.093  1.00 13.70 ? 63   LEU A H    1 
ATOM   347 H HA   . LEU A 1 22 ? 4.361   2.079   8.683   1.00 12.75 ? 63   LEU A HA   1 
ATOM   348 H HB2  . LEU A 1 22 ? 6.167   2.269   10.136  1.00 13.47 ? 63   LEU A HB2  1 
ATOM   349 H HB3  . LEU A 1 22 ? 5.218   2.168   11.377  1.00 13.47 ? 63   LEU A HB3  1 
ATOM   350 H HG   . LEU A 1 22 ? 4.719   -0.055  10.829  1.00 14.02 ? 63   LEU A HG   1 
ATOM   351 H HD11 . LEU A 1 22 ? 5.945   -1.170  9.162   1.00 18.67 ? 63   LEU A HD11 1 
ATOM   352 H HD12 . LEU A 1 22 ? 6.589   0.192   8.727   1.00 18.67 ? 63   LEU A HD12 1 
ATOM   353 H HD13 . LEU A 1 22 ? 5.051   -0.044  8.537   1.00 18.67 ? 63   LEU A HD13 1 
ATOM   354 H HD21 . LEU A 1 22 ? 6.500   0.353   12.335  1.00 20.99 ? 63   LEU A HD21 1 
ATOM   355 H HD22 . LEU A 1 22 ? 7.516   0.310   11.142  1.00 20.99 ? 63   LEU A HD22 1 
ATOM   356 H HD23 . LEU A 1 22 ? 6.734   -0.985  11.552  1.00 20.99 ? 63   LEU A HD23 1 
ATOM   357 N N    . TRP A 1 23 ? 2.223   2.114   11.122  1.00 10.25 ? 64   TRP A N    1 
ATOM   358 C CA   . TRP A 1 23 ? 1.045   1.413   11.642  1.00 9.36  ? 64   TRP A CA   1 
ATOM   359 C C    . TRP A 1 23 ? -0.017  1.330   10.534  1.00 8.81  ? 64   TRP A C    1 
ATOM   360 O O    . TRP A 1 23 ? -0.746  0.339   10.406  1.00 9.33  ? 64   TRP A O    1 
ATOM   361 C CB   . TRP A 1 23 ? 0.433   2.059   12.859  1.00 10.03 ? 64   TRP A CB   1 
ATOM   362 C CG   . TRP A 1 23 ? -0.197  3.404   12.789  1.00 10.05 ? 64   TRP A CG   1 
ATOM   363 C CD1  . TRP A 1 23 ? 0.412   4.593   13.077  1.00 10.93 ? 64   TRP A CD1  1 
ATOM   364 C CD2  . TRP A 1 23 ? -1.577  3.698   12.402  1.00 9.46  ? 64   TRP A CD2  1 
ATOM   365 N NE1  . TRP A 1 23 ? -0.490  5.544   12.891  1.00 11.34 ? 64   TRP A NE1  1 
ATOM   366 C CE2  . TRP A 1 23 ? -1.697  5.107   12.492  1.00 10.21 ? 64   TRP A CE2  1 
ATOM   367 C CE3  . TRP A 1 23 ? -2.639  2.909   12.015  1.00 11.22 ? 64   TRP A CE3  1 
ATOM   368 C CZ2  . TRP A 1 23 ? -2.902  5.723   12.187  1.00 12.27 ? 64   TRP A CZ2  1 
ATOM   369 C CZ3  . TRP A 1 23 ? -3.853  3.567   11.711  1.00 11.88 ? 64   TRP A CZ3  1 
ATOM   370 C CH2  . TRP A 1 23 ? -3.959  4.951   11.803  1.00 12.65 ? 64   TRP A CH2  1 
ATOM   371 H H    . TRP A 1 23 ? 2.486   2.842   11.499  1.00 12.31 ? 64   TRP A H    1 
ATOM   372 H HA   . TRP A 1 23 ? 1.312   0.500   11.880  1.00 11.23 ? 64   TRP A HA   1 
ATOM   373 H HB2  . TRP A 1 23 ? -0.241  1.448   13.194  1.00 12.04 ? 64   TRP A HB2  1 
ATOM   374 H HB3  . TRP A 1 23 ? 1.129   2.107   13.533  1.00 12.04 ? 64   TRP A HB3  1 
ATOM   375 H HD1  . TRP A 1 23 ? 1.292   4.712   13.351  1.00 13.11 ? 64   TRP A HD1  1 
ATOM   376 H HE1  . TRP A 1 23 ? -0.317  6.378   13.017  1.00 13.60 ? 64   TRP A HE1  1 
ATOM   377 H HE3  . TRP A 1 23 ? -2.561  1.984   11.957  1.00 13.46 ? 64   TRP A HE3  1 
ATOM   378 H HZ2  . TRP A 1 23 ? -2.986  6.647   12.243  1.00 14.72 ? 64   TRP A HZ2  1 
ATOM   379 H HZ3  . TRP A 1 23 ? -4.590  3.067   11.445  1.00 14.25 ? 64   TRP A HZ3  1 
ATOM   380 H HH2  . TRP A 1 23 ? -4.769  5.359   11.599  1.00 15.18 ? 64   TRP A HH2  1 
HETATM 381 N N    . NLE A 1 24 ? -0.131  2.367   9.712   1.00 9.18  ? 65   NLE A N    1 
HETATM 382 C CA   . NLE A 1 24 ? -1.143  2.375   8.650   1.00 8.80  ? 65   NLE A CA   1 
HETATM 383 C C    . NLE A 1 24 ? -0.665  1.539   7.447   1.00 8.27  ? 65   NLE A C    1 
HETATM 384 O O    . NLE A 1 24 ? -1.491  0.857   6.811   1.00 8.54  ? 65   NLE A O    1 
HETATM 385 C CB   . NLE A 1 24 ? -1.484  3.802   8.254   1.00 8.64  ? 65   NLE A CB   1 
HETATM 386 C CG   . NLE A 1 24 ? -2.617  3.861   7.236   1.00 8.91  ? 65   NLE A CG   1 
HETATM 387 C CD   . NLE A 1 24 ? -3.932  3.266   7.744   1.00 9.51  ? 65   NLE A CD   1 
HETATM 388 C CE   . NLE A 1 24 ? -5.059  3.526   6.767   1.00 10.13 ? 65   NLE A CE   1 
HETATM 389 H H    . NLE A 1 24 ? 0.394   3.041   9.804   1.00 11.02 ? 65   NLE A H    1 
HETATM 390 H HA   . NLE A 1 24 ? -1.955  1.957   9.005   1.00 10.56 ? 65   NLE A HA   1 
HETATM 391 H HB2  . NLE A 1 24 ? -0.696  4.226   7.878   1.00 10.37 ? 65   NLE A HB2  1 
HETATM 392 H HB3  . NLE A 1 24 ? -1.741  4.300   9.046   1.00 10.37 ? 65   NLE A HB3  1 
HETATM 393 H HG2  . NLE A 1 24 ? -2.346  3.382   6.437   1.00 10.69 ? 65   NLE A HG2  1 
HETATM 394 H HG3  . NLE A 1 24 ? -2.767  4.786   6.988   1.00 10.69 ? 65   NLE A HG3  1 
HETATM 395 H HD2  . NLE A 1 24 ? -3.827  2.310   7.870   1.00 11.41 ? 65   NLE A HD2  1 
HETATM 396 H HD3  . NLE A 1 24 ? -4.153  3.659   8.603   1.00 11.41 ? 65   NLE A HD3  1 
ATOM   397 N N    . GLN A 1 25 ? 0.630   1.581   7.127   1.00 8.34  ? 66   GLN A N    1 
ATOM   398 C CA   . GLN A 1 25 ? 1.168   0.708   6.095   1.00 8.45  ? 66   GLN A CA   1 
ATOM   399 C C    . GLN A 1 25 ? 0.819   -0.755  6.401   1.00 8.75  ? 66   GLN A C    1 
ATOM   400 O O    . GLN A 1 25 ? 0.341   -1.530  5.557   1.00 9.26  ? 66   GLN A O    1 
ATOM   401 C CB   . GLN A 1 25 ? 2.672   0.841   5.961   1.00 8.70  ? 66   GLN A CB   1 
ATOM   402 C CG   . GLN A 1 25 ? 3.152   2.200   5.496   1.00 8.57  ? 66   GLN A CG   1 
ATOM   403 C CD   . GLN A 1 25 ? 4.633   2.283   5.458   1.00 10.11 ? 66   GLN A CD   1 
ATOM   404 O OE1  . GLN A 1 25 ? 5.328   1.282   5.287   1.00 14.79 ? 66   GLN A OE1  1 
ATOM   405 N NE2  . GLN A 1 25 ? 5.159   3.465   5.624   1.00 10.36 ? 66   GLN A NE2  1 
ATOM   406 H H    . GLN A 1 25 ? 1.152   2.129   7.535   1.00 10.00 ? 66   GLN A H    1 
ATOM   407 H HA   . GLN A 1 25 ? 0.758   0.953   5.239   1.00 10.14 ? 66   GLN A HA   1 
ATOM   408 H HB2  . GLN A 1 25 ? 3.077   0.649   6.822   1.00 10.44 ? 66   GLN A HB2  1 
ATOM   409 H HB3  . GLN A 1 25 ? 2.986   0.171   5.334   1.00 10.44 ? 66   GLN A HB3  1 
ATOM   410 H HG2  . GLN A 1 25 ? 2.799   2.376   4.610   1.00 10.29 ? 66   GLN A HG2  1 
ATOM   411 H HG3  . GLN A 1 25 ? 2.810   2.881   6.095   1.00 10.29 ? 66   GLN A HG3  1 
ATOM   412 H HE21 . GLN A 1 25 ? 6.014   3.561   5.617   1.00 12.43 ? 66   GLN A HE21 1 
ATOM   413 H HE22 . GLN A 1 25 ? 4.650   4.149   5.742   1.00 12.43 ? 66   GLN A HE22 1 
ATOM   414 N N    . GLN A 1 26 ? 1.066   -1.167  7.658   1.00 9.28  ? 67   GLN A N    1 
ATOM   415 C CA   . GLN A 1 26 ? 0.795   -2.550  8.060   1.00 9.65  ? 67   GLN A CA   1 
ATOM   416 C C    . GLN A 1 26 ? -0.715  -2.807  8.116   1.00 8.93  ? 67   GLN A C    1 
ATOM   417 O O    . GLN A 1 26 ? -1.118  -3.929  7.714   1.00 10.55 ? 67   GLN A O    1 
ATOM   418 C CB   A GLN A 1 26 ? 1.442   -2.893  9.412   0.50 11.67 ? 67   GLN A CB   1 
ATOM   419 C CB   B GLN A 1 26 ? 1.444   -2.791  9.373   0.50 10.99 ? 67   GLN A CB   1 
ATOM   420 C CG   A GLN A 1 26 ? 2.887   -2.542  9.663   0.50 11.97 ? 67   GLN A CG   1 
ATOM   421 C CG   B GLN A 1 26 ? 2.957   -2.578  9.236   0.50 13.32 ? 67   GLN A CG   1 
ATOM   422 C CD   A GLN A 1 26 ? 3.790   -3.358  8.776   0.50 13.22 ? 67   GLN A CD   1 
ATOM   423 C CD   B GLN A 1 26 ? 3.685   -3.395  10.268  0.50 13.82 ? 67   GLN A CD   1 
ATOM   424 O OE1  A GLN A 1 26 ? 3.975   -3.028  7.611   0.50 17.74 ? 67   GLN A OE1  1 
ATOM   425 O OE1  B GLN A 1 26 ? 4.800   -3.820  10.084  0.50 16.27 ? 67   GLN A OE1  1 
ATOM   426 N NE2  A GLN A 1 26 ? 4.374   -4.431  9.285   0.50 19.10 ? 67   GLN A NE2  1 
ATOM   427 N NE2  B GLN A 1 26 ? 2.973   -3.579  11.355  0.50 17.90 ? 67   GLN A NE2  1 
ATOM   428 H H    . GLN A 1 26 ? 1.387   -0.613  8.232   1.00 11.14 ? 67   GLN A H    1 
ATOM   429 H HA   A GLN A 1 26 ? 1.180   -3.144  7.382   1.00 11.58 ? 67   GLN A HA   1 
ATOM   430 H HB2  A GLN A 1 26 ? 0.915   -2.461  10.103  0.50 14.00 ? 67   GLN A HB2  1 
ATOM   431 H HB2  B GLN A 1 26 ? 1.084   -2.180  10.035  0.50 13.19 ? 67   GLN A HB2  1 
ATOM   432 H HB3  A GLN A 1 26 ? 1.349   -3.850  9.543   0.50 14.00 ? 67   GLN A HB3  1 
ATOM   433 H HB3  B GLN A 1 26 ? 1.264   -3.698  9.668   0.50 13.19 ? 67   GLN A HB3  1 
ATOM   434 H HG2  A GLN A 1 26 ? 3.028   -1.598  9.486   0.50 14.37 ? 67   GLN A HG2  1 
ATOM   435 H HG2  B GLN A 1 26 ? 3.243   -2.841  8.348   0.50 15.98 ? 67   GLN A HG2  1 
ATOM   436 H HG3  A GLN A 1 26 ? 3.106   -2.711  10.592  0.50 14.37 ? 67   GLN A HG3  1 
ATOM   437 H HG3  B GLN A 1 26 ? 3.165   -1.638  9.357   0.50 15.98 ? 67   GLN A HG3  1 
ATOM   438 H HE21 A GLN A 1 26 ? 4.894   -4.911  8.796   0.50 22.92 ? 67   GLN A HE21 1 
ATOM   439 H HE21 B GLN A 1 26 ? 3.297   -4.034  12.009  0.50 21.48 ? 67   GLN A HE21 1 
ATOM   440 H HE22 A GLN A 1 26 ? 4.234   -4.650  10.105  0.50 22.92 ? 67   GLN A HE22 1 
ATOM   441 H HE22 B GLN A 1 26 ? 2.183   -3.244  11.412  0.50 21.48 ? 67   GLN A HE22 1 
ATOM   442 N N    . HIS A 1 27 ? -1.503  -1.881  8.572   1.00 9.69  ? 68   HIS A N    1 
ATOM   443 C CA   . HIS A 1 27 ? -2.970  -1.987  8.546   1.00 9.54  ? 68   HIS A CA   1 
ATOM   444 C C    . HIS A 1 27 ? -3.417  -2.324  7.097   1.00 9.17  ? 68   HIS A C    1 
ATOM   445 O O    . HIS A 1 27 ? -4.223  -3.239  6.871   1.00 10.94 ? 68   HIS A O    1 
ATOM   446 C CB   . HIS A 1 27 ? -3.564  -0.729  9.073   1.00 10.51 ? 68   HIS A CB   1 
ATOM   447 C CG   . HIS A 1 27 ? -5.044  -0.548  8.959   1.00 12.83 ? 68   HIS A CG   1 
ATOM   448 N ND1  . HIS A 1 27 ? -5.789  -0.346  7.867   1.00 17.12 ? 68   HIS A ND1  1 
ATOM   449 C CD2  . HIS A 1 27 ? -5.844  -0.559  10.013  1.00 18.70 ? 68   HIS A CD2  1 
ATOM   450 C CE1  . HIS A 1 27 ? -7.057  -0.236  8.229   1.00 19.08 ? 68   HIS A CE1  1 
ATOM   451 N NE2  . HIS A 1 27 ? -7.135  -0.363  9.557   1.00 21.70 ? 68   HIS A NE2  1 
ATOM   452 H H    . HIS A 1 27 ? -1.149  -1.171  8.905   1.00 11.63 ? 68   HIS A H    1 
ATOM   453 H HA   . HIS A 1 27 ? -3.238  -2.725  9.133   1.00 11.45 ? 68   HIS A HA   1 
ATOM   454 H HB2  . HIS A 1 27 ? -3.328  -0.660  10.011  1.00 12.62 ? 68   HIS A HB2  1 
ATOM   455 H HB3  . HIS A 1 27 ? -3.138  0.013   8.616   1.00 12.62 ? 68   HIS A HB3  1 
ATOM   456 H HD1  . HIS A 1 27 ? -5.492  -0.295  7.061   1.00 20.55 ? 68   HIS A HD1  1 
ATOM   457 H HD2  . HIS A 1 27 ? -5.586  -0.677  10.899  1.00 22.44 ? 68   HIS A HD2  1 
ATOM   458 H HE1  . HIS A 1 27 ? -7.774  -0.094  7.654   1.00 22.90 ? 68   HIS A HE1  1 
ATOM   459 N N    . LEU A 1 28 ? -2.903  -1.582  6.107   1.00 9.14  ? 69   LEU A N    1 
ATOM   460 C CA   . LEU A 1 28 ? -3.349  -1.742  4.732   1.00 8.82  ? 69   LEU A CA   1 
ATOM   461 C C    . LEU A 1 28 ? -2.889  -3.039  4.136   1.00 9.25  ? 69   LEU A C    1 
ATOM   462 O O    . LEU A 1 28 ? -3.646  -3.702  3.403   1.00 9.96  ? 69   LEU A O    1 
ATOM   463 C CB   . LEU A 1 28 ? -2.827  -0.597  3.849   1.00 8.70  ? 69   LEU A CB   1 
ATOM   464 C CG   . LEU A 1 28 ? -3.503  0.751   4.108   1.00 8.85  ? 69   LEU A CG   1 
ATOM   465 C CD1  . LEU A 1 28 ? -2.789  1.846   3.379   1.00 11.17 ? 69   LEU A CD1  1 
ATOM   466 C CD2  . LEU A 1 28 ? -4.992  0.676   3.712   1.00 14.88 ? 69   LEU A CD2  1 
ATOM   467 H H    . LEU A 1 28 ? -2.297  -0.998  6.288   1.00 10.97 ? 69   LEU A H    1 
ATOM   468 H HA   . LEU A 1 28 ? -4.328  -1.724  4.718   1.00 10.58 ? 69   LEU A HA   1 
ATOM   469 H HB2  . LEU A 1 28 ? -1.873  -0.500  3.997   1.00 10.44 ? 69   LEU A HB2  1 
ATOM   470 H HB3  . LEU A 1 28 ? -2.957  -0.836  2.918   1.00 10.44 ? 69   LEU A HB3  1 
ATOM   471 H HG   . LEU A 1 28 ? -3.452  0.939   5.068   1.00 10.62 ? 69   LEU A HG   1 
ATOM   472 H HD11 . LEU A 1 28 ? -1.869  1.865   3.651   1.00 16.76 ? 69   LEU A HD11 1 
ATOM   473 H HD12 . LEU A 1 28 ? -3.201  2.689   3.585   1.00 16.76 ? 69   LEU A HD12 1 
ATOM   474 H HD13 . LEU A 1 28 ? -2.840  1.688   2.434   1.00 16.76 ? 69   LEU A HD13 1 
ATOM   475 H HD21 . LEU A 1 28 ? -5.416  -0.035  4.196   1.00 22.32 ? 69   LEU A HD21 1 
ATOM   476 H HD22 . LEU A 1 28 ? -5.064  0.509   2.769   1.00 22.32 ? 69   LEU A HD22 1 
ATOM   477 H HD23 . LEU A 1 28 ? -5.422  1.508   3.923   1.00 22.32 ? 69   LEU A HD23 1 
ATOM   478 N N    . LYS A 1 29 ? -1.641  -3.452  4.419   1.00 9.73  ? 70   LYS A N    1 
ATOM   479 C CA   . LYS A 1 29 ? -1.199  -4.748  3.932   1.00 10.31 ? 70   LYS A CA   1 
ATOM   480 C C    . LYS A 1 29 ? -2.086  -5.876  4.459   1.00 10.28 ? 70   LYS A C    1 
ATOM   481 O O    . LYS A 1 29 ? -2.501  -6.741  3.680   1.00 11.23 ? 70   LYS A O    1 
ATOM   482 C CB   . LYS A 1 29 ? 0.260   -4.970  4.330   1.00 11.37 ? 70   LYS A CB   1 
ATOM   483 C CG   . LYS A 1 29 ? 1.223   -4.081  3.533   1.00 13.44 ? 70   LYS A CG   1 
ATOM   484 C CD   . LYS A 1 29 ? 2.658   -4.141  4.011   1.00 17.51 ? 70   LYS A CD   1 
ATOM   485 C CE   . LYS A 1 29 ? 3.550   -3.462  2.993   1.00 20.28 ? 70   LYS A CE   1 
ATOM   486 N NZ   . LYS A 1 29 ? 4.941   -3.453  3.547   1.00 24.14 ? 70   LYS A NZ   1 
ATOM   487 H H    . LYS A 1 29 ? -1.111  -2.957  4.881   1.00 11.68 ? 70   LYS A H    1 
ATOM   488 H HA   . LYS A 1 29 ? -1.253  -4.745  2.953   1.00 12.38 ? 70   LYS A HA   1 
ATOM   489 H HB2  . LYS A 1 29 ? 0.363   -4.782  5.276   1.00 13.65 ? 70   LYS A HB2  1 
ATOM   490 H HB3  . LYS A 1 29 ? 0.491   -5.900  4.184   1.00 13.65 ? 70   LYS A HB3  1 
ATOM   491 H HG2  . LYS A 1 29 ? 1.194   -4.348  2.600   1.00 16.12 ? 70   LYS A HG2  1 
ATOM   492 H HG3  . LYS A 1 29 ? 0.915   -3.162  3.585   1.00 16.12 ? 70   LYS A HG3  1 
ATOM   493 H HD2  . LYS A 1 29 ? 2.738   -3.696  4.869   1.00 21.02 ? 70   LYS A HD2  1 
ATOM   494 H HD3  . LYS A 1 29 ? 2.930   -5.066  4.122   1.00 21.02 ? 70   LYS A HD3  1 
ATOM   495 H HE2  . LYS A 1 29 ? 3.527   -3.946  2.152   1.00 24.33 ? 70   LYS A HE2  1 
ATOM   496 H HE3  . LYS A 1 29 ? 3.246   -2.555  2.834   1.00 24.33 ? 70   LYS A HE3  1 
ATOM   497 H HZ1  . LYS A 1 29 ? 5.497   -3.103  2.947   1.00 36.20 ? 70   LYS A HZ1  1 
ATOM   498 H HZ2  . LYS A 1 29 ? 5.192   -4.286  3.734   1.00 36.20 ? 70   LYS A HZ2  1 
ATOM   499 H HZ3  . LYS A 1 29 ? 4.961   -2.964  4.291   1.00 36.20 ? 70   LYS A HZ3  1 
ATOM   500 N N    . LYS A 1 30 ? -2.383  -5.863  5.760   1.00 10.84 ? 71   LYS A N    1 
ATOM   501 C CA   . LYS A 1 30 ? -3.244  -6.935  6.271   1.00 12.42 ? 71   LYS A CA   1 
ATOM   502 C C    . LYS A 1 30 ? -4.594  -6.890  5.620   1.00 12.19 ? 71   LYS A C    1 
ATOM   503 O O    . LYS A 1 30 ? -5.143  -7.931  5.227   1.00 15.79 ? 71   LYS A O    1 
ATOM   504 C CB   . LYS A 1 30 ? -3.383  -6.808  7.790   1.00 12.36 ? 71   LYS A CB   1 
ATOM   505 C CG   . LYS A 1 30 ? -2.150  -7.083  8.562   1.00 11.41 ? 71   LYS A CG   1 
ATOM   506 C CD   . LYS A 1 30 ? -2.278  -7.079  10.065  1.00 12.44 ? 71   LYS A CD   1 
ATOM   507 C CE   . LYS A 1 30 ? -0.965  -7.308  10.770  1.00 12.77 ? 71   LYS A CE   1 
ATOM   508 N NZ   . LYS A 1 30 ? -0.127  -6.101  10.639  1.00 12.42 ? 71   LYS A NZ   1 
ATOM   509 H H    . LYS A 1 30 ? -2.081  -5.249  6.281   1.00 13.01 ? 71   LYS A H    1 
ATOM   510 H HA   . LYS A 1 30 ? -2.825  -7.797  6.067   1.00 14.90 ? 71   LYS A HA   1 
ATOM   511 H HB2  . LYS A 1 30 ? -3.681  -5.908  7.997   1.00 14.83 ? 71   LYS A HB2  1 
ATOM   512 H HB3  . LYS A 1 30 ? -4.075  -7.419  8.087   1.00 14.83 ? 71   LYS A HB3  1 
ATOM   513 H HG2  . LYS A 1 30 ? -1.812  -7.950  8.291   1.00 13.70 ? 71   LYS A HG2  1 
ATOM   514 H HG3  . LYS A 1 30 ? -1.485  -6.422  8.315   1.00 13.70 ? 71   LYS A HG3  1 
ATOM   515 H HD2  . LYS A 1 30 ? -2.643  -6.227  10.349  1.00 14.93 ? 71   LYS A HD2  1 
ATOM   516 H HD3  . LYS A 1 30 ? -2.903  -7.772  10.331  1.00 14.93 ? 71   LYS A HD3  1 
ATOM   517 H HE2  . LYS A 1 30 ? -1.124  -7.498  11.708  1.00 15.32 ? 71   LYS A HE2  1 
ATOM   518 H HE3  . LYS A 1 30 ? -0.510  -8.069  10.378  1.00 15.32 ? 71   LYS A HE3  1 
ATOM   519 H HZ1  . LYS A 1 30 ? 0.644   -6.227  11.065  1.00 18.63 ? 71   LYS A HZ1  1 
ATOM   520 H HZ2  . LYS A 1 30 ? -0.551  -5.404  10.995  1.00 18.63 ? 71   LYS A HZ2  1 
ATOM   521 H HZ3  . LYS A 1 30 ? 0.032   -5.942  9.777   1.00 18.63 ? 71   LYS A HZ3  1 
ATOM   522 N N    . GLU A 1 31 ? -5.148  -5.686  5.495   1.00 12.42 ? 72   GLU A N    1 
ATOM   523 C CA   . GLU A 1 31 ? -6.492  -5.446  4.977   1.00 12.75 ? 72   GLU A CA   1 
ATOM   524 C C    . GLU A 1 31 ? -6.631  -6.025  3.582   1.00 11.66 ? 72   GLU A C    1 
ATOM   525 O O    . GLU A 1 31 ? -7.683  -6.654  3.271   1.00 13.42 ? 72   GLU A O    1 
ATOM   526 C CB   . GLU A 1 31 ? -6.838  -3.948  4.958   1.00 15.30 ? 72   GLU A CB   1 
ATOM   527 C CG   . GLU A 1 31 ? -8.303  -3.676  4.750   1.00 23.31 ? 72   GLU A CG   1 
ATOM   528 C CD   . GLU A 1 31 ? -8.644  -2.236  4.461   1.00 30.24 ? 72   GLU A CD   1 
ATOM   529 O OE1  . GLU A 1 31 ? -7.726  -1.405  4.343   1.00 39.13 ? 72   GLU A OE1  1 
ATOM   530 O OE2  . GLU A 1 31 ? -9.868  -2.015  4.366   1.00 41.28 ? 72   GLU A OE2  1 
ATOM   531 H H    . GLU A 1 31 ? -4.683  -5.004  5.736   1.00 14.91 ? 72   GLU A H    1 
ATOM   532 H HA   . GLU A 1 31 ? -7.133  -5.901  5.563   1.00 15.30 ? 72   GLU A HA   1 
ATOM   533 H HB2  . GLU A 1 31 ? -6.561  -3.552  5.799   1.00 18.36 ? 72   GLU A HB2  1 
ATOM   534 H HB3  . GLU A 1 31 ? -6.335  -3.519  4.248   1.00 18.36 ? 72   GLU A HB3  1 
ATOM   535 H HG2  . GLU A 1 31 ? -8.617  -4.223  4.013   1.00 27.97 ? 72   GLU A HG2  1 
ATOM   536 H HG3  . GLU A 1 31 ? -8.785  -3.955  5.545   1.00 27.97 ? 72   GLU A HG3  1 
ATOM   537 N N    . LYS A 1 32 ? -5.618  -5.840  2.733   1.00 10.49 ? 73   LYS A N    1 
ATOM   538 C CA   . LYS A 1 32 ? -5.689  -6.258  1.360   1.00 10.54 ? 73   LYS A CA   1 
ATOM   539 C C    . LYS A 1 32 ? -5.183  -7.687  1.200   1.00 10.79 ? 73   LYS A C    1 
ATOM   540 O O    . LYS A 1 32 ? -5.229  -8.216  0.101   1.00 12.57 ? 73   LYS A O    1 
ATOM   541 C CB   . LYS A 1 32 ? -4.887  -5.290  0.473   1.00 11.77 ? 73   LYS A CB   1 
ATOM   542 C CG   . LYS A 1 32 ? -5.316  -3.837  0.575   1.00 12.64 ? 73   LYS A CG   1 
ATOM   543 C CD   . LYS A 1 32 ? -6.737  -3.565  0.182   1.00 12.01 ? 73   LYS A CD   1 
ATOM   544 C CE   . LYS A 1 32 ? -6.981  -2.063  0.144   1.00 13.14 ? 73   LYS A CE   1 
ATOM   545 N NZ   . LYS A 1 32 ? -8.369  -1.691  -0.055  1.00 15.15 ? 73   LYS A NZ   1 
ATOM   546 H H    . LYS A 1 32 ? -4.901  -5.459  3.017   1.00 12.59 ? 73   LYS A H    1 
ATOM   547 H HA   . LYS A 1 32 ? -6.627  -6.230  1.078   1.00 12.64 ? 73   LYS A HA   1 
ATOM   548 H HB2  . LYS A 1 32 ? -3.949  -5.353  0.715   1.00 14.13 ? 73   LYS A HB2  1 
ATOM   549 H HB3  . LYS A 1 32 ? -4.972  -5.573  -0.450  1.00 14.13 ? 73   LYS A HB3  1 
ATOM   550 H HG2  . LYS A 1 32 ? -5.188  -3.541  1.490   1.00 15.17 ? 73   LYS A HG2  1 
ATOM   551 H HG3  . LYS A 1 32 ? -4.733  -3.303  0.012   1.00 15.17 ? 73   LYS A HG3  1 
ATOM   552 H HD2  . LYS A 1 32 ? -6.913  -3.948  -0.692  1.00 14.41 ? 73   LYS A HD2  1 
ATOM   553 H HD3  . LYS A 1 32 ? -7.337  -3.979  0.821   1.00 14.41 ? 73   LYS A HD3  1 
ATOM   554 H HE2  . LYS A 1 32 ? -6.672  -1.677  0.978   1.00 15.76 ? 73   LYS A HE2  1 
ATOM   555 H HE3  . LYS A 1 32 ? -6.451  -1.680  -0.571  1.00 15.76 ? 73   LYS A HE3  1 
ATOM   556 H HZ1  . LYS A 1 32 ? -8.441  -0.804  -0.053  1.00 22.73 ? 73   LYS A HZ1  1 
ATOM   557 H HZ2  . LYS A 1 32 ? -8.864  -2.031  0.602   1.00 22.73 ? 73   LYS A HZ2  1 
ATOM   558 H HZ3  . LYS A 1 32 ? -8.652  -2.010  -0.836  1.00 22.73 ? 73   LYS A HZ3  1 
ATOM   559 N N    . GLY A 1 33 ? -4.692  -8.347  2.250   1.00 12.51 ? 74   GLY A N    1 
ATOM   560 C CA   . GLY A 1 33 ? -4.224  -9.711  2.114   1.00 12.95 ? 74   GLY A CA   1 
ATOM   561 C C    . GLY A 1 33 ? -2.888  -9.866  1.433   1.00 12.45 ? 74   GLY A C    1 
ATOM   562 O O    . GLY A 1 33 ? -2.635  -10.900 0.788   1.00 14.13 ? 74   GLY A O    1 
ATOM   563 H H    . GLY A 1 33 ? -4.654  -7.959  3.016   1.00 15.01 ? 74   GLY A H    1 
ATOM   564 H HA2  . GLY A 1 33 ? -4.165  -10.105 2.998   1.00 15.54 ? 74   GLY A HA2  1 
ATOM   565 H HA3  . GLY A 1 33 ? -4.883  -10.215 1.613   1.00 15.54 ? 74   GLY A HA3  1 
ATOM   566 N N    . LEU A 1 34 ? -1.999  -8.894  1.540   1.00 12.85 ? 75   LEU A N    1 
ATOM   567 C CA   . LEU A 1 34 ? -0.714  -8.932  0.867   1.00 13.29 ? 75   LEU A CA   1 
ATOM   568 C C    . LEU A 1 34 ? 0.397   -8.798  1.909   1.00 12.65 ? 75   LEU A C    1 
ATOM   569 O O    . LEU A 1 34 ? 0.165   -8.467  3.082   1.00 13.68 ? 75   LEU A O    1 
ATOM   570 C CB   . LEU A 1 34 ? -0.650  -7.838  -0.178  1.00 15.08 ? 75   LEU A CB   1 
ATOM   571 C CG   . LEU A 1 34 ? -1.680  -7.933  -1.353  1.00 16.26 ? 75   LEU A CG   1 
ATOM   572 C CD1  . LEU A 1 34 ? -1.601  -6.740  -2.263  1.00 26.15 ? 75   LEU A CD1  1 
ATOM   573 C CD2  . LEU A 1 34 ? -1.461  -9.219  -2.123  1.00 18.89 ? 75   LEU A CD2  1 
ATOM   574 H H    . LEU A 1 34 ? -2.189  -8.212  2.029   1.00 15.42 ? 75   LEU A H    1 
ATOM   575 H HA   . LEU A 1 34 ? -0.621  -9.798  0.419   1.00 15.94 ? 75   LEU A HA   1 
ATOM   576 H HB2  . LEU A 1 34 ? -0.779  -6.985  0.268   1.00 18.10 ? 75   LEU A HB2  1 
ATOM   577 H HB3  . LEU A 1 34 ? 0.242   -7.833  -0.557  1.00 18.10 ? 75   LEU A HB3  1 
ATOM   578 H HG   . LEU A 1 34 ? -2.580  -7.961  -0.967  1.00 19.52 ? 75   LEU A HG   1 
ATOM   579 H HD11 . LEU A 1 34 ? -1.690  -5.937  -1.745  1.00 39.22 ? 75   LEU A HD11 1 
ATOM   580 H HD12 . LEU A 1 34 ? -2.308  -6.785  -2.911  1.00 39.22 ? 75   LEU A HD12 1 
ATOM   581 H HD13 . LEU A 1 34 ? -0.753  -6.738  -2.714  1.00 39.22 ? 75   LEU A HD13 1 
ATOM   582 H HD21 . LEU A 1 34 ? -1.581  -9.968  -1.536  1.00 28.33 ? 75   LEU A HD21 1 
ATOM   583 H HD22 . LEU A 1 34 ? -0.570  -9.230  -2.479  1.00 28.33 ? 75   LEU A HD22 1 
ATOM   584 H HD23 . LEU A 1 34 ? -2.094  -9.272  -2.842  1.00 28.33 ? 75   LEU A HD23 1 
ATOM   585 N N    . PHE A 1 35 ? 1.570   -9.071  1.409   1.00 17.04 ? 76   PHE A N    1 
ATOM   586 C CA   . PHE A 1 35 ? 2.809   -9.076  2.156   1.00 17.46 ? 76   PHE A CA   1 
ATOM   587 C C    . PHE A 1 35 ? 2.652   -10.006 3.327   1.00 19.25 ? 76   PHE A C    1 
ATOM   588 O O    . PHE A 1 35 ? 1.901   -11.000 3.273   1.00 29.05 ? 76   PHE A O    1 
ATOM   589 C CB   . PHE A 1 35 ? 3.141   -7.640  2.572   1.00 19.42 ? 76   PHE A CB   1 
ATOM   590 C CG   . PHE A 1 35 ? 3.359   -6.686  1.415   1.00 23.13 ? 76   PHE A CG   1 
ATOM   591 C CD1  . PHE A 1 35 ? 2.276   -6.187  0.688   1.00 25.81 ? 76   PHE A CD1  1 
ATOM   592 C CD2  . PHE A 1 35 ? 4.631   -6.302  1.071   1.00 26.98 ? 76   PHE A CD2  1 
ATOM   593 C CE1  . PHE A 1 35 ? 2.462   -5.319  -0.366  1.00 27.95 ? 76   PHE A CE1  1 
ATOM   594 C CE2  . PHE A 1 35 ? 4.865   -5.423  0.008   1.00 29.36 ? 76   PHE A CE2  1 
ATOM   595 C CZ   . PHE A 1 35 ? 3.763   -4.950  -0.688  1.00 30.76 ? 76   PHE A CZ   1 
ATOM   596 O OXT  . PHE A 1 35 ? 3.301   -9.745  4.361   1.00 27.00 ? 76   PHE A OXT  1 
ATOM   597 H H    . PHE A 1 35 ? 1.609   -9.263  0.572   1.00 20.45 ? 76   PHE A H    1 
ATOM   598 H HA   . PHE A 1 35 ? 3.526   -9.412  1.579   1.00 20.95 ? 76   PHE A HA   1 
ATOM   599 H HB2  . PHE A 1 35 ? 2.416   -7.301  3.120   1.00 23.30 ? 76   PHE A HB2  1 
ATOM   600 H HB3  . PHE A 1 35 ? 3.942   -7.653  3.119   1.00 23.30 ? 76   PHE A HB3  1 
ATOM   601 H HD1  . PHE A 1 35 ? 1.413   -6.446  0.921   1.00 30.97 ? 76   PHE A HD1  1 
ATOM   602 H HD2  . PHE A 1 35 ? 5.354   -6.633  1.555   1.00 32.38 ? 76   PHE A HD2  1 
ATOM   603 H HE1  . PHE A 1 35 ? 1.738   -4.989  -0.848  1.00 33.54 ? 76   PHE A HE1  1 
ATOM   604 H HE2  . PHE A 1 35 ? 5.728   -5.165  -0.224  1.00 35.23 ? 76   PHE A HE2  1 
ATOM   605 H HZ   . PHE A 1 35 ? 3.899   -4.364  -1.396  1.00 36.92 ? 76   PHE A HZ   1 
HETATM 606 O O    . HOH B 2 .  ? 8.025   4.345   4.974   1.00 10.40 ? 1001 HOH A O    1 
HETATM 607 O O    . HOH B 2 .  ? 6.314   2.036   -0.719  1.00 18.33 ? 1002 HOH A O    1 
HETATM 608 O O    . HOH B 2 .  ? 2.256   -5.750  12.152  1.00 16.62 ? 1003 HOH A O    1 
HETATM 609 O O    . HOH B 2 .  ? -0.859  -1.515  12.402  1.00 16.19 ? 1004 HOH A O    1 
HETATM 610 O O    . HOH B 2 .  ? -1.641  -4.063  11.880  1.00 14.10 ? 1005 HOH A O    1 
HETATM 611 O O    . HOH B 2 .  ? -6.971  7.053   -4.918  1.00 19.76 ? 1006 HOH A O    1 
HETATM 612 O O    . HOH B 2 .  ? -5.590  -10.885 -1.066  1.00 13.48 ? 1007 HOH A O    1 
HETATM 613 O O    . HOH B 2 .  ? -8.438  0.925   -0.859  1.00 21.45 ? 1008 HOH A O    1 
HETATM 614 O O    . HOH B 2 .  ? 3.717   4.116   12.856  1.00 19.79 ? 1009 HOH A O    1 
HETATM 615 O O    . HOH B 2 .  ? -1.028  8.602   -4.553  1.00 21.17 ? 1010 HOH A O    1 
HETATM 616 O O    . HOH B 2 .  ? -8.669  2.727   -3.452  1.00 26.34 ? 1011 HOH A O    1 
HETATM 617 O O    . HOH B 2 .  ? 3.919   2.353   14.408  1.00 31.49 ? 1012 HOH A O    1 
HETATM 618 O O    . HOH B 2 .  ? 6.678   1.477   2.211   1.00 23.68 ? 1013 HOH A O    1 
HETATM 619 O O    . HOH B 2 .  ? 5.210   -1.512  5.547   1.00 23.41 ? 1014 HOH A O    1 
HETATM 620 O O    . HOH B 2 .  ? -0.967  -9.342  5.515   1.00 21.07 ? 1015 HOH A O    1 
HETATM 621 O O    . HOH B 2 .  ? 2.014   14.099  3.642   1.00 19.71 ? 1016 HOH A O    1 
HETATM 622 O O    . HOH B 2 .  ? -5.824  -4.318  9.019   1.00 16.33 ? 1017 HOH A O    1 
HETATM 623 O O    . HOH B 2 .  ? 5.093   10.504  -0.598  1.00 14.17 ? 1018 HOH A O    1 
HETATM 624 O O    . HOH B 2 .  ? 2.954   3.147   -7.516  1.00 22.97 ? 1019 HOH A O    1 
HETATM 625 O O    . HOH B 2 .  ? 8.433   3.840   -11.505 1.00 22.04 ? 1020 HOH A O    1 
HETATM 626 O O    . HOH B 2 .  ? 6.489   -10.021 5.576   1.00 35.77 ? 1021 HOH A O    1 
HETATM 627 O O    . HOH B 2 .  ? 1.441   -6.228  8.443   1.00 26.39 ? 1022 HOH A O    1 
HETATM 628 O O    . HOH B 2 .  ? 2.247   -9.819  -1.506  1.00 33.82 ? 1023 HOH A O    1 
HETATM 629 O O    . HOH B 2 .  ? -4.312  -3.462  11.257  1.00 14.90 ? 1024 HOH A O    1 
HETATM 630 O O    . HOH B 2 .  ? 9.075   2.581   3.156   1.00 18.07 ? 1025 HOH A O    1 
HETATM 631 O O    . HOH B 2 .  ? 2.474   -13.169 4.466   1.00 24.13 ? 1026 HOH A O    1 
HETATM 632 O O    . HOH B 2 .  ? 0.943   -1.159  14.584  1.00 25.76 ? 1027 HOH A O    1 
HETATM 633 O O    . HOH B 2 .  ? -4.189  8.308   -2.893  1.00 34.24 ? 1028 HOH A O    1 
HETATM 634 O O    . HOH B 2 .  ? 0.865   -3.823  -14.781 1.00 32.92 ? 1029 HOH A O    1 
HETATM 635 O O    . HOH B 2 .  ? -0.042  7.257   -14.517 1.00 31.50 ? 1030 HOH A O    1 
HETATM 636 O O    . HOH B 2 .  ? 5.453   -1.352  -0.321  1.00 35.67 ? 1031 HOH A O    1 
HETATM 637 O O    . HOH B 2 .  ? -7.850  1.621   1.657   1.00 34.65 ? 1032 HOH A O    1 
HETATM 638 O O    . HOH B 2 .  ? 2.577   -7.726  6.041   1.00 37.58 ? 1033 HOH A O    1 
HETATM 639 O O    . HOH B 2 .  ? 5.077   -13.712 4.415   1.00 38.33 ? 1034 HOH A O    1 
HETATM 640 O O    . HOH B 2 .  ? -7.261  -6.650  8.479   1.00 24.47 ? 1035 HOH A O    1 
HETATM 641 O O    . HOH B 2 .  ? 0.906   -8.690  7.291   1.00 27.80 ? 1036 HOH A O    1 
HETATM 642 O O    . HOH B 2 .  ? -10.004 -0.038  2.364   0.50 47.51 ? 1037 HOH A O    1 
HETATM 643 O O    . HOH B 2 .  ? -5.840  1.291   0.505   1.00 25.35 ? 1038 HOH A O    1 
HETATM 644 O O    . HOH B 2 .  ? 10.222  5.098   -0.836  1.00 32.87 ? 1039 HOH A O    1 
HETATM 645 O O    . HOH B 2 .  ? 13.960  2.740   2.570   1.00 31.31 ? 1040 HOH A O    1 
HETATM 646 O O    . HOH B 2 .  ? 6.324   -2.248  1.605   1.00 38.24 ? 1041 HOH A O    1 
HETATM 647 O O    . HOH B 2 .  ? 5.554   -14.989 6.259   1.00 41.80 ? 1042 HOH A O    1 
HETATM 648 O O    . HOH B 2 .  ? -2.158  9.590   -2.444  1.00 27.39 ? 1043 HOH A O    1 
HETATM 649 O O    . HOH B 2 .  ? 11.047  3.755   1.514   1.00 32.16 ? 1044 HOH A O    1 
HETATM 650 O O    . HOH B 2 .  ? 6.028   3.578   14.373  1.00 32.34 ? 1045 HOH A O    1 
HETATM 651 O O    . HOH B 2 .  ? 2.379   7.022   -14.820 1.00 29.60 ? 1046 HOH A O    1 
HETATM 652 O O    . HOH B 2 .  ? 1.806   -6.274  -13.961 1.00 25.91 ? 1047 HOH A O    1 
HETATM 653 O O    . HOH B 2 .  ? -3.699  1.626   -11.505 1.00 28.87 ? 1048 HOH A O    1 
HETATM 654 O O    . HOH B 2 .  ? -2.398  5.341   -13.570 1.00 30.82 ? 1049 HOH A O    1 
HETATM 655 O O    . HOH B 2 .  ? 2.293   6.964   -11.007 1.00 42.09 ? 1050 HOH A O    1 
HETATM 656 O O    . HOH B 2 .  ? 1.461   -2.069  12.592  1.00 32.31 ? 1051 HOH A O    1 
# 
loop_
_atom_site_anisotrop.id 
_atom_site_anisotrop.type_symbol 
_atom_site_anisotrop.pdbx_label_atom_id 
_atom_site_anisotrop.pdbx_label_alt_id 
_atom_site_anisotrop.pdbx_label_comp_id 
_atom_site_anisotrop.pdbx_label_asym_id 
_atom_site_anisotrop.pdbx_label_seq_id 
_atom_site_anisotrop.pdbx_PDB_ins_code 
_atom_site_anisotrop.U[1][1] 
_atom_site_anisotrop.U[2][2] 
_atom_site_anisotrop.U[3][3] 
_atom_site_anisotrop.U[1][2] 
_atom_site_anisotrop.U[1][3] 
_atom_site_anisotrop.U[2][3] 
_atom_site_anisotrop.pdbx_auth_seq_id 
_atom_site_anisotrop.pdbx_auth_comp_id 
_atom_site_anisotrop.pdbx_auth_asym_id 
_atom_site_anisotrop.pdbx_auth_atom_id 
1   N N   . LEU A 1  ? 0.3898 0.4433 0.4882 0.0598  0.1032  0.2547  42   LEU A N   
2   C CA  . LEU A 1  ? 0.3491 0.2669 0.3851 0.0563  0.0779  0.0528  42   LEU A CA  
3   C C   . LEU A 1  ? 0.2627 0.2244 0.3616 0.0823  0.0378  0.0449  42   LEU A C   
4   O O   . LEU A 1  ? 0.2939 0.3038 0.2905 0.0470  0.0403  0.0296  42   LEU A O   
5   C CB  . LEU A 1  ? 0.3570 0.4385 0.3075 0.0111  0.0529  -0.0422 42   LEU A CB  
6   C CG  . LEU A 1  ? 0.3856 0.3681 0.3571 0.0268  0.0885  -0.0541 42   LEU A CG  
7   C CD1 . LEU A 1  ? 0.4530 0.3612 0.5755 0.0215  0.0198  -0.0624 42   LEU A CD1 
8   C CD2 . LEU A 1  ? 0.4897 0.4721 0.3710 -0.0759 0.1418  -0.0935 42   LEU A CD2 
22  N N   . SER A 2  ? 0.2591 0.2046 0.3132 0.0463  0.0649  -0.0189 43   SER A N   
23  C CA  . SER A 2  ? 0.2650 0.2019 0.2496 0.0309  0.0625  -0.0450 43   SER A CA  
24  C C   . SER A 2  ? 0.1726 0.2013 0.2155 0.0039  0.0360  -0.0503 43   SER A C   
25  O O   . SER A 2  ? 0.1964 0.2148 0.2125 0.0196  0.0390  -0.0281 43   SER A O   
26  C CB  . SER A 2  ? 0.2727 0.2275 0.2448 0.0094  0.0606  -0.0716 43   SER A CB  
27  O OG  . SER A 2  ? 0.2758 0.2178 0.2674 -0.0124 0.0465  -0.0940 43   SER A OG  
33  N N   . ASP A 3  ? 0.1775 0.1991 0.2532 0.0090  0.0392  -0.0440 44   ASP A N   
34  C CA  . ASP A 3  ? 0.1809 0.1981 0.1852 -0.0043 0.0234  -0.0596 44   ASP A CA  
35  C C   . ASP A 3  ? 0.1751 0.1819 0.1597 -0.0106 0.0391  -0.0259 44   ASP A C   
36  O O   . ASP A 3  ? 0.1786 0.1936 0.1626 0.0181  0.0123  -0.0252 44   ASP A O   
37  C CB  . ASP A 3  ? 0.1678 0.1939 0.2188 -0.0114 0.0166  -0.0672 44   ASP A CB  
38  C CG  . ASP A 3  ? 0.1793 0.2197 0.2913 -0.0236 0.0038  -0.1036 44   ASP A CG  
39  O OD1 . ASP A 3  ? 0.2026 0.3645 0.3241 0.0424  -0.0497 -0.1097 44   ASP A OD1 
40  O OD2 . ASP A 3  ? 0.2526 0.3012 0.3917 -0.1098 0.0841  -0.1320 44   ASP A OD2 
45  N N   . GLU A 4  ? 0.1933 0.2033 0.1728 -0.0090 0.0240  -0.0386 45   GLU A N   
46  C CA  . GLU A 4  ? 0.2003 0.2278 0.1661 0.0106  0.0129  -0.0158 45   GLU A CA  
47  C C   . GLU A 4  ? 0.1877 0.1909 0.1773 -0.0119 -0.0025 -0.0415 45   GLU A C   
48  O O   . GLU A 4  ? 0.1815 0.2233 0.1674 0.0027  -0.0051 -0.0375 45   GLU A O   
49  C CB  . GLU A 4  ? 0.2654 0.3209 0.1645 0.0617  -0.0103 -0.0088 45   GLU A CB  
50  C CG  . GLU A 4  ? 0.4183 0.3881 0.2091 0.0640  -0.0029 0.0681  45   GLU A CG  
51  C CD  . GLU A 4  ? 0.4856 0.3671 0.3386 0.0929  0.0211  0.0989  45   GLU A CD  
52  O OE1 . GLU A 4  ? 0.3908 0.5096 0.4837 0.1430  -0.1148 0.0777  45   GLU A OE1 
53  O OE2 . GLU A 4  ? 0.7646 0.3839 0.4701 0.0315  0.2240  -0.0197 45   GLU A OE2 
60  N N   . ASP A 5  ? 0.1917 0.1836 0.1837 -0.0169 0.0118  -0.0552 46   ASP A N   
61  C CA  . ASP A 5  ? 0.2211 0.1815 0.1850 -0.0463 -0.0038 -0.0532 46   ASP A CA  
62  C C   . ASP A 5  ? 0.1675 0.1566 0.1857 -0.0246 -0.0006 -0.0459 46   ASP A C   
63  O O   . ASP A 5  ? 0.1629 0.1832 0.2140 -0.0353 -0.0007 -0.0597 46   ASP A O   
64  C CB  . ASP A 5  ? 0.2776 0.1788 0.2123 -0.0333 0.0354  -0.0527 46   ASP A CB  
65  C CG  . ASP A 5  ? 0.3012 0.2714 0.2562 -0.0298 0.0438  -0.1169 46   ASP A CG  
66  O OD1 . ASP A 5  ? 0.2940 0.4763 0.2921 -0.1456 -0.0331 -0.0810 46   ASP A OD1 
67  O OD2 . ASP A 5  ? 0.4944 0.3330 0.4347 0.0431  0.1656  -0.1558 46   ASP A OD2 
72  N N   . PHE A 6  ? 0.1567 0.1828 0.1605 -0.0313 0.0071  -0.0395 47   PHE A N   
73  C CA  . PHE A 6  ? 0.1442 0.1617 0.1561 -0.0259 0.0048  -0.0271 47   PHE A CA  
74  C C   . PHE A 6  ? 0.1240 0.1559 0.1428 -0.0325 -0.0024 -0.0181 47   PHE A C   
75  O O   . PHE A 6  ? 0.1199 0.1742 0.1339 -0.0372 -0.0131 -0.0180 47   PHE A O   
76  C CB  . PHE A 6  ? 0.1437 0.2000 0.1565 -0.0032 -0.0226 -0.0314 47   PHE A CB  
77  C CG  . PHE A 6  ? 0.1179 0.1829 0.1407 -0.0189 0.0031  -0.0124 47   PHE A CG  
78  C CD1 . PHE A 6  ? 0.1123 0.1508 0.1613 -0.0328 -0.0192 -0.0143 47   PHE A CD1 
79  C CD2 . PHE A 6  ? 0.1435 0.1991 0.1720 0.0237  -0.0191 -0.0260 47   PHE A CD2 
80  C CE1 . PHE A 6  ? 0.1371 0.1423 0.1747 -0.0341 -0.0309 -0.0280 47   PHE A CE1 
81  C CE2 . PHE A 6  ? 0.1721 0.2058 0.1601 0.0210  -0.0212 -0.0007 47   PHE A CE2 
82  C CZ  . PHE A 6  ? 0.1456 0.1733 0.1574 -0.0324 -0.0294 -0.0118 47   PHE A CZ  
92  N N   . LYS A 7  ? 0.1450 0.1646 0.1361 -0.0402 -0.0090 -0.0189 48   LYS A N   
93  C CA  . LYS A 7  ? 0.1664 0.1519 0.1233 -0.0310 0.0023  -0.0074 48   LYS A CA  
94  C C   . LYS A 7  ? 0.1578 0.1665 0.0914 -0.0240 -0.0169 -0.0068 48   LYS A C   
95  O O   . LYS A 7  ? 0.1651 0.1649 0.1271 -0.0181 -0.0150 -0.0213 48   LYS A O   
96  C CB  . LYS A 7  ? 0.2094 0.1635 0.1396 -0.0436 -0.0091 -0.0029 48   LYS A CB  
97  C CG  . LYS A 7  ? 0.1636 0.1703 0.2226 -0.0270 -0.0159 0.0305  48   LYS A CG  
98  C CD  . LYS A 7  ? 0.1370 0.2692 0.2541 -0.0355 -0.0263 0.0790  48   LYS A CD  
99  C CE  . LYS A 7  ? 0.1928 0.2301 0.2419 0.0212  0.0057  0.0474  48   LYS A CE  
100 N NZ  . LYS A 7  ? 0.2873 0.2404 0.1860 -0.0369 -0.0224 0.0339  48   LYS A NZ  
114 N N   . ALA A 8  ? 0.1450 0.1927 0.1184 -0.0193 -0.0178 -0.0324 49   ALA A N   
115 C CA  . ALA A 8  ? 0.1390 0.2351 0.1348 -0.0281 -0.0322 -0.0495 49   ALA A CA  
116 C C   . ALA A 8  ? 0.1161 0.1672 0.1588 -0.0355 -0.0256 -0.0489 49   ALA A C   
117 O O   . ALA A 8  ? 0.1152 0.1720 0.1823 -0.0337 -0.0295 -0.0154 49   ALA A O   
118 C CB  . ALA A 8  ? 0.1747 0.3999 0.2000 -0.0811 -0.0097 -0.1674 49   ALA A CB  
124 N N   . VAL A 9  ? 0.1186 0.1348 0.1569 -0.0385 -0.0197 -0.0515 50   VAL A N   
125 C CA  . VAL A 9  ? 0.1249 0.1112 0.1878 -0.0519 -0.0372 -0.0294 50   VAL A CA  
126 C C   . VAL A 9  ? 0.1148 0.1125 0.1391 -0.0500 -0.0316 0.0001  50   VAL A C   
127 O O   . VAL A 9  ? 0.1238 0.1373 0.1547 -0.0551 -0.0310 0.0017  50   VAL A O   
128 C CB  . VAL A 9  ? 0.1123 0.1249 0.2410 -0.0485 -0.0098 -0.0074 50   VAL A CB  
129 C CG1 . VAL A 9  ? 0.1790 0.1286 0.2711 -0.0532 -0.0204 0.0435  50   VAL A CG1 
130 C CG2 . VAL A 9  ? 0.1551 0.1256 0.3191 -0.0478 -0.0093 -0.0413 50   VAL A CG2 
140 N N   . PHE A 10 ? 0.1242 0.1196 0.1237 -0.0589 -0.0244 -0.0045 51   PHE A N   
141 C CA  . PHE A 10 ? 0.1476 0.1208 0.1124 -0.0599 -0.0177 0.0009  51   PHE A CA  
142 C C   . PHE A 10 ? 0.1151 0.1244 0.1325 -0.0524 -0.0126 -0.0161 51   PHE A C   
143 O O   . PHE A 10 ? 0.1417 0.1664 0.1377 -0.0460 -0.0014 -0.0421 51   PHE A O   
144 C CB  . PHE A 10 ? 0.1496 0.1201 0.1204 -0.0567 -0.0368 0.0130  51   PHE A CB  
145 C CG  . PHE A 10 ? 0.1614 0.1132 0.1341 -0.0559 -0.0287 0.0070  51   PHE A CG  
146 C CD1 . PHE A 10 ? 0.1754 0.1410 0.1212 -0.0597 -0.0363 0.0137  51   PHE A CD1 
147 C CD2 . PHE A 10 ? 0.1355 0.1537 0.1505 -0.0386 -0.0260 0.0272  51   PHE A CD2 
148 C CE1 . PHE A 10 ? 0.2092 0.1342 0.1437 -0.0522 -0.0251 0.0162  51   PHE A CE1 
149 C CE2 . PHE A 10 ? 0.1543 0.1602 0.1912 -0.0283 -0.0081 0.0483  51   PHE A CE2 
150 C CZ  . PHE A 10 ? 0.2083 0.1527 0.1669 -0.0351 -0.0168 0.0353  51   PHE A CZ  
160 N N   . GLY A 11 ? 0.1124 0.1164 0.1270 -0.0354 -0.0119 -0.0139 52   GLY A N   
161 C CA  . GLY A 11 ? 0.0924 0.1324 0.1681 -0.0279 -0.0222 -0.0186 52   GLY A CA  
162 C C   . GLY A 11 ? 0.1003 0.1186 0.1305 -0.0166 -0.0286 -0.0108 52   GLY A C   
163 O O   . GLY A 11 ? 0.1159 0.1136 0.1757 -0.0110 -0.0212 -0.0015 52   GLY A O   
167 N N   . MET A 12 ? 0.0983 0.1012 0.1253 -0.0291 -0.0260 -0.0015 53   MET A N   
168 C CA  . MET A 12 ? 0.1173 0.0995 0.1250 -0.0364 -0.0331 0.0200  53   MET A CA  
169 C C   . MET A 12 ? 0.1105 0.1320 0.1200 -0.0480 -0.0372 0.0241  53   MET A C   
170 O O   . MET A 12 ? 0.1005 0.1460 0.1208 -0.0318 -0.0219 0.0001  53   MET A O   
171 C CB  . MET A 12 ? 0.1286 0.1037 0.1219 -0.0256 -0.0504 0.0096  53   MET A CB  
172 C CG  . MET A 12 ? 0.1136 0.1209 0.1109 -0.0271 -0.0289 0.0175  53   MET A CG  
173 S SD  . MET A 12 ? 0.1077 0.1518 0.1190 -0.0221 -0.0334 0.0033  53   MET A SD  
174 C CE  . MET A 12 ? 0.1104 0.1377 0.1158 -0.0236 -0.0247 -0.0112 53   MET A CE  
184 N N   . THR A 13 ? 0.1208 0.1605 0.1560 -0.0594 -0.0482 0.0486  54   THR A N   
185 C CA  . THR A 13 ? 0.1213 0.2319 0.1307 -0.0744 -0.0325 0.0578  54   THR A CA  
186 C C   . THR A 13 ? 0.1077 0.1709 0.1258 -0.0495 -0.0113 0.0260  54   THR A C   
187 O O   . THR A 13 ? 0.1042 0.1347 0.1158 -0.0421 -0.0190 0.0173  54   THR A O   
188 C CB  . THR A 13 ? 0.1401 0.2897 0.1672 -0.0931 -0.0405 0.1038  54   THR A CB  
189 O OG1 . THR A 13 ? 0.1860 0.2650 0.1958 -0.1424 -0.0667 0.1213  54   THR A OG1 
190 C CG2 . THR A 13 ? 0.2282 0.4325 0.2166 -0.1814 -0.1039 0.2133  54   THR A CG2 
198 N N   . ARG A 14 ? 0.1266 0.2134 0.1115 -0.0424 0.0008  0.0053  55   ARG A N   
199 C CA  . ARG A 14 ? 0.1330 0.1729 0.1340 -0.0220 -0.0174 -0.0093 55   ARG A CA  
200 C C   . ARG A 14 ? 0.1029 0.1612 0.1519 -0.0269 -0.0063 0.0081  55   ARG A C   
201 O O   . ARG A 14 ? 0.1086 0.1628 0.1497 -0.0228 -0.0244 -0.0031 55   ARG A O   
202 C CB  A ARG A 14 ? 0.1413 0.2187 0.2054 -0.0228 0.0115  -0.0346 55   ARG A CB  
203 C CB  B ARG A 14 ? 0.1452 0.2160 0.2047 -0.0205 0.0115  -0.0368 55   ARG A CB  
204 C CG  A ARG A 14 ? 0.1565 0.2245 0.2603 0.0056  -0.0068 -0.0623 55   ARG A CG  
205 C CG  B ARG A 14 ? 0.1582 0.2247 0.2515 0.0022  -0.0036 -0.0659 55   ARG A CG  
206 C CD  A ARG A 14 ? 0.1860 0.2834 0.2396 0.0229  -0.0096 -0.0730 55   ARG A CD  
207 C CD  B ARG A 14 ? 0.1628 0.2659 0.2379 0.0332  -0.0272 -0.0700 55   ARG A CD  
208 N NE  A ARG A 14 ? 0.2044 0.2634 0.2740 0.0499  -0.0206 -0.0752 55   ARG A NE  
209 N NE  B ARG A 14 ? 0.1873 0.2605 0.2413 0.0562  -0.0156 -0.0492 55   ARG A NE  
210 C CZ  A ARG A 14 ? 0.2198 0.2856 0.2394 0.0456  -0.0084 -0.0546 55   ARG A CZ  
211 C CZ  B ARG A 14 ? 0.1682 0.2343 0.2809 0.0630  -0.0371 -0.0483 55   ARG A CZ  
212 N NH1 A ARG A 14 ? 0.3230 0.4372 0.2337 0.0101  -0.0220 -0.0252 55   ARG A NH1 
213 N NH1 B ARG A 14 ? 0.2900 0.2614 0.2927 -0.0050 0.0486  -0.0141 55   ARG A NH1 
214 N NH2 A ARG A 14 ? 0.3076 0.2674 0.3299 0.0366  -0.0119 -0.0516 55   ARG A NH2 
215 N NH2 B ARG A 14 ? 0.2181 0.2242 0.2726 0.0912  -0.0526 -0.0800 55   ARG A NH2 
240 N N   . SER A 15 ? 0.1187 0.1800 0.1817 -0.0538 -0.0130 0.0258  56   SER A N   
241 C CA  . SER A 15 ? 0.1085 0.1924 0.2321 -0.0706 -0.0313 0.0340  56   SER A CA  
242 C C   . SER A 15 ? 0.1311 0.1271 0.1953 -0.0706 -0.0584 0.0326  56   SER A C   
243 O O   . SER A 15 ? 0.1457 0.1501 0.2255 -0.0667 -0.0717 0.0221  56   SER A O   
244 C CB  . SER A 15 ? 0.1890 0.1525 0.2554 -0.0525 -0.0005 0.0302  56   SER A CB  
245 O OG  . SER A 15 ? 0.2015 0.2043 0.2899 -0.0091 0.0340  0.0592  56   SER A OG  
251 N N   . ALA A 16 ? 0.1319 0.1155 0.1743 -0.0552 -0.0457 0.0369  57   ALA A N   
252 C CA  . ALA A 16 ? 0.1451 0.0872 0.1689 -0.0407 -0.0746 0.0125  57   ALA A CA  
253 C C   . ALA A 16 ? 0.1075 0.0994 0.1495 -0.0423 -0.0674 0.0120  57   ALA A C   
254 O O   . ALA A 16 ? 0.1339 0.1007 0.1666 -0.0358 -0.0642 -0.0078 57   ALA A O   
255 C CB  . ALA A 16 ? 0.1317 0.1090 0.1645 -0.0473 -0.0668 0.0318  57   ALA A CB  
261 N N   . PHE A 17 ? 0.0914 0.0998 0.1261 -0.0470 -0.0357 0.0137  58   PHE A N   
262 C CA  . PHE A 17 ? 0.0816 0.0858 0.1233 -0.0316 -0.0328 0.0026  58   PHE A CA  
263 C C   . PHE A 17 ? 0.0863 0.0896 0.1237 -0.0283 -0.0369 0.0039  58   PHE A C   
264 O O   . PHE A 17 ? 0.1084 0.0934 0.1255 -0.0370 -0.0429 0.0062  58   PHE A O   
265 C CB  . PHE A 17 ? 0.1023 0.0936 0.1095 -0.0357 -0.0352 0.0060  58   PHE A CB  
266 C CG  . PHE A 17 ? 0.1087 0.0867 0.1145 -0.0412 -0.0287 -0.0002 58   PHE A CG  
267 C CD1 . PHE A 17 ? 0.1136 0.1114 0.1548 -0.0443 -0.0197 0.0149  58   PHE A CD1 
268 C CD2 . PHE A 17 ? 0.1090 0.1105 0.1401 -0.0286 -0.0309 0.0182  58   PHE A CD2 
269 C CE1 . PHE A 17 ? 0.1471 0.1099 0.1544 -0.0522 0.0163  0.0049  58   PHE A CE1 
270 C CE2 . PHE A 17 ? 0.1639 0.1115 0.1391 -0.0162 -0.0271 0.0174  58   PHE A CE2 
271 C CZ  . PHE A 17 ? 0.1928 0.0934 0.1553 -0.0410 -0.0104 0.0102  58   PHE A CZ  
281 N N   . ALA A 18 ? 0.0889 0.1020 0.1246 -0.0299 -0.0293 -0.0097 59   ALA A N   
282 C CA  . ALA A 18 ? 0.0899 0.1215 0.1381 -0.0310 -0.0374 -0.0154 59   ALA A CA  
283 C C   . ALA A 18 ? 0.0926 0.0949 0.1441 -0.0419 -0.0352 -0.0068 59   ALA A C   
284 O O   . ALA A 18 ? 0.1085 0.1116 0.1567 -0.0303 -0.0441 -0.0185 59   ALA A O   
285 C CB  . ALA A 18 ? 0.0790 0.1503 0.1955 -0.0260 -0.0252 -0.0473 59   ALA A CB  
291 N N   . ASN A 19 ? 0.0954 0.0963 0.1140 -0.0451 -0.0216 -0.0005 60   ASN A N   
292 C CA  . ASN A 19 ? 0.1071 0.0940 0.1167 -0.0315 -0.0193 0.0071  60   ASN A CA  
293 C C   . ASN A 19 ? 0.1044 0.0935 0.1044 -0.0386 -0.0184 0.0038  60   ASN A C   
294 O O   . ASN A 19 ? 0.1374 0.1123 0.1146 -0.0422 -0.0209 -0.0043 60   ASN A O   
295 C CB  . ASN A 19 ? 0.1424 0.0980 0.1202 -0.0333 -0.0085 0.0112  60   ASN A CB  
296 C CG  . ASN A 19 ? 0.1378 0.0996 0.1371 -0.0201 0.0003  0.0047  60   ASN A CG  
297 O OD1 . ASN A 19 ? 0.1734 0.1177 0.1946 -0.0455 -0.0097 -0.0153 60   ASN A OD1 
298 N ND2 . ASN A 19 ? 0.1662 0.1037 0.1791 -0.0228 -0.0001 -0.0176 60   ASN A ND2 
305 N N   . LEU A 20 ? 0.0851 0.1103 0.1124 -0.0425 -0.0235 0.0023  61   LEU A N   
306 C CA  . LEU A 20 ? 0.0980 0.1351 0.0981 -0.0510 -0.0260 0.0135  61   LEU A CA  
307 C C   . LEU A 20 ? 0.0988 0.1162 0.1212 -0.0564 -0.0351 0.0152  61   LEU A C   
308 O O   . LEU A 20 ? 0.1118 0.1259 0.1439 -0.0547 -0.0447 0.0174  61   LEU A O   
309 C CB  . LEU A 20 ? 0.0867 0.1597 0.1131 -0.0576 -0.0337 0.0241  61   LEU A CB  
310 C CG  . LEU A 20 ? 0.0855 0.1931 0.0975 -0.0562 -0.0313 0.0289  61   LEU A CG  
311 C CD1 . LEU A 20 ? 0.1306 0.2287 0.1201 -0.1015 -0.0629 0.0509  61   LEU A CD1 
312 C CD2 . LEU A 20 ? 0.1081 0.2680 0.1240 -0.0095 -0.0245 0.0302  61   LEU A CD2 
324 N N   . PRO A 21 ? 0.1196 0.1465 0.1093 -0.0681 -0.0445 0.0255  62   PRO A N   
325 C CA  . PRO A 21 ? 0.1666 0.1494 0.1171 -0.0958 -0.0787 0.0299  62   PRO A CA  
326 C C   . PRO A 21 ? 0.1350 0.1515 0.1301 -0.0920 -0.0688 0.0384  62   PRO A C   
327 O O   . PRO A 21 ? 0.1197 0.1412 0.1080 -0.0849 -0.0572 0.0249  62   PRO A O   
328 C CB  . PRO A 21 ? 0.2583 0.1736 0.1042 -0.0998 -0.0629 0.0073  62   PRO A CB  
329 C CG  . PRO A 21 ? 0.1998 0.3263 0.1241 -0.0747 -0.0083 0.0171  62   PRO A CG  
330 C CD  . PRO A 21 ? 0.1284 0.1956 0.1043 -0.0519 -0.0220 0.0034  62   PRO A CD  
338 N N   . LEU A 22 ? 0.1326 0.1614 0.1397 -0.0882 -0.0756 0.0314  63   LEU A N   
339 C CA  . LEU A 22 ? 0.1096 0.1739 0.1203 -0.0734 -0.0470 0.0250  63   LEU A CA  
340 C C   . LEU A 22 ? 0.0937 0.1266 0.1115 -0.0469 -0.0518 0.0260  63   LEU A C   
341 O O   . LEU A 22 ? 0.1185 0.1446 0.1226 -0.0647 -0.0622 0.0258  63   LEU A O   
342 C CB  . LEU A 22 ? 0.1154 0.1811 0.1299 -0.0778 -0.0521 0.0247  63   LEU A CB  
343 C CG  . LEU A 22 ? 0.1268 0.1874 0.1297 -0.0624 -0.0467 0.0402  63   LEU A CG  
344 C CD1 . LEU A 22 ? 0.1357 0.1858 0.1515 -0.0584 -0.0363 0.0251  63   LEU A CD1 
345 C CD2 . LEU A 22 ? 0.1241 0.2330 0.1748 -0.0539 -0.0586 0.0679  63   LEU A CD2 
357 N N   . TRP A 23 ? 0.1229 0.1684 0.0983 -0.0621 -0.0485 0.0218  64   TRP A N   
358 C CA  . TRP A 23 ? 0.1175 0.1376 0.1004 -0.0491 -0.0352 0.0028  64   TRP A CA  
359 C C   . TRP A 23 ? 0.1049 0.1278 0.1021 -0.0440 -0.0349 0.0134  64   TRP A C   
360 O O   . TRP A 23 ? 0.1102 0.1299 0.1145 -0.0528 -0.0408 0.0215  64   TRP A O   
361 C CB  . TRP A 23 ? 0.1436 0.1300 0.1075 -0.0344 -0.0339 -0.0112 64   TRP A CB  
362 C CG  . TRP A 23 ? 0.1446 0.1345 0.1028 -0.0266 -0.0325 -0.0017 64   TRP A CG  
363 C CD1 . TRP A 23 ? 0.1654 0.1328 0.1169 -0.0476 -0.0338 -0.0087 64   TRP A CD1 
364 C CD2 . TRP A 23 ? 0.1382 0.1154 0.1060 -0.0281 -0.0089 -0.0093 64   TRP A CD2 
365 N NE1 . TRP A 23 ? 0.1850 0.1313 0.1144 -0.0591 -0.0303 0.0069  64   TRP A NE1 
366 C CE2 . TRP A 23 ? 0.1679 0.1216 0.0984 -0.0386 -0.0233 -0.0040 64   TRP A CE2 
367 C CE3 . TRP A 23 ? 0.1501 0.1275 0.1486 -0.0249 -0.0338 -0.0147 64   TRP A CE3 
368 C CZ2 . TRP A 23 ? 0.1939 0.1487 0.1234 0.0078  -0.0203 0.0054  64   TRP A CZ2 
369 C CZ3 . TRP A 23 ? 0.1461 0.1742 0.1309 0.0018  -0.0208 -0.0036 64   TRP A CZ3 
370 C CH2 . TRP A 23 ? 0.1626 0.1753 0.1427 0.0137  -0.0213 -0.0029 64   TRP A CH2 
381 N N   . NLE A 24 ? 0.1110 0.1360 0.1020 -0.0685 -0.0485 0.0132  65   NLE A N   
382 C CA  . NLE A 24 ? 0.1043 0.1317 0.0982 -0.0607 -0.0439 0.0094  65   NLE A CA  
383 C C   . NLE A 24 ? 0.0988 0.1066 0.1089 -0.0560 -0.0425 0.0185  65   NLE A C   
384 O O   . NLE A 24 ? 0.0963 0.1172 0.1110 -0.0550 -0.0428 0.0088  65   NLE A O   
385 C CB  . NLE A 24 ? 0.1098 0.1182 0.1004 -0.0587 -0.0312 0.0136  65   NLE A CB  
386 C CG  . NLE A 24 ? 0.1108 0.1169 0.1108 -0.0410 -0.0412 0.0067  65   NLE A CG  
387 C CD  . NLE A 24 ? 0.1033 0.1695 0.0885 -0.0382 -0.0250 -0.0048 65   NLE A CD  
388 C CE  . NLE A 24 ? 0.0987 0.1715 0.1146 -0.0239 -0.0301 0.0100  65   NLE A CE  
397 N N   . GLN A 25 ? 0.1066 0.1022 0.1079 -0.0619 -0.0406 0.0183  66   GLN A N   
398 C CA  . GLN A 25 ? 0.0961 0.1093 0.1158 -0.0537 -0.0450 0.0175  66   GLN A CA  
399 C C   . GLN A 25 ? 0.0952 0.1194 0.1178 -0.0558 -0.0289 0.0216  66   GLN A C   
400 O O   . GLN A 25 ? 0.1156 0.1031 0.1330 -0.0597 -0.0412 0.0099  66   GLN A O   
401 C CB  . GLN A 25 ? 0.0990 0.1072 0.1242 -0.0574 -0.0362 0.0114  66   GLN A CB  
402 C CG  . GLN A 25 ? 0.1027 0.1023 0.1206 -0.0449 -0.0313 0.0208  66   GLN A CG  
403 C CD  . GLN A 25 ? 0.1022 0.1117 0.1702 -0.0437 -0.0299 0.0369  66   GLN A CD  
404 O OE1 . GLN A 25 ? 0.1051 0.1193 0.3373 -0.0429 -0.0004 -0.0023 66   GLN A OE1 
405 N NE2 . GLN A 25 ? 0.1017 0.1110 0.1809 -0.0437 -0.0372 0.0320  66   GLN A NE2 
414 N N   . GLN A 26 ? 0.1103 0.1151 0.1273 -0.0610 -0.0482 0.0283  67   GLN A N   
415 C CA  . GLN A 26 ? 0.1241 0.1038 0.1388 -0.0515 -0.0414 0.0238  67   GLN A CA  
416 C C   . GLN A 26 ? 0.1212 0.1131 0.1048 -0.0646 -0.0278 0.0158  67   GLN A C   
417 O O   . GLN A 26 ? 0.1313 0.1189 0.1508 -0.0529 -0.0227 0.0050  67   GLN A O   
418 C CB  A GLN A 26 ? 0.1364 0.1430 0.1638 -0.0432 -0.0610 0.0516  67   GLN A CB  
419 C CB  B GLN A 26 ? 0.1333 0.1288 0.1555 -0.0666 -0.0528 0.0444  67   GLN A CB  
420 C CG  A GLN A 26 ? 0.1306 0.1692 0.1550 -0.0476 -0.0440 0.0442  67   GLN A CG  
421 C CG  B GLN A 26 ? 0.1304 0.1948 0.1808 -0.0505 -0.0479 0.0361  67   GLN A CG  
422 C CD  A GLN A 26 ? 0.1474 0.1797 0.1750 -0.0311 -0.0580 0.0155  67   GLN A CD  
423 C CD  B GLN A 26 ? 0.1438 0.2071 0.1740 -0.0548 -0.0682 0.0228  67   GLN A CD  
424 O OE1 A GLN A 26 ? 0.2125 0.2667 0.1949 -0.0544 0.0051  0.0268  67   GLN A OE1 
425 O OE1 B GLN A 26 ? 0.1716 0.2516 0.1949 -0.0133 -0.0593 0.0228  67   GLN A OE1 
426 N NE2 A GLN A 26 ? 0.3099 0.1927 0.2228 0.0373  -0.1464 -0.0430 67   GLN A NE2 
427 N NE2 B GLN A 26 ? 0.1249 0.3624 0.1929 -0.0505 -0.0735 0.0846  67   GLN A NE2 
442 N N   . HIS A 27 ? 0.1213 0.1190 0.1278 -0.0540 -0.0412 0.0133  68   HIS A N   
443 C CA  . HIS A 27 ? 0.1211 0.1291 0.1122 -0.0761 -0.0227 0.0201  68   HIS A CA  
444 C C   . HIS A 27 ? 0.1142 0.1199 0.1143 -0.0619 -0.0322 0.0144  68   HIS A C   
445 O O   . HIS A 27 ? 0.1239 0.1522 0.1395 -0.0921 -0.0327 0.0196  68   HIS A O   
446 C CB  . HIS A 27 ? 0.1294 0.1554 0.1146 -0.0621 -0.0106 -0.0053 68   HIS A CB  
447 C CG  . HIS A 27 ? 0.1185 0.1952 0.1738 -0.0789 0.0042  -0.0170 68   HIS A CG  
448 N ND1 . HIS A 27 ? 0.1250 0.3058 0.2199 -0.0272 -0.0272 -0.0484 68   HIS A ND1 
449 C CD2 . HIS A 27 ? 0.1421 0.3451 0.2235 -0.0634 0.0334  -0.0117 68   HIS A CD2 
450 C CE1 . HIS A 27 ? 0.1151 0.3273 0.2826 -0.0298 -0.0165 -0.0915 68   HIS A CE1 
451 N NE2 . HIS A 27 ? 0.1374 0.3732 0.3139 -0.0398 0.0282  -0.0033 68   HIS A NE2 
459 N N   . LEU A 28 ? 0.1140 0.1207 0.1126 -0.0681 -0.0468 0.0178  69   LEU A N   
460 C CA  . LEU A 28 ? 0.1072 0.1171 0.1107 -0.0628 -0.0399 0.0164  69   LEU A CA  
461 C C   . LEU A 28 ? 0.1119 0.1129 0.1267 -0.0650 -0.0408 0.0199  69   LEU A C   
462 O O   . LEU A 28 ? 0.1300 0.1134 0.1352 -0.0642 -0.0577 0.0158  69   LEU A O   
463 C CB  . LEU A 28 ? 0.1050 0.1076 0.1182 -0.0468 -0.0313 0.0140  69   LEU A CB  
464 C CG  . LEU A 28 ? 0.1030 0.1119 0.1213 -0.0279 -0.0363 -0.0054 69   LEU A CG  
465 C CD1 . LEU A 28 ? 0.1863 0.1044 0.1338 -0.0177 -0.0195 0.0143  69   LEU A CD1 
466 C CD2 . LEU A 28 ? 0.1351 0.1794 0.2508 -0.0074 -0.1125 -0.0195 69   LEU A CD2 
478 N N   . LYS A 29 ? 0.1208 0.1074 0.1416 -0.0597 -0.0503 0.0087  70   LYS A N   
479 C CA  . LYS A 29 ? 0.1391 0.1073 0.1455 -0.0559 -0.0373 0.0084  70   LYS A CA  
480 C C   . LYS A 29 ? 0.1301 0.1043 0.1562 -0.0652 -0.0428 0.0001  70   LYS A C   
481 O O   . LYS A 29 ? 0.1589 0.1043 0.1635 -0.0576 -0.0630 0.0108  70   LYS A O   
482 C CB  . LYS A 29 ? 0.1293 0.1278 0.1750 -0.0496 -0.0267 -0.0045 70   LYS A CB  
483 C CG  . LYS A 29 ? 0.1483 0.1191 0.2432 -0.0497 0.0118  -0.0241 70   LYS A CG  
484 C CD  . LYS A 29 ? 0.1561 0.1829 0.3264 -0.0709 -0.0008 -0.0381 70   LYS A CD  
485 C CE  . LYS A 29 ? 0.1571 0.2083 0.4050 -0.0443 0.0381  0.0002  70   LYS A CE  
486 N NZ  . LYS A 29 ? 0.1821 0.3695 0.3655 -0.1030 0.0155  -0.0417 70   LYS A NZ  
500 N N   . LYS A 30 ? 0.1542 0.1136 0.1441 -0.0737 -0.0576 0.0197  71   LYS A N   
501 C CA  . LYS A 30 ? 0.1823 0.1368 0.1529 -0.0971 -0.0767 0.0391  71   LYS A CA  
502 C C   . LYS A 30 ? 0.1735 0.1544 0.1351 -0.1120 -0.0664 0.0191  71   LYS A C   
503 O O   . LYS A 30 ? 0.2361 0.1755 0.1883 -0.1563 -0.1090 0.0625  71   LYS A O   
504 C CB  . LYS A 30 ? 0.1575 0.1654 0.1467 -0.0913 -0.0642 0.0383  71   LYS A CB  
505 C CG  . LYS A 30 ? 0.1562 0.1427 0.1348 -0.0638 -0.0511 0.0236  71   LYS A CG  
506 C CD  . LYS A 30 ? 0.1963 0.1436 0.1327 -0.0652 -0.0579 0.0317  71   LYS A CD  
507 C CE  . LYS A 30 ? 0.1846 0.1682 0.1323 -0.0584 -0.0449 0.0279  71   LYS A CE  
508 N NZ  . LYS A 30 ? 0.1399 0.1571 0.1749 -0.0324 -0.0331 -0.0051 71   LYS A NZ  
522 N N   . GLU A 31 ? 0.1587 0.1749 0.1383 -0.1114 -0.0671 0.0355  72   GLU A N   
523 C CA  . GLU A 31 ? 0.1368 0.1921 0.1555 -0.1045 -0.0444 0.0148  72   GLU A CA  
524 C C   . GLU A 31 ? 0.1341 0.1486 0.1605 -0.0894 -0.0635 0.0242  72   GLU A C   
525 O O   . GLU A 31 ? 0.1391 0.1803 0.1905 -0.0934 -0.0802 0.0161  72   GLU A O   
526 C CB  . GLU A 31 ? 0.1672 0.1873 0.2268 -0.0888 -0.0659 -0.0215 72   GLU A CB  
527 C CG  . GLU A 31 ? 0.2006 0.2740 0.4111 -0.0407 -0.1256 -0.0233 72   GLU A CG  
528 C CD  . GLU A 31 ? 0.3090 0.2813 0.5587 0.0448  -0.1055 -0.0636 72   GLU A CD  
529 O OE1 . GLU A 31 ? 0.4876 0.2516 0.7476 -0.0157 0.0469  -0.0243 72   GLU A OE1 
530 O OE2 . GLU A 31 ? 0.3567 0.5231 0.6885 0.1795  -0.1448 -0.1131 72   GLU A OE2 
537 N N   . LYS A 32 ? 0.1154 0.1394 0.1437 -0.0575 -0.0684 0.0128  73   LYS A N   
538 C CA  . LYS A 32 ? 0.1290 0.1188 0.1525 -0.0559 -0.0695 0.0183  73   LYS A CA  
539 C C   . LYS A 32 ? 0.1413 0.1267 0.1420 -0.0526 -0.0723 0.0159  73   LYS A C   
540 O O   . LYS A 32 ? 0.1879 0.1272 0.1625 -0.0434 -0.0723 0.0108  73   LYS A O   
541 C CB  . LYS A 32 ? 0.1609 0.1335 0.1528 -0.0666 -0.0509 0.0209  73   LYS A CB  
542 C CG  . LYS A 32 ? 0.1822 0.1364 0.1618 -0.0747 -0.0674 0.0391  73   LYS A CG  
543 C CD  . LYS A 32 ? 0.1797 0.1337 0.1428 -0.0525 -0.0669 0.0127  73   LYS A CD  
544 C CE  . LYS A 32 ? 0.2334 0.1304 0.1352 -0.0563 -0.0613 0.0089  73   LYS A CE  
545 N NZ  . LYS A 32 ? 0.2602 0.1321 0.1835 -0.0268 -0.0892 0.0061  73   LYS A NZ  
559 N N   . GLY A 33 ? 0.1602 0.1402 0.1748 -0.0352 -0.0862 0.0336  74   GLY A N   
560 C CA  . GLY A 33 ? 0.1414 0.1302 0.2205 -0.0475 -0.0873 0.0334  74   GLY A CA  
561 C C   . GLY A 33 ? 0.1631 0.1227 0.1873 -0.0481 -0.0874 0.0285  74   GLY A C   
562 O O   . GLY A 33 ? 0.2091 0.1539 0.1740 -0.0457 -0.0663 0.0119  74   GLY A O   
566 N N   . LEU A 34 ? 0.1391 0.1351 0.2139 -0.0418 -0.0682 0.0249  75   LEU A N   
567 C CA  . LEU A 34 ? 0.1508 0.1547 0.1994 -0.0321 -0.0654 0.0236  75   LEU A CA  
568 C C   . LEU A 34 ? 0.1406 0.1525 0.1877 -0.0279 -0.0419 0.0038  75   LEU A C   
569 O O   . LEU A 34 ? 0.1520 0.1918 0.1758 -0.0314 -0.0489 0.0212  75   LEU A O   
570 C CB  . LEU A 34 ? 0.1938 0.1912 0.1879 -0.0357 -0.0532 0.0294  75   LEU A CB  
571 C CG  . LEU A 34 ? 0.2452 0.2144 0.1584 -0.0375 -0.0509 0.0255  75   LEU A CG  
572 C CD1 . LEU A 34 ? 0.5009 0.2870 0.2054 0.0025  -0.0760 0.0982  75   LEU A CD1 
573 C CD2 . LEU A 34 ? 0.2722 0.2660 0.1796 -0.0444 -0.0314 -0.0213 75   LEU A CD2 
585 N N   . PHE A 35 ? 0.1524 0.2683 0.2266 0.0069  -0.0264 0.0064  76   PHE A N   
586 C CA  . PHE A 35 ? 0.1644 0.2182 0.2807 0.0275  -0.0566 0.0173  76   PHE A CA  
587 C C   . PHE A 35 ? 0.2147 0.2333 0.2833 -0.0105 -0.0590 0.0292  76   PHE A C   
588 O O   . PHE A 35 ? 0.2840 0.3407 0.4792 -0.1153 -0.0706 0.0819  76   PHE A O   
589 C CB  . PHE A 35 ? 0.2608 0.2433 0.2337 -0.0374 -0.0242 0.0150  76   PHE A CB  
590 C CG  . PHE A 35 ? 0.2629 0.2825 0.3332 -0.0424 -0.0157 0.0808  76   PHE A CG  
591 C CD1 . PHE A 35 ? 0.3184 0.3406 0.3217 -0.0525 -0.0599 0.1037  76   PHE A CD1 
592 C CD2 . PHE A 35 ? 0.2885 0.3064 0.4302 -0.0498 0.0259  0.1119  76   PHE A CD2 
593 C CE1 . PHE A 35 ? 0.2752 0.4260 0.3608 -0.0739 -0.0343 0.1540  76   PHE A CE1 
594 C CE2 . PHE A 35 ? 0.2713 0.3925 0.4518 -0.0718 -0.0214 0.1709  76   PHE A CE2 
595 C CZ  . PHE A 35 ? 0.2594 0.4363 0.4732 -0.0392 -0.0147 0.1513  76   PHE A CZ  
596 O OXT . PHE A 35 ? 0.2641 0.4593 0.3024 -0.0529 -0.1074 0.0682  76   PHE A OXT 
606 O O   . HOH B .  ? 0.1219 0.1290 0.1442 -0.0292 -0.0399 0.0121  1001 HOH A O   
607 O O   . HOH B .  ? 0.2253 0.1952 0.2761 0.0262  -0.0560 -0.0359 1002 HOH A O   
608 O O   . HOH B .  ? 0.1454 0.2439 0.2422 -0.0334 -0.0417 0.0374  1003 HOH A O   
609 O O   . HOH B .  ? 0.2810 0.1965 0.1374 -0.1197 -0.0607 0.0479  1004 HOH A O   
610 O O   . HOH B .  ? 0.1747 0.1689 0.1922 -0.0402 -0.0206 0.0032  1005 HOH A O   
611 O O   . HOH B .  ? 0.1599 0.2789 0.3118 0.0403  -0.0480 0.0741  1006 HOH A O   
612 O O   . HOH B .  ? 0.1633 0.1521 0.1967 -0.0243 -0.0577 0.0175  1007 HOH A O   
613 O O   . HOH B .  ? 0.4097 0.1405 0.2646 -0.0296 -0.0266 -0.0099 1008 HOH A O   
614 O O   . HOH B .  ? 0.2322 0.3429 0.1767 -0.1039 -0.0917 -0.0028 1009 HOH A O   
615 O O   . HOH B .  ? 0.3701 0.1287 0.3057 -0.0864 -0.2069 0.0637  1010 HOH A O   
616 O O   . HOH B .  ? 0.2394 0.2794 0.4821 -0.1498 0.0658  -0.1112 1011 HOH A O   
617 O O   . HOH B .  ? 0.3243 0.3996 0.4725 -0.0325 0.0044  -0.0526 1012 HOH A O   
618 O O   . HOH B .  ? 0.2164 0.2728 0.4105 0.0070  -0.0536 -0.0088 1013 HOH A O   
619 O O   . HOH B .  ? 0.2733 0.1461 0.4700 0.0042  0.0007  0.0307  1014 HOH A O   
620 O O   . HOH B .  ? 0.4031 0.1980 0.1996 0.0831  0.0703  0.0346  1015 HOH A O   
621 O O   . HOH B .  ? 0.2493 0.2243 0.2751 -0.0444 -0.0571 0.0041  1016 HOH A O   
622 O O   . HOH B .  ? 0.2390 0.2075 0.1739 -0.1160 0.0006  0.0115  1017 HOH A O   
623 O O   . HOH B .  ? 0.1659 0.2015 0.1710 -0.0313 -0.0212 0.0201  1018 HOH A O   
624 O O   . HOH B .  ? 0.3413 0.3575 0.1742 0.0068  -0.0060 -0.0283 1019 HOH A O   
625 O O   . HOH B .  ? 0.2789 0.2237 0.3347 0.0135  0.0621  -0.0465 1020 HOH A O   
626 O O   . HOH B .  ? 0.5007 0.3799 0.4786 -0.0650 -0.0396 0.0279  1021 HOH A O   
627 O O   . HOH B .  ? 0.3262 0.4601 0.2162 -0.0714 0.0790  -0.0503 1022 HOH A O   
628 O O   . HOH B .  ? 0.4271 0.5386 0.3194 0.0567  -0.0443 -0.1116 1023 HOH A O   
629 O O   . HOH B .  ? 0.1853 0.1858 0.1949 -0.0609 -0.0132 0.0637  1024 HOH A O   
630 O O   . HOH B .  ? 0.2242 0.2254 0.2367 0.0271  -0.0620 -0.0338 1025 HOH A O   
631 O O   . HOH B .  ? 0.2417 0.4405 0.2344 -0.1012 0.0574  0.0463  1026 HOH A O   
632 O O   . HOH B .  ? 0.3401 0.3375 0.3009 -0.0741 0.0001  0.1077  1027 HOH A O   
633 O O   . HOH B .  ? 0.4754 0.3905 0.4352 0.0290  -0.0731 -0.0711 1028 HOH A O   
634 O O   . HOH B .  ? 0.4479 0.4042 0.3988 0.0091  -0.0044 -0.0272 1029 HOH A O   
635 O O   . HOH B .  ? 0.3857 0.3650 0.4463 0.0318  0.0434  -0.0140 1030 HOH A O   
636 O O   . HOH B .  ? 0.3585 0.5484 0.4483 -0.0174 -0.0793 -0.0045 1031 HOH A O   
637 O O   . HOH B .  ? 0.3387 0.5430 0.4348 0.0697  -0.1200 0.0055  1032 HOH A O   
638 O O   . HOH B .  ? 0.5935 0.3600 0.4744 -0.0005 -0.0209 0.0275  1033 HOH A O   
639 O O   . HOH B .  ? 0.4946 0.4585 0.5032 0.0019  0.1379  -0.0017 1034 HOH A O   
640 O O   . HOH B .  ? 0.3738 0.3116 0.2443 -0.2273 0.0275  -0.0097 1035 HOH A O   
641 O O   . HOH B .  ? 0.3620 0.3815 0.3128 0.0497  0.0388  0.0569  1036 HOH A O   
642 O O   . HOH B .  ? 0.6066 0.6127 0.5860 0.0084  0.0183  0.0036  1037 HOH A O   
643 O O   . HOH B .  ? 0.3445 0.3594 0.2593 0.0226  -0.0423 0.0492  1038 HOH A O   
644 O O   . HOH B .  ? 0.3933 0.4261 0.4297 -0.0701 0.0849  -0.0367 1039 HOH A O   
645 O O   . HOH B .  ? 0.4650 0.3135 0.4110 0.0550  0.0632  -0.0483 1040 HOH A O   
646 O O   . HOH B .  ? 0.4438 0.5610 0.4479 -0.0285 0.0077  0.0305  1041 HOH A O   
647 O O   . HOH B .  ? 0.4439 0.6455 0.4986 -0.0371 0.0388  -0.0050 1042 HOH A O   
648 O O   . HOH B .  ? 0.3112 0.2716 0.4581 -0.0976 -0.0339 0.0073  1043 HOH A O   
649 O O   . HOH B .  ? 0.4440 0.3053 0.4725 0.0254  0.0188  0.0464  1044 HOH A O   
650 O O   . HOH B .  ? 0.2298 0.4504 0.5486 0.0284  -0.0292 0.0444  1045 HOH A O   
651 O O   . HOH B .  ? 0.3954 0.3495 0.3798 0.0274  0.0008  0.0095  1046 HOH A O   
652 O O   . HOH B .  ? 0.3894 0.2843 0.3107 -0.0714 -0.0431 -0.0741 1047 HOH A O   
653 O O   . HOH B .  ? 0.3663 0.3991 0.3317 0.0705  -0.1330 -0.0103 1048 HOH A O   
654 O O   . HOH B .  ? 0.4093 0.3505 0.4113 0.0606  -0.0471 0.0297  1049 HOH A O   
655 O O   . HOH B .  ? 0.5630 0.5744 0.4618 -0.0120 0.0307  -0.0314 1050 HOH A O   
656 O O   . HOH B .  ? 0.4465 0.3655 0.4157 -0.0659 0.0605  0.0068  1051 HOH A O   
# 
